data_7C0M
#
_entry.id   7C0M
#
loop_
_entity.id
_entity.type
_entity.pdbx_description
1 polymer 'Histone H3.1'
2 polymer 'Histone H4'
3 polymer 'Histone H2A type 1-B/E'
4 polymer 'Histone H2B type 1-J'
5 polymer 'DNA (145-MER)'
6 polymer 'DNA (145-MER)'
7 polymer 'Cyclic GMP-AMP synthase'
8 non-polymer 'ZINC ION'
#
loop_
_entity_poly.entity_id
_entity_poly.type
_entity_poly.pdbx_seq_one_letter_code
_entity_poly.pdbx_strand_id
1 'polypeptide(L)'
;GSHMARTKQTARKSTGGKAPRKQLATKAARKSAPATGGVKKPHRYRPGTVALREIRRYQKSTELLIRKLPFQRLVREIAQ
DFKTDLRFQSSAVMALQEACEAYLVGLFEDTNLCAIHAKRVTIMPKDIQLARRIRGERA
;
A,E,a,e
2 'polypeptide(L)'
;GSHMSGRGKGGKGLGKGGAKRHRKVLRDNIQGITKPAIRRLARRGGVKRISGLIYEETRGVLKVFLENVIRDAVTYTEHA
KRKTVTAMDVVYALKRQGRTLYGFGG
;
B,F,b,f
3 'polypeptide(L)'
;GSHMSGRGKQGGKARAKAKTRSSRAGLQFPVGRVHRLLRKGNYSERVGAGAPVYLAAVLEYLTAEILELAGNAARDNKKT
RIIPRHLQLAIRNDEELNKLLGRVTIAQGGVLPNIQAVLLPKKTESHHKAKGK
;
C,G,c,g
4 'polypeptide(L)'
;GSHMPEPAKSAPAPKKGSKKAVTKAQKKDGKKRKRSRKESYSIYVYKVLKQVHPDTGISSKAMGIMNSFVNDIFERIAGE
ASRLAHYNKRSTITSREIQTAVRLLLPGELAKHAVSEGTKAVTKYTSAK
;
D,H,d,h
5 'polydeoxyribonucleotide'
;(DA)(DT)(DC)(DA)(DG)(DA)(DA)(DT)(DC)(DC)(DC)(DG)(DG)(DT)(DG)(DC)(DC)(DG)(DA)(DG)
(DG)(DC)(DC)(DG)(DC)(DT)(DC)(DA)(DA)(DT)(DT)(DG)(DG)(DT)(DC)(DG)(DT)(DA)(DG)(DA)
(DC)(DA)(DG)(DC)(DT)(DC)(DT)(DA)(DG)(DC)(DA)(DC)(DC)(DG)(DC)(DT)(DT)(DA)(DA)(DA)
(DC)(DG)(DC)(DA)(DC)(DG)(DT)(DA)(DC)(DG)(DC)(DG)(DC)(DT)(DG)(DT)(DC)(DC)(DC)(DC)
(DC)(DG)(DC)(DG)(DT)(DT)(DT)(DT)(DA)(DA)(DC)(DC)(DG)(DC)(DC)(DA)(DA)(DG)(DG)(DG)
(DG)(DA)(DT)(DT)(DA)(DC)(DT)(DC)(DC)(DC)(DT)(DA)(DG)(DT)(DC)(DT)(DC)(DC)(DA)(DG)
(DG)(DC)(DA)(DC)(DG)(DT)(DG)(DT)(DC)(DA)(DG)(DA)(DT)(DA)(DT)(DA)(DT)(DA)(DC)(DA)
(DT)(DC)(DG)(DA)(DT)
;
I,i
6 'polydeoxyribonucleotide'
;(DA)(DT)(DC)(DG)(DA)(DT)(DG)(DT)(DA)(DT)(DA)(DT)(DA)(DT)(DC)(DT)(DG)(DA)(DC)(DA)
(DC)(DG)(DT)(DG)(DC)(DC)(DT)(DG)(DG)(DA)(DG)(DA)(DC)(DT)(DA)(DG)(DG)(DG)(DA)(DG)
(DT)(DA)(DA)(DT)(DC)(DC)(DC)(DC)(DT)(DT)(DG)(DG)(DC)(DG)(DG)(DT)(DT)(DA)(DA)(DA)
(DA)(DC)(DG)(DC)(DG)(DG)(DG)(DG)(DG)(DA)(DC)(DA)(DG)(DC)(DG)(DC)(DG)(DT)(DA)(DC)
(DG)(DT)(DG)(DC)(DG)(DT)(DT)(DT)(DA)(DA)(DG)(DC)(DG)(DG)(DT)(DG)(DC)(DT)(DA)(DG)
(DA)(DG)(DC)(DT)(DG)(DT)(DC)(DT)(DA)(DC)(DG)(DA)(DC)(DC)(DA)(DA)(DT)(DT)(DG)(DA)
(DG)(DC)(DG)(DG)(DC)(DC)(DT)(DC)(DG)(DG)(DC)(DA)(DC)(DC)(DG)(DG)(DG)(DA)(DT)(DT)
(DC)(DT)(DG)(DA)(DT)
;
J,j
7 'polypeptide(L)'
;GSPILVRRDAAPGASKLRAVLEKLKLSRDDISTAAGMVKGVVDHLLLRLKCDSAFRGVGLLNTGSYYEHVKISAPNEFDV
MFKLEVPRIQLEEYSNTRAYYFVKFKRNPKENPLSQFLEGEILSASKMLSKFRKIIKEEINDIKDTDVIMKRKRGGSPAV
TLLISEKISVDITLALESKSSWPASTQEGLRIQNWLSAKVRKQLRLKPFYLVPKHAKEGNGFQEETWRLSFSHIEKEILN
NHGKSKTCCENKEEKCCRKDCLKLMKYLLEQLKERFKDKKHLDKFSSYHVKTAFFHVCTQNPQDSQWDRKDLGLCFDNCV
TYFLQCLRTEKLENYFIPEFNLFSSNLIDKRSKEFLTKQIEYERNNEFPVFDEFENLYFQ
;
K,k
#
# COMPACT_ATOMS: atom_id res chain seq x y z
N PRO A 42 -26.54 21.13 -67.61
CA PRO A 42 -26.71 19.67 -67.62
C PRO A 42 -28.11 19.25 -67.22
N HIS A 43 -28.62 18.19 -67.83
CA HIS A 43 -29.93 17.65 -67.46
C HIS A 43 -29.96 17.32 -65.97
N ARG A 44 -31.07 17.63 -65.33
CA ARG A 44 -31.15 17.48 -63.89
C ARG A 44 -32.61 17.40 -63.47
N TYR A 45 -32.92 16.41 -62.63
CA TYR A 45 -34.22 16.40 -61.97
C TYR A 45 -34.29 17.55 -60.97
N ARG A 46 -35.51 17.99 -60.68
CA ARG A 46 -35.68 18.97 -59.62
C ARG A 46 -35.24 18.35 -58.31
N PRO A 47 -34.41 19.03 -57.52
CA PRO A 47 -33.97 18.46 -56.23
C PRO A 47 -35.13 17.91 -55.43
N GLY A 48 -34.85 16.85 -54.68
CA GLY A 48 -35.85 16.09 -53.97
C GLY A 48 -36.24 14.80 -54.67
N THR A 49 -36.19 14.77 -56.01
CA THR A 49 -36.58 13.57 -56.72
C THR A 49 -35.62 12.42 -56.47
N VAL A 50 -34.31 12.69 -56.58
CA VAL A 50 -33.36 11.62 -56.35
C VAL A 50 -33.42 11.17 -54.91
N ALA A 51 -33.70 12.09 -53.99
CA ALA A 51 -33.86 11.68 -52.60
C ALA A 51 -35.08 10.79 -52.42
N LEU A 52 -36.16 11.08 -53.14
CA LEU A 52 -37.34 10.22 -53.05
C LEU A 52 -37.04 8.83 -53.58
N ARG A 53 -36.40 8.74 -54.75
CA ARG A 53 -36.14 7.40 -55.27
C ARG A 53 -35.12 6.68 -54.42
N GLU A 54 -34.21 7.40 -53.77
CA GLU A 54 -33.31 6.71 -52.86
C GLU A 54 -34.03 6.24 -51.61
N ILE A 55 -35.03 6.97 -51.14
CA ILE A 55 -35.82 6.46 -50.02
C ILE A 55 -36.51 5.17 -50.41
N ARG A 56 -37.15 5.17 -51.57
CA ARG A 56 -37.77 3.94 -52.07
C ARG A 56 -36.76 2.82 -52.08
N ARG A 57 -35.57 3.08 -52.60
CA ARG A 57 -34.61 2.01 -52.84
C ARG A 57 -34.02 1.48 -51.55
N TYR A 58 -33.73 2.36 -50.59
CA TYR A 58 -33.16 1.92 -49.34
C TYR A 58 -34.21 1.57 -48.32
N GLN A 59 -35.48 1.58 -48.69
CA GLN A 59 -36.48 0.93 -47.85
C GLN A 59 -36.96 -0.39 -48.43
N LYS A 60 -36.90 -0.58 -49.75
CA LYS A 60 -37.07 -1.91 -50.30
C LYS A 60 -36.03 -2.88 -49.75
N SER A 61 -34.77 -2.60 -50.04
CA SER A 61 -33.70 -3.55 -49.78
C SER A 61 -33.42 -3.66 -48.29
N THR A 62 -32.57 -4.62 -47.94
CA THR A 62 -32.24 -4.87 -46.55
C THR A 62 -30.76 -5.07 -46.27
N GLU A 63 -29.89 -5.01 -47.27
CA GLU A 63 -28.47 -5.17 -47.01
C GLU A 63 -28.00 -4.13 -46.01
N LEU A 64 -26.99 -4.48 -45.24
CA LEU A 64 -26.42 -3.54 -44.29
C LEU A 64 -25.87 -2.33 -45.04
N LEU A 65 -26.00 -1.17 -44.41
CA LEU A 65 -25.69 0.10 -45.07
C LEU A 65 -24.35 0.65 -44.65
N ILE A 66 -24.00 0.57 -43.37
CA ILE A 66 -22.66 0.94 -42.96
C ILE A 66 -21.68 -0.06 -43.55
N ARG A 67 -20.65 0.45 -44.22
CA ARG A 67 -19.67 -0.40 -44.85
C ARG A 67 -19.00 -1.29 -43.79
N LYS A 68 -18.83 -2.58 -44.10
CA LYS A 68 -18.60 -3.59 -43.06
C LYS A 68 -17.26 -3.39 -42.36
N LEU A 69 -16.18 -3.33 -43.11
CA LEU A 69 -14.86 -3.34 -42.49
C LEU A 69 -14.61 -2.14 -41.61
N PRO A 70 -15.02 -0.93 -41.99
CA PRO A 70 -14.87 0.19 -41.07
C PRO A 70 -15.67 0.03 -39.81
N PHE A 71 -16.79 -0.67 -39.86
CA PHE A 71 -17.53 -0.93 -38.64
C PHE A 71 -16.81 -1.94 -37.78
N GLN A 72 -16.21 -2.97 -38.38
CA GLN A 72 -15.43 -3.90 -37.58
C GLN A 72 -14.29 -3.18 -36.88
N ARG A 73 -13.63 -2.27 -37.58
CA ARG A 73 -12.55 -1.50 -36.97
C ARG A 73 -13.07 -0.63 -35.86
N LEU A 74 -14.22 0.01 -36.06
CA LEU A 74 -14.78 0.85 -35.01
C LEU A 74 -15.12 0.04 -33.78
N VAL A 75 -15.65 -1.17 -33.97
CA VAL A 75 -15.99 -2.00 -32.84
C VAL A 75 -14.74 -2.41 -32.07
N ARG A 76 -13.69 -2.82 -32.77
CA ARG A 76 -12.46 -3.16 -32.07
C ARG A 76 -11.89 -1.97 -31.35
N GLU A 77 -11.92 -0.79 -31.98
CA GLU A 77 -11.36 0.39 -31.34
C GLU A 77 -12.14 0.77 -30.10
N ILE A 78 -13.45 0.60 -30.12
CA ILE A 78 -14.22 0.90 -28.92
C ILE A 78 -13.99 -0.14 -27.85
N ALA A 79 -13.77 -1.39 -28.25
CA ALA A 79 -13.57 -2.45 -27.27
C ALA A 79 -12.21 -2.37 -26.61
N GLN A 80 -11.21 -1.78 -27.27
CA GLN A 80 -9.89 -1.68 -26.64
C GLN A 80 -9.96 -0.97 -25.31
N ASP A 81 -10.87 -0.03 -25.14
CA ASP A 81 -10.95 0.67 -23.87
C ASP A 81 -11.53 -0.15 -22.75
N PHE A 82 -11.89 -1.40 -22.99
CA PHE A 82 -12.49 -2.20 -21.93
C PHE A 82 -11.69 -3.43 -21.57
N LYS A 83 -11.12 -4.11 -22.54
CA LYS A 83 -10.26 -5.25 -22.23
C LYS A 83 -9.34 -5.44 -23.42
N THR A 84 -8.05 -5.20 -23.21
CA THR A 84 -7.11 -5.24 -24.31
C THR A 84 -7.00 -6.64 -24.87
N ASP A 85 -6.75 -6.71 -26.17
CA ASP A 85 -6.59 -7.97 -26.89
C ASP A 85 -7.82 -8.85 -26.70
N LEU A 86 -8.94 -8.37 -27.20
CA LEU A 86 -10.15 -9.18 -27.35
C LEU A 86 -10.27 -9.67 -28.77
N ARG A 87 -10.94 -10.79 -28.92
CA ARG A 87 -11.22 -11.35 -30.21
C ARG A 87 -12.71 -11.38 -30.42
N PHE A 88 -13.15 -11.02 -31.61
CA PHE A 88 -14.56 -10.82 -31.89
C PHE A 88 -15.01 -11.90 -32.86
N GLN A 89 -15.87 -12.80 -32.39
CA GLN A 89 -16.52 -13.71 -33.32
C GLN A 89 -17.13 -12.92 -34.45
N SER A 90 -16.89 -13.36 -35.68
CA SER A 90 -17.37 -12.59 -36.83
C SER A 90 -18.85 -12.32 -36.72
N SER A 91 -19.62 -13.32 -36.30
CA SER A 91 -21.05 -13.12 -36.19
C SER A 91 -21.39 -12.17 -35.06
N ALA A 92 -20.53 -12.04 -34.05
CA ALA A 92 -20.79 -11.05 -33.01
C ALA A 92 -20.64 -9.64 -33.55
N VAL A 93 -19.61 -9.40 -34.35
CA VAL A 93 -19.47 -8.11 -35.00
C VAL A 93 -20.67 -7.84 -35.91
N MET A 94 -21.14 -8.87 -36.61
CA MET A 94 -22.30 -8.67 -37.45
C MET A 94 -23.54 -8.36 -36.62
N ALA A 95 -23.67 -8.96 -35.44
CA ALA A 95 -24.81 -8.65 -34.60
C ALA A 95 -24.76 -7.22 -34.09
N LEU A 96 -23.56 -6.77 -33.74
CA LEU A 96 -23.42 -5.36 -33.36
C LEU A 96 -23.79 -4.45 -34.51
N GLN A 97 -23.40 -4.79 -35.72
CA GLN A 97 -23.73 -3.94 -36.85
C GLN A 97 -25.22 -3.93 -37.12
N GLU A 98 -25.88 -5.07 -37.01
CA GLU A 98 -27.33 -5.11 -37.20
C GLU A 98 -28.01 -4.24 -36.15
N ALA A 99 -27.61 -4.39 -34.89
CA ALA A 99 -28.24 -3.59 -33.86
C ALA A 99 -28.01 -2.10 -34.09
N CYS A 100 -26.80 -1.73 -34.51
CA CYS A 100 -26.49 -0.31 -34.68
C CYS A 100 -27.25 0.29 -35.85
N GLU A 101 -27.34 -0.43 -36.96
CA GLU A 101 -28.11 0.12 -38.07
C GLU A 101 -29.58 0.18 -37.73
N ALA A 102 -30.09 -0.80 -36.98
CA ALA A 102 -31.48 -0.72 -36.53
C ALA A 102 -31.69 0.49 -35.65
N TYR A 103 -30.74 0.79 -34.79
CA TYR A 103 -30.89 1.92 -33.89
C TYR A 103 -30.80 3.24 -34.63
N LEU A 104 -29.85 3.38 -35.56
CA LEU A 104 -29.77 4.65 -36.28
C LEU A 104 -30.94 4.85 -37.20
N VAL A 105 -31.47 3.78 -37.79
CA VAL A 105 -32.65 3.96 -38.62
C VAL A 105 -33.84 4.32 -37.76
N GLY A 106 -34.00 3.66 -36.63
CA GLY A 106 -35.08 4.01 -35.74
C GLY A 106 -34.90 5.33 -35.04
N LEU A 107 -33.71 5.90 -35.10
CA LEU A 107 -33.50 7.25 -34.59
C LEU A 107 -33.75 8.29 -35.66
N PHE A 108 -33.38 8.00 -36.90
CA PHE A 108 -33.68 8.95 -37.96
C PHE A 108 -35.16 8.98 -38.29
N GLU A 109 -35.90 7.90 -38.03
CA GLU A 109 -37.35 7.97 -38.15
C GLU A 109 -37.93 8.98 -37.17
N ASP A 110 -37.56 8.88 -35.90
CA ASP A 110 -38.05 9.82 -34.91
C ASP A 110 -37.51 11.23 -35.17
N THR A 111 -36.28 11.34 -35.65
CA THR A 111 -35.75 12.64 -36.01
C THR A 111 -36.56 13.26 -37.12
N ASN A 112 -36.92 12.49 -38.13
CA ASN A 112 -37.71 13.04 -39.22
C ASN A 112 -39.08 13.47 -38.72
N LEU A 113 -39.64 12.70 -37.79
CA LEU A 113 -40.91 13.11 -37.19
C LEU A 113 -40.77 14.45 -36.48
N CYS A 114 -39.68 14.62 -35.72
CA CYS A 114 -39.47 15.87 -35.03
C CYS A 114 -39.27 17.02 -36.01
N ALA A 115 -38.50 16.79 -37.06
CA ALA A 115 -38.23 17.86 -38.02
C ALA A 115 -39.50 18.27 -38.74
N ILE A 116 -40.29 17.31 -39.19
CA ILE A 116 -41.54 17.65 -39.83
C ILE A 116 -42.48 18.33 -38.85
N HIS A 117 -42.37 18.00 -37.58
CA HIS A 117 -43.24 18.65 -36.60
C HIS A 117 -42.93 20.13 -36.48
N ALA A 118 -41.70 20.54 -36.76
CA ALA A 118 -41.32 21.93 -36.74
C ALA A 118 -41.47 22.60 -38.09
N LYS A 119 -42.29 22.05 -38.96
CA LYS A 119 -42.55 22.63 -40.28
C LYS A 119 -41.27 22.77 -41.08
N ARG A 120 -40.40 21.78 -40.97
CA ARG A 120 -39.19 21.68 -41.77
C ARG A 120 -39.18 20.37 -42.53
N VAL A 121 -38.20 20.23 -43.42
CA VAL A 121 -38.02 19.01 -44.17
C VAL A 121 -36.63 18.50 -43.90
N THR A 122 -35.71 19.42 -43.63
CA THR A 122 -34.34 19.08 -43.28
C THR A 122 -34.27 18.64 -41.83
N ILE A 123 -33.57 17.58 -41.57
CA ILE A 123 -33.31 17.20 -40.19
C ILE A 123 -32.03 17.87 -39.76
N MET A 124 -31.93 18.22 -38.48
CA MET A 124 -30.83 19.03 -37.97
C MET A 124 -30.54 18.59 -36.55
N PRO A 125 -29.34 18.83 -36.05
CA PRO A 125 -28.97 18.24 -34.75
C PRO A 125 -29.92 18.53 -33.62
N LYS A 126 -30.64 19.65 -33.64
CA LYS A 126 -31.62 19.87 -32.58
C LYS A 126 -32.72 18.84 -32.66
N ASP A 127 -33.03 18.33 -33.86
CA ASP A 127 -34.03 17.28 -33.99
C ASP A 127 -33.55 15.99 -33.36
N ILE A 128 -32.32 15.58 -33.66
CA ILE A 128 -31.79 14.36 -33.08
C ILE A 128 -31.72 14.47 -31.57
N GLN A 129 -31.32 15.63 -31.07
CA GLN A 129 -31.23 15.77 -29.62
C GLN A 129 -32.59 15.77 -28.98
N LEU A 130 -33.61 16.32 -29.63
CA LEU A 130 -34.95 16.24 -29.07
C LEU A 130 -35.47 14.81 -29.08
N ALA A 131 -35.22 14.08 -30.16
CA ALA A 131 -35.65 12.69 -30.22
C ALA A 131 -35.01 11.89 -29.10
N ARG A 132 -33.71 12.04 -28.90
CA ARG A 132 -33.05 11.29 -27.86
C ARG A 132 -33.40 11.79 -26.48
N ARG A 133 -33.84 13.04 -26.33
CA ARG A 133 -34.24 13.45 -25.01
C ARG A 133 -35.63 12.95 -24.67
N ILE A 134 -36.48 12.79 -25.66
CA ILE A 134 -37.82 12.26 -25.40
C ILE A 134 -37.76 10.77 -25.17
N ARG A 135 -36.93 10.06 -25.94
CA ARG A 135 -36.85 8.62 -25.77
C ARG A 135 -36.38 8.22 -24.40
N GLY A 136 -35.51 9.02 -23.80
CA GLY A 136 -34.96 8.70 -22.49
C GLY A 136 -33.46 8.49 -22.47
N GLU A 137 -32.79 8.59 -23.60
CA GLU A 137 -31.36 8.33 -23.66
C GLU A 137 -30.60 9.53 -23.11
N ARG A 138 -29.28 9.51 -23.26
CA ARG A 138 -28.45 10.58 -22.72
C ARG A 138 -28.17 11.68 -23.72
N LYS B 24 -1.09 -3.76 -31.83
CA LYS B 24 -1.55 -2.85 -32.89
C LYS B 24 -2.78 -2.08 -32.45
N VAL B 25 -2.59 -0.85 -32.01
CA VAL B 25 -3.69 -0.02 -31.55
C VAL B 25 -4.34 0.66 -32.75
N LEU B 26 -5.64 0.90 -32.65
CA LEU B 26 -6.40 1.67 -33.62
C LEU B 26 -6.86 2.96 -32.98
N ARG B 27 -6.99 4.01 -33.79
CA ARG B 27 -7.52 5.26 -33.27
C ARG B 27 -8.20 6.06 -34.37
N ASP B 28 -9.32 6.68 -34.02
CA ASP B 28 -10.11 7.52 -34.91
C ASP B 28 -10.59 6.73 -36.14
N ASN B 29 -11.43 5.75 -35.87
CA ASN B 29 -12.17 5.07 -36.92
C ASN B 29 -13.64 5.44 -36.93
N ILE B 30 -14.07 6.34 -36.04
CA ILE B 30 -15.44 6.82 -36.11
C ILE B 30 -15.70 7.49 -37.44
N GLN B 31 -14.65 7.90 -38.15
CA GLN B 31 -14.79 8.38 -39.50
C GLN B 31 -14.88 7.24 -40.50
N GLY B 32 -15.00 6.01 -40.03
CA GLY B 32 -15.39 4.93 -40.92
C GLY B 32 -16.87 4.89 -41.17
N ILE B 33 -17.65 5.53 -40.32
CA ILE B 33 -19.07 5.72 -40.57
C ILE B 33 -19.14 6.96 -41.44
N THR B 34 -18.95 6.76 -42.74
CA THR B 34 -18.66 7.85 -43.65
C THR B 34 -19.86 8.75 -43.79
N LYS B 35 -19.73 9.77 -44.63
CA LYS B 35 -20.88 10.64 -44.87
C LYS B 35 -21.95 9.93 -45.66
N PRO B 36 -21.66 9.27 -46.77
CA PRO B 36 -22.73 8.54 -47.46
C PRO B 36 -23.29 7.37 -46.69
N ALA B 37 -22.58 6.80 -45.73
CA ALA B 37 -23.18 5.74 -44.95
C ALA B 37 -24.28 6.27 -44.06
N ILE B 38 -24.02 7.39 -43.37
CA ILE B 38 -25.06 8.01 -42.56
C ILE B 38 -26.17 8.54 -43.45
N ARG B 39 -25.81 9.04 -44.63
CA ARG B 39 -26.85 9.49 -45.53
C ARG B 39 -27.76 8.34 -45.94
N ARG B 40 -27.17 7.17 -46.15
CA ARG B 40 -27.95 6.00 -46.53
C ARG B 40 -28.84 5.55 -45.38
N LEU B 41 -28.28 5.48 -44.18
CA LEU B 41 -29.09 5.12 -43.01
C LEU B 41 -30.27 6.06 -42.88
N ALA B 42 -30.05 7.35 -43.08
CA ALA B 42 -31.15 8.29 -43.03
C ALA B 42 -32.16 8.01 -44.12
N ARG B 43 -31.70 7.89 -45.37
CA ARG B 43 -32.64 7.63 -46.46
C ARG B 43 -33.48 6.41 -46.18
N ARG B 44 -32.92 5.40 -45.52
CA ARG B 44 -33.75 4.29 -45.08
C ARG B 44 -34.74 4.75 -44.02
N GLY B 45 -34.31 5.62 -43.12
CA GLY B 45 -35.23 6.10 -42.11
C GLY B 45 -36.33 6.98 -42.66
N GLY B 46 -36.23 7.43 -43.89
CA GLY B 46 -37.24 8.27 -44.49
C GLY B 46 -36.84 9.71 -44.68
N VAL B 47 -35.63 10.09 -44.31
CA VAL B 47 -35.24 11.49 -44.33
C VAL B 47 -35.07 11.96 -45.76
N LYS B 48 -35.64 13.11 -46.09
CA LYS B 48 -35.61 13.60 -47.45
C LYS B 48 -34.46 14.55 -47.72
N ARG B 49 -33.89 15.15 -46.69
CA ARG B 49 -32.89 16.20 -46.91
C ARG B 49 -32.14 16.42 -45.61
N ILE B 50 -30.84 16.19 -45.62
CA ILE B 50 -30.06 16.08 -44.39
C ILE B 50 -29.17 17.30 -44.26
N SER B 51 -29.17 17.91 -43.08
CA SER B 51 -28.30 19.03 -42.83
C SER B 51 -26.87 18.56 -42.65
N GLY B 52 -25.94 19.50 -42.81
CA GLY B 52 -24.54 19.15 -42.82
C GLY B 52 -23.96 18.83 -41.47
N LEU B 53 -24.61 19.25 -40.40
CA LEU B 53 -24.10 18.95 -39.08
C LEU B 53 -24.70 17.69 -38.49
N ILE B 54 -25.51 16.96 -39.27
CA ILE B 54 -26.05 15.70 -38.80
C ILE B 54 -24.96 14.67 -38.68
N TYR B 55 -23.92 14.78 -39.49
CA TYR B 55 -22.92 13.72 -39.52
C TYR B 55 -22.18 13.62 -38.21
N GLU B 56 -21.75 14.75 -37.66
CA GLU B 56 -20.99 14.69 -36.42
C GLU B 56 -21.87 14.25 -35.25
N GLU B 57 -23.10 14.75 -35.19
CA GLU B 57 -23.98 14.33 -34.11
C GLU B 57 -24.32 12.85 -34.23
N THR B 58 -24.51 12.35 -35.45
CA THR B 58 -24.81 10.94 -35.62
C THR B 58 -23.62 10.07 -35.25
N ARG B 59 -22.41 10.49 -35.59
CA ARG B 59 -21.25 9.72 -35.18
C ARG B 59 -21.14 9.70 -33.67
N GLY B 60 -21.39 10.82 -33.01
CA GLY B 60 -21.39 10.82 -31.57
C GLY B 60 -22.44 9.89 -30.98
N VAL B 61 -23.64 9.89 -31.55
CA VAL B 61 -24.71 9.04 -31.06
C VAL B 61 -24.35 7.58 -31.24
N LEU B 62 -23.83 7.24 -32.42
CA LEU B 62 -23.44 5.86 -32.70
C LEU B 62 -22.34 5.41 -31.77
N LYS B 63 -21.37 6.26 -31.49
CA LYS B 63 -20.29 5.86 -30.59
C LYS B 63 -20.81 5.69 -29.17
N VAL B 64 -21.74 6.51 -28.71
CA VAL B 64 -22.28 6.33 -27.37
C VAL B 64 -23.03 5.01 -27.28
N PHE B 65 -23.87 4.73 -28.28
CA PHE B 65 -24.61 3.48 -28.27
C PHE B 65 -23.67 2.29 -28.32
N LEU B 66 -22.65 2.35 -29.17
CA LEU B 66 -21.73 1.24 -29.29
C LEU B 66 -20.97 1.03 -28.00
N GLU B 67 -20.56 2.09 -27.32
CA GLU B 67 -19.89 1.90 -26.06
C GLU B 67 -20.83 1.26 -25.06
N ASN B 68 -22.07 1.73 -24.99
CA ASN B 68 -22.99 1.17 -24.02
C ASN B 68 -23.32 -0.28 -24.28
N VAL B 69 -23.18 -0.75 -25.52
CA VAL B 69 -23.45 -2.16 -25.80
C VAL B 69 -22.19 -3.00 -25.66
N ILE B 70 -21.06 -2.52 -26.12
CA ILE B 70 -19.83 -3.30 -26.08
C ILE B 70 -19.32 -3.40 -24.66
N ARG B 71 -19.63 -2.43 -23.80
CA ARG B 71 -19.26 -2.61 -22.40
C ARG B 71 -19.91 -3.84 -21.82
N ASP B 72 -21.21 -4.02 -22.07
CA ASP B 72 -21.90 -5.18 -21.52
C ASP B 72 -21.51 -6.45 -22.25
N ALA B 73 -21.25 -6.39 -23.55
CA ALA B 73 -20.76 -7.56 -24.25
C ALA B 73 -19.45 -8.05 -23.63
N VAL B 74 -18.52 -7.12 -23.42
CA VAL B 74 -17.24 -7.48 -22.85
C VAL B 74 -17.38 -7.92 -21.42
N THR B 75 -18.35 -7.39 -20.69
CA THR B 75 -18.55 -7.82 -19.31
C THR B 75 -19.07 -9.25 -19.25
N TYR B 76 -20.06 -9.58 -20.08
CA TYR B 76 -20.51 -10.96 -20.16
C TYR B 76 -19.36 -11.87 -20.55
N THR B 77 -18.53 -11.45 -21.50
CA THR B 77 -17.36 -12.22 -21.85
C THR B 77 -16.49 -12.47 -20.62
N GLU B 78 -15.94 -11.40 -20.04
CA GLU B 78 -15.03 -11.53 -18.92
C GLU B 78 -15.62 -12.39 -17.82
N HIS B 79 -16.92 -12.30 -17.60
CA HIS B 79 -17.50 -13.16 -16.58
C HIS B 79 -17.50 -14.61 -17.02
N ALA B 80 -17.64 -14.87 -18.30
CA ALA B 80 -17.52 -16.25 -18.73
C ALA B 80 -16.07 -16.72 -18.76
N LYS B 81 -15.14 -15.88 -18.34
CA LYS B 81 -13.70 -16.15 -18.33
C LYS B 81 -13.16 -16.40 -19.72
N ARG B 82 -13.92 -16.08 -20.76
CA ARG B 82 -13.44 -16.21 -22.12
C ARG B 82 -12.60 -15.00 -22.49
N LYS B 83 -12.07 -15.02 -23.70
CA LYS B 83 -11.35 -13.89 -24.27
C LYS B 83 -11.83 -13.65 -25.68
N THR B 84 -13.07 -14.02 -25.97
CA THR B 84 -13.65 -13.91 -27.29
C THR B 84 -15.09 -13.47 -27.14
N VAL B 85 -15.44 -12.34 -27.71
CA VAL B 85 -16.79 -11.82 -27.61
C VAL B 85 -17.70 -12.62 -28.53
N THR B 86 -18.47 -13.53 -27.98
CA THR B 86 -19.37 -14.34 -28.79
C THR B 86 -20.54 -13.48 -29.25
N ALA B 87 -21.31 -14.01 -30.20
CA ALA B 87 -22.51 -13.31 -30.62
C ALA B 87 -23.59 -13.42 -29.57
N MET B 88 -23.56 -14.47 -28.76
CA MET B 88 -24.52 -14.57 -27.68
C MET B 88 -24.27 -13.49 -26.64
N ASP B 89 -23.03 -13.06 -26.45
CA ASP B 89 -22.81 -11.97 -25.52
C ASP B 89 -23.37 -10.66 -26.06
N VAL B 90 -23.20 -10.40 -27.34
CA VAL B 90 -23.78 -9.20 -27.91
C VAL B 90 -25.29 -9.25 -27.82
N VAL B 91 -25.90 -10.40 -28.10
CA VAL B 91 -27.34 -10.51 -28.02
C VAL B 91 -27.81 -10.32 -26.58
N TYR B 92 -27.07 -10.85 -25.62
CA TYR B 92 -27.45 -10.67 -24.23
C TYR B 92 -27.32 -9.22 -23.82
N ALA B 93 -26.29 -8.54 -24.31
CA ALA B 93 -26.13 -7.12 -24.01
C ALA B 93 -27.28 -6.32 -24.57
N LEU B 94 -27.66 -6.60 -25.81
CA LEU B 94 -28.77 -5.87 -26.39
C LEU B 94 -30.06 -6.17 -25.65
N LYS B 95 -30.32 -7.43 -25.31
CA LYS B 95 -31.51 -7.75 -24.53
C LYS B 95 -31.51 -7.01 -23.21
N ARG B 96 -30.33 -6.76 -22.65
CA ARG B 96 -30.29 -6.02 -21.40
C ARG B 96 -30.59 -4.55 -21.62
N GLN B 97 -30.00 -3.94 -22.64
CA GLN B 97 -30.32 -2.55 -22.96
C GLN B 97 -31.78 -2.34 -23.29
N GLY B 98 -32.54 -3.41 -23.51
CA GLY B 98 -33.92 -3.29 -23.89
C GLY B 98 -34.15 -3.21 -25.38
N ARG B 99 -33.29 -3.82 -26.18
CA ARG B 99 -33.36 -3.76 -27.63
C ARG B 99 -33.17 -5.13 -28.23
N THR B 100 -33.94 -6.11 -27.74
CA THR B 100 -33.78 -7.51 -28.12
C THR B 100 -33.49 -7.67 -29.60
N LEU B 101 -32.60 -8.59 -29.92
CA LEU B 101 -32.17 -8.85 -31.28
C LEU B 101 -32.47 -10.31 -31.61
N TYR B 102 -33.09 -10.52 -32.76
CA TYR B 102 -33.48 -11.85 -33.19
C TYR B 102 -32.68 -12.35 -34.37
N GLY B 103 -32.10 -13.53 -34.24
CA GLY B 103 -31.44 -14.10 -35.40
C GLY B 103 -29.98 -14.38 -35.20
N PHE B 104 -29.56 -14.56 -33.96
CA PHE B 104 -28.17 -14.86 -33.70
C PHE B 104 -28.03 -15.91 -32.62
N GLY B 105 -28.85 -16.96 -32.70
CA GLY B 105 -28.79 -18.02 -31.73
C GLY B 105 -29.32 -17.58 -30.37
N GLY B 106 -29.73 -18.54 -29.55
CA GLY B 106 -30.21 -18.27 -28.21
C GLY B 106 -31.50 -17.47 -28.15
N THR C 20 -23.31 -12.90 15.03
CA THR C 20 -24.13 -12.93 13.83
C THR C 20 -23.29 -13.25 12.62
N ARG C 21 -23.82 -12.96 11.44
CA ARG C 21 -23.06 -13.07 10.21
C ARG C 21 -22.95 -11.78 9.45
N SER C 22 -23.80 -10.80 9.73
CA SER C 22 -23.59 -9.48 9.15
C SER C 22 -22.50 -8.73 9.88
N SER C 23 -22.35 -8.97 11.18
CA SER C 23 -21.27 -8.33 11.91
C SER C 23 -19.92 -8.85 11.44
N ARG C 24 -19.84 -10.14 11.13
CA ARG C 24 -18.60 -10.70 10.63
C ARG C 24 -18.08 -9.95 9.42
N ALA C 25 -18.96 -9.36 8.64
CA ALA C 25 -18.56 -8.66 7.43
C ALA C 25 -18.54 -7.16 7.60
N GLY C 26 -18.76 -6.66 8.81
CA GLY C 26 -18.82 -5.23 9.00
C GLY C 26 -19.94 -4.57 8.24
N LEU C 27 -21.06 -5.27 8.08
CA LEU C 27 -22.22 -4.75 7.38
C LEU C 27 -23.31 -4.42 8.39
N GLN C 28 -24.27 -3.64 7.92
CA GLN C 28 -25.48 -3.38 8.70
C GLN C 28 -26.70 -4.08 8.14
N PHE C 29 -26.70 -4.36 6.86
CA PHE C 29 -27.77 -5.12 6.23
C PHE C 29 -27.63 -6.60 6.56
N PRO C 30 -28.71 -7.29 6.73
CA PRO C 30 -28.67 -8.62 7.32
C PRO C 30 -28.28 -9.65 6.28
N VAL C 31 -27.06 -10.17 6.39
CA VAL C 31 -26.62 -11.18 5.44
C VAL C 31 -27.48 -12.42 5.58
N GLY C 32 -27.97 -12.71 6.77
CA GLY C 32 -28.84 -13.87 6.92
C GLY C 32 -30.12 -13.74 6.12
N ARG C 33 -30.75 -12.58 6.19
CA ARG C 33 -31.99 -12.38 5.44
C ARG C 33 -31.74 -12.39 3.95
N VAL C 34 -30.64 -11.78 3.50
CA VAL C 34 -30.36 -11.81 2.07
C VAL C 34 -30.06 -13.22 1.61
N HIS C 35 -29.48 -14.04 2.48
CA HIS C 35 -29.29 -15.45 2.13
C HIS C 35 -30.63 -16.14 1.99
N ARG C 36 -31.50 -15.97 2.97
CA ARG C 36 -32.82 -16.58 2.89
C ARG C 36 -33.57 -16.15 1.64
N LEU C 37 -33.35 -14.91 1.19
CA LEU C 37 -34.06 -14.44 0.01
C LEU C 37 -33.42 -14.90 -1.29
N LEU C 38 -32.09 -15.05 -1.31
CA LEU C 38 -31.47 -15.62 -2.50
C LEU C 38 -31.74 -17.10 -2.61
N ARG C 39 -32.08 -17.75 -1.51
CA ARG C 39 -32.29 -19.19 -1.54
C ARG C 39 -33.75 -19.51 -1.84
N LYS C 40 -34.67 -18.89 -1.12
CA LYS C 40 -36.09 -19.12 -1.31
C LYS C 40 -36.68 -18.23 -2.39
N GLY C 41 -35.87 -17.75 -3.31
CA GLY C 41 -36.38 -16.87 -4.33
C GLY C 41 -36.26 -17.49 -5.69
N ASN C 42 -35.65 -18.67 -5.76
CA ASN C 42 -35.47 -19.41 -6.99
C ASN C 42 -34.68 -18.59 -8.01
N TYR C 43 -33.50 -18.17 -7.58
CA TYR C 43 -32.57 -17.55 -8.50
C TYR C 43 -31.54 -18.54 -9.03
N SER C 44 -31.24 -19.56 -8.26
CA SER C 44 -30.45 -20.68 -8.75
C SER C 44 -30.60 -21.80 -7.74
N GLU C 45 -30.11 -22.98 -8.11
CA GLU C 45 -30.24 -24.09 -7.19
C GLU C 45 -29.38 -23.88 -5.95
N ARG C 46 -28.17 -23.38 -6.13
CA ARG C 46 -27.25 -23.20 -5.03
C ARG C 46 -26.86 -21.73 -4.92
N VAL C 47 -26.48 -21.32 -3.72
CA VAL C 47 -26.10 -19.94 -3.46
C VAL C 47 -24.79 -19.96 -2.69
N GLY C 48 -23.72 -19.51 -3.32
CA GLY C 48 -22.44 -19.48 -2.65
C GLY C 48 -22.51 -18.66 -1.37
N ALA C 49 -21.87 -19.17 -0.32
CA ALA C 49 -21.95 -18.52 0.98
C ALA C 49 -21.30 -17.16 0.99
N GLY C 50 -20.57 -16.81 -0.05
CA GLY C 50 -20.02 -15.48 -0.17
C GLY C 50 -20.85 -14.55 -1.01
N ALA C 51 -22.01 -14.98 -1.46
CA ALA C 51 -22.88 -14.14 -2.28
C ALA C 51 -23.76 -13.24 -1.45
N PRO C 52 -24.47 -13.74 -0.44
CA PRO C 52 -25.27 -12.83 0.35
C PRO C 52 -24.46 -11.72 0.97
N VAL C 53 -23.20 -11.97 1.29
CA VAL C 53 -22.36 -10.91 1.84
C VAL C 53 -22.14 -9.82 0.81
N TYR C 54 -21.71 -10.20 -0.38
CA TYR C 54 -21.49 -9.23 -1.44
C TYR C 54 -22.75 -8.45 -1.73
N LEU C 55 -23.89 -9.14 -1.78
CA LEU C 55 -25.13 -8.47 -2.14
C LEU C 55 -25.60 -7.56 -1.03
N ALA C 56 -25.49 -8.00 0.22
CA ALA C 56 -25.86 -7.14 1.32
C ALA C 56 -24.99 -5.91 1.36
N ALA C 57 -23.71 -6.06 1.02
CA ALA C 57 -22.83 -4.91 0.98
C ALA C 57 -23.23 -3.94 -0.13
N VAL C 58 -23.58 -4.46 -1.31
CA VAL C 58 -23.96 -3.55 -2.39
C VAL C 58 -25.27 -2.84 -2.06
N LEU C 59 -26.21 -3.56 -1.46
CA LEU C 59 -27.44 -2.92 -1.02
C LEU C 59 -27.17 -1.85 0.02
N GLU C 60 -26.32 -2.15 1.00
CA GLU C 60 -26.04 -1.16 2.03
C GLU C 60 -25.30 0.03 1.46
N TYR C 61 -24.44 -0.19 0.47
CA TYR C 61 -23.77 0.94 -0.12
C TYR C 61 -24.74 1.82 -0.88
N LEU C 62 -25.64 1.24 -1.66
CA LEU C 62 -26.58 2.06 -2.39
C LEU C 62 -27.56 2.75 -1.45
N THR C 63 -27.94 2.09 -0.37
CA THR C 63 -28.81 2.74 0.60
C THR C 63 -28.09 3.86 1.32
N ALA C 64 -26.81 3.68 1.63
CA ALA C 64 -26.07 4.77 2.24
C ALA C 64 -25.93 5.93 1.29
N GLU C 65 -25.70 5.65 0.01
CA GLU C 65 -25.63 6.71 -0.98
C GLU C 65 -26.92 7.50 -1.05
N ILE C 66 -28.04 6.79 -1.22
CA ILE C 66 -29.33 7.45 -1.32
C ILE C 66 -29.62 8.25 -0.07
N LEU C 67 -29.48 7.62 1.10
CA LEU C 67 -29.83 8.30 2.34
C LEU C 67 -28.90 9.46 2.62
N GLU C 68 -27.65 9.38 2.17
CA GLU C 68 -26.73 10.49 2.41
C GLU C 68 -27.08 11.68 1.56
N LEU C 69 -27.24 11.49 0.25
CA LEU C 69 -27.70 12.59 -0.57
C LEU C 69 -29.05 13.11 -0.10
N ALA C 70 -29.92 12.23 0.39
CA ALA C 70 -31.24 12.66 0.83
C ALA C 70 -31.14 13.55 2.05
N GLY C 71 -30.39 13.07 3.04
CA GLY C 71 -30.18 13.79 4.27
C GLY C 71 -29.73 15.21 4.01
N ASN C 72 -28.73 15.38 3.16
CA ASN C 72 -28.20 16.71 2.89
C ASN C 72 -29.27 17.63 2.34
N ALA C 73 -30.09 17.14 1.41
CA ALA C 73 -31.15 17.95 0.85
C ALA C 73 -32.13 18.39 1.94
N ALA C 74 -32.45 17.46 2.85
CA ALA C 74 -33.36 17.75 3.96
C ALA C 74 -32.75 18.86 4.81
N ARG C 75 -31.44 18.77 5.06
CA ARG C 75 -30.72 19.78 5.82
C ARG C 75 -30.75 21.14 5.11
N ASP C 76 -30.71 21.15 3.77
CA ASP C 76 -30.86 22.39 3.04
C ASP C 76 -32.27 22.96 3.30
N ASN C 77 -33.29 22.08 3.33
CA ASN C 77 -34.65 22.55 3.61
C ASN C 77 -34.80 22.74 5.11
N LYS C 78 -33.64 22.87 5.75
CA LYS C 78 -33.47 23.05 7.18
C LYS C 78 -34.39 22.13 7.97
N LYS C 79 -34.43 20.87 7.58
CA LYS C 79 -35.32 19.91 8.21
C LYS C 79 -34.52 18.70 8.69
N THR C 80 -34.90 18.17 9.84
CA THR C 80 -34.20 17.04 10.41
C THR C 80 -34.97 15.75 10.22
N ARG C 81 -35.62 15.57 9.08
CA ARG C 81 -36.44 14.39 8.88
C ARG C 81 -36.65 14.23 7.39
N ILE C 82 -36.07 13.18 6.82
CA ILE C 82 -36.23 12.92 5.40
C ILE C 82 -37.68 12.60 5.09
N ILE C 83 -38.18 13.14 3.99
CA ILE C 83 -39.52 12.80 3.50
C ILE C 83 -39.35 12.45 2.03
N PRO C 84 -40.35 11.86 1.38
CA PRO C 84 -40.15 11.42 -0.01
C PRO C 84 -39.61 12.49 -0.92
N ARG C 85 -40.01 13.74 -0.73
CA ARG C 85 -39.50 14.80 -1.60
C ARG C 85 -37.99 14.83 -1.60
N HIS C 86 -37.39 14.62 -0.44
CA HIS C 86 -35.94 14.69 -0.34
C HIS C 86 -35.28 13.54 -1.07
N LEU C 87 -35.90 12.35 -0.99
CA LEU C 87 -35.38 11.23 -1.76
C LEU C 87 -35.46 11.52 -3.24
N GLN C 88 -36.56 12.12 -3.69
CA GLN C 88 -36.65 12.45 -5.10
C GLN C 88 -35.61 13.47 -5.51
N LEU C 89 -35.34 14.45 -4.66
CA LEU C 89 -34.32 15.45 -4.98
C LEU C 89 -32.95 14.81 -5.08
N ALA C 90 -32.64 13.89 -4.17
CA ALA C 90 -31.34 13.24 -4.21
C ALA C 90 -31.22 12.33 -5.43
N ILE C 91 -32.24 11.51 -5.68
CA ILE C 91 -32.17 10.55 -6.77
C ILE C 91 -32.12 11.23 -8.12
N ARG C 92 -32.77 12.37 -8.27
CA ARG C 92 -32.81 13.00 -9.59
C ARG C 92 -31.71 14.02 -9.80
N ASN C 93 -31.08 14.52 -8.74
CA ASN C 93 -29.99 15.45 -8.98
C ASN C 93 -28.71 14.72 -9.32
N ASP C 94 -28.41 13.65 -8.57
CA ASP C 94 -27.25 12.82 -8.87
C ASP C 94 -27.40 12.15 -10.23
N GLU C 95 -26.35 12.24 -11.04
CA GLU C 95 -26.45 11.78 -12.41
C GLU C 95 -26.51 10.26 -12.54
N GLU C 96 -25.77 9.53 -11.72
CA GLU C 96 -25.71 8.09 -11.88
C GLU C 96 -26.69 7.37 -10.98
N LEU C 97 -27.37 8.08 -10.09
CA LEU C 97 -28.50 7.49 -9.40
C LEU C 97 -29.75 7.68 -10.22
N ASN C 98 -29.83 8.79 -10.94
CA ASN C 98 -30.90 8.99 -11.90
C ASN C 98 -30.91 7.88 -12.93
N LYS C 99 -29.75 7.57 -13.52
CA LYS C 99 -29.71 6.54 -14.54
C LYS C 99 -30.08 5.17 -13.97
N LEU C 100 -29.85 4.97 -12.69
CA LEU C 100 -30.20 3.69 -12.08
C LEU C 100 -31.70 3.60 -11.82
N LEU C 101 -32.31 4.71 -11.41
CA LEU C 101 -33.74 4.77 -11.17
C LEU C 101 -34.43 5.65 -12.20
N GLY C 102 -33.99 5.56 -13.45
CA GLY C 102 -34.56 6.41 -14.48
C GLY C 102 -36.02 6.14 -14.73
N ARG C 103 -36.47 4.92 -14.49
CA ARG C 103 -37.83 4.50 -14.78
C ARG C 103 -38.58 4.20 -13.50
N VAL C 104 -38.40 5.04 -12.49
CA VAL C 104 -39.00 4.82 -11.18
C VAL C 104 -39.66 6.10 -10.75
N THR C 105 -40.94 6.05 -10.44
CA THR C 105 -41.63 7.19 -9.88
C THR C 105 -41.72 7.00 -8.39
N ILE C 106 -41.44 8.05 -7.64
CA ILE C 106 -41.39 7.98 -6.19
C ILE C 106 -42.65 8.62 -5.65
N ALA C 107 -43.40 7.87 -4.87
CA ALA C 107 -44.68 8.38 -4.40
C ALA C 107 -44.49 9.64 -3.59
N GLN C 108 -45.36 10.61 -3.83
CA GLN C 108 -45.26 11.92 -3.19
C GLN C 108 -43.88 12.51 -3.40
N GLY C 109 -43.43 12.50 -4.64
CA GLY C 109 -42.08 12.91 -4.94
C GLY C 109 -41.97 14.24 -5.62
N GLY C 110 -42.99 14.64 -6.36
CA GLY C 110 -42.82 15.89 -7.05
C GLY C 110 -41.74 15.78 -8.12
N VAL C 111 -41.37 16.93 -8.65
CA VAL C 111 -40.42 16.95 -9.74
C VAL C 111 -39.24 17.85 -9.41
N LEU C 112 -38.31 17.96 -10.34
CA LEU C 112 -37.18 18.86 -10.18
C LEU C 112 -37.58 20.26 -10.61
N PRO C 113 -37.43 21.27 -9.76
CA PRO C 113 -37.73 22.62 -10.19
C PRO C 113 -36.96 23.00 -11.43
N ASN C 114 -37.67 23.18 -12.54
CA ASN C 114 -37.02 23.30 -13.84
C ASN C 114 -38.00 23.98 -14.78
N ILE C 115 -37.79 25.27 -15.05
CA ILE C 115 -38.57 26.03 -16.01
C ILE C 115 -37.73 26.19 -17.26
N GLN C 116 -38.31 25.87 -18.41
CA GLN C 116 -37.57 25.96 -19.65
C GLN C 116 -37.15 27.40 -19.91
N ALA C 117 -35.89 27.57 -20.32
CA ALA C 117 -35.33 28.92 -20.44
C ALA C 117 -36.06 29.77 -21.48
N VAL C 118 -36.78 29.15 -22.42
CA VAL C 118 -37.51 29.94 -23.40
C VAL C 118 -38.76 30.55 -22.79
N LEU C 119 -39.31 29.94 -21.74
CA LEU C 119 -40.55 30.43 -21.15
C LEU C 119 -40.33 31.59 -20.18
N LEU C 120 -39.10 31.77 -19.70
CA LEU C 120 -38.82 32.84 -18.76
C LEU C 120 -39.08 34.20 -19.40
N PRO C 121 -39.39 35.22 -18.60
CA PRO C 121 -39.79 36.51 -19.17
C PRO C 121 -38.63 37.20 -19.87
N LYS C 122 -38.98 38.17 -20.71
CA LYS C 122 -37.99 38.94 -21.44
C LYS C 122 -38.45 40.38 -21.67
N ARG D 35 -50.58 -12.29 14.57
CA ARG D 35 -49.26 -12.10 15.17
C ARG D 35 -48.18 -12.81 14.36
N SER D 36 -48.11 -12.51 13.07
CA SER D 36 -47.12 -13.11 12.19
C SER D 36 -45.86 -12.24 12.18
N ARG D 37 -44.94 -12.55 11.25
CA ARG D 37 -43.67 -11.83 11.12
C ARG D 37 -43.47 -11.44 9.66
N LYS D 38 -43.92 -10.24 9.31
CA LYS D 38 -43.71 -9.69 7.96
C LYS D 38 -42.30 -9.08 7.88
N GLU D 39 -41.52 -9.52 6.90
CA GLU D 39 -40.17 -9.02 6.73
C GLU D 39 -40.14 -7.71 5.97
N SER D 40 -39.17 -6.86 6.32
CA SER D 40 -38.92 -5.59 5.65
C SER D 40 -37.62 -5.04 6.19
N TYR D 41 -37.00 -4.16 5.42
CA TYR D 41 -35.68 -3.64 5.75
C TYR D 41 -35.75 -2.36 6.53
N SER D 42 -36.76 -2.21 7.39
CA SER D 42 -36.94 -0.97 8.12
C SER D 42 -35.74 -0.66 8.99
N ILE D 43 -35.48 -1.52 9.98
CA ILE D 43 -34.46 -1.20 10.96
C ILE D 43 -33.07 -1.18 10.36
N TYR D 44 -32.87 -1.87 9.24
CA TYR D 44 -31.57 -1.88 8.58
C TYR D 44 -31.31 -0.52 7.95
N VAL D 45 -32.22 -0.06 7.11
CA VAL D 45 -32.09 1.27 6.53
C VAL D 45 -31.96 2.30 7.62
N TYR D 46 -32.67 2.09 8.73
CA TYR D 46 -32.56 3.00 9.85
C TYR D 46 -31.14 3.03 10.41
N LYS D 47 -30.53 1.87 10.57
CA LYS D 47 -29.16 1.85 11.09
C LYS D 47 -28.20 2.50 10.12
N VAL D 48 -28.35 2.27 8.82
CA VAL D 48 -27.46 2.93 7.88
C VAL D 48 -27.66 4.44 7.95
N LEU D 49 -28.89 4.87 8.18
CA LEU D 49 -29.14 6.30 8.34
C LEU D 49 -28.41 6.83 9.55
N LYS D 50 -28.59 6.19 10.70
CA LYS D 50 -27.91 6.64 11.91
C LYS D 50 -26.39 6.60 11.76
N GLN D 51 -25.88 5.76 10.87
CA GLN D 51 -24.46 5.85 10.53
C GLN D 51 -24.16 7.14 9.79
N VAL D 52 -24.95 7.46 8.76
CA VAL D 52 -24.58 8.56 7.87
C VAL D 52 -25.18 9.90 8.26
N HIS D 53 -26.12 9.94 9.19
CA HIS D 53 -26.63 11.22 9.67
C HIS D 53 -27.18 11.09 11.08
N PRO D 54 -26.31 11.02 12.05
CA PRO D 54 -26.72 10.64 13.40
C PRO D 54 -27.84 11.47 14.01
N ASP D 55 -28.26 12.54 13.35
CA ASP D 55 -29.35 13.34 13.88
C ASP D 55 -30.57 13.41 13.00
N THR D 56 -30.51 12.92 11.77
CA THR D 56 -31.61 13.04 10.82
C THR D 56 -32.49 11.81 10.90
N GLY D 57 -33.78 12.01 11.14
CA GLY D 57 -34.73 10.93 11.13
C GLY D 57 -35.23 10.63 9.73
N ILE D 58 -36.21 9.75 9.65
CA ILE D 58 -36.77 9.38 8.36
C ILE D 58 -38.24 9.02 8.53
N SER D 59 -39.09 9.62 7.72
CA SER D 59 -40.52 9.52 7.89
C SER D 59 -41.04 8.24 7.27
N SER D 60 -42.12 7.71 7.85
CA SER D 60 -42.58 6.39 7.49
C SER D 60 -42.79 6.22 6.00
N LYS D 61 -43.17 7.28 5.30
CA LYS D 61 -43.34 7.16 3.86
C LYS D 61 -42.00 7.08 3.16
N ALA D 62 -41.03 7.90 3.56
CA ALA D 62 -39.70 7.72 3.00
C ALA D 62 -39.09 6.42 3.48
N MET D 63 -39.53 5.91 4.62
CA MET D 63 -39.13 4.58 5.02
C MET D 63 -39.62 3.56 4.01
N GLY D 64 -40.90 3.63 3.64
CA GLY D 64 -41.42 2.73 2.64
C GLY D 64 -40.72 2.87 1.31
N ILE D 65 -40.31 4.08 0.96
CA ILE D 65 -39.61 4.27 -0.30
C ILE D 65 -38.24 3.62 -0.27
N MET D 66 -37.48 3.85 0.81
CA MET D 66 -36.19 3.18 0.92
C MET D 66 -36.37 1.67 0.91
N ASN D 67 -37.47 1.21 1.51
CA ASN D 67 -37.73 -0.21 1.58
C ASN D 67 -37.96 -0.79 0.20
N SER D 68 -38.83 -0.16 -0.59
CA SER D 68 -39.06 -0.63 -1.94
C SER D 68 -37.84 -0.45 -2.82
N PHE D 69 -36.98 0.51 -2.50
CA PHE D 69 -35.76 0.66 -3.27
C PHE D 69 -34.82 -0.50 -3.03
N VAL D 70 -34.65 -0.87 -1.76
CA VAL D 70 -33.85 -2.05 -1.46
C VAL D 70 -34.41 -3.27 -2.16
N ASN D 71 -35.72 -3.47 -2.09
CA ASN D 71 -36.31 -4.63 -2.74
C ASN D 71 -36.09 -4.60 -4.24
N ASP D 72 -36.27 -3.44 -4.87
CA ASP D 72 -36.11 -3.35 -6.32
C ASP D 72 -34.67 -3.64 -6.73
N ILE D 73 -33.71 -3.02 -6.07
CA ILE D 73 -32.32 -3.21 -6.46
C ILE D 73 -31.89 -4.63 -6.19
N PHE D 74 -32.31 -5.20 -5.08
CA PHE D 74 -31.91 -6.57 -4.77
C PHE D 74 -32.53 -7.54 -5.76
N GLU D 75 -33.77 -7.31 -6.17
CA GLU D 75 -34.36 -8.19 -7.16
C GLU D 75 -33.69 -8.03 -8.51
N ARG D 76 -33.30 -6.81 -8.88
CA ARG D 76 -32.56 -6.65 -10.12
C ARG D 76 -31.24 -7.39 -10.09
N ILE D 77 -30.47 -7.20 -9.02
CA ILE D 77 -29.14 -7.79 -8.97
C ILE D 77 -29.23 -9.30 -8.93
N ALA D 78 -30.14 -9.84 -8.12
CA ALA D 78 -30.25 -11.28 -8.09
C ALA D 78 -30.79 -11.83 -9.39
N GLY D 79 -31.69 -11.11 -10.07
CA GLY D 79 -32.15 -11.59 -11.35
C GLY D 79 -31.06 -11.62 -12.38
N GLU D 80 -30.20 -10.61 -12.39
CA GLU D 80 -29.09 -10.62 -13.33
C GLU D 80 -28.05 -11.67 -12.94
N ALA D 81 -27.85 -11.90 -11.65
CA ALA D 81 -26.94 -12.95 -11.25
C ALA D 81 -27.46 -14.31 -11.68
N SER D 82 -28.77 -14.51 -11.56
CA SER D 82 -29.37 -15.75 -12.02
C SER D 82 -29.21 -15.92 -13.51
N ARG D 83 -29.42 -14.84 -14.26
CA ARG D 83 -29.26 -14.94 -15.70
C ARG D 83 -27.82 -15.24 -16.07
N LEU D 84 -26.86 -14.65 -15.35
CA LEU D 84 -25.46 -14.99 -15.59
C LEU D 84 -25.22 -16.47 -15.35
N ALA D 85 -25.65 -16.97 -14.19
CA ALA D 85 -25.43 -18.36 -13.86
C ALA D 85 -26.00 -19.27 -14.92
N HIS D 86 -27.26 -19.05 -15.31
CA HIS D 86 -27.86 -19.94 -16.30
C HIS D 86 -27.23 -19.78 -17.67
N TYR D 87 -26.70 -18.61 -17.95
CA TYR D 87 -26.06 -18.37 -19.24
C TYR D 87 -24.78 -19.18 -19.34
N ASN D 88 -24.07 -19.32 -18.23
CA ASN D 88 -22.84 -20.10 -18.23
C ASN D 88 -23.03 -21.50 -17.65
N LYS D 89 -24.27 -21.94 -17.50
CA LYS D 89 -24.56 -23.31 -17.08
C LYS D 89 -23.89 -23.63 -15.76
N ARG D 90 -24.04 -22.75 -14.80
CA ARG D 90 -23.62 -22.99 -13.43
C ARG D 90 -24.84 -23.06 -12.54
N SER D 91 -24.67 -23.66 -11.38
CA SER D 91 -25.77 -23.81 -10.45
C SER D 91 -25.55 -23.04 -9.15
N THR D 92 -24.58 -22.15 -9.11
CA THR D 92 -24.27 -21.40 -7.90
C THR D 92 -24.19 -19.93 -8.23
N ILE D 93 -24.87 -19.10 -7.44
CA ILE D 93 -24.69 -17.67 -7.49
C ILE D 93 -23.56 -17.35 -6.52
N THR D 94 -22.34 -17.23 -7.03
CA THR D 94 -21.22 -16.89 -6.17
C THR D 94 -20.97 -15.39 -6.24
N SER D 95 -19.96 -14.93 -5.51
CA SER D 95 -19.66 -13.51 -5.53
C SER D 95 -19.20 -13.05 -6.91
N ARG D 96 -18.75 -13.97 -7.74
CA ARG D 96 -18.42 -13.60 -9.12
C ARG D 96 -19.66 -13.13 -9.87
N GLU D 97 -20.76 -13.87 -9.74
CA GLU D 97 -21.98 -13.49 -10.44
C GLU D 97 -22.56 -12.23 -9.87
N ILE D 98 -22.53 -12.06 -8.54
CA ILE D 98 -23.05 -10.81 -7.98
C ILE D 98 -22.19 -9.64 -8.43
N GLN D 99 -20.90 -9.86 -8.56
CA GLN D 99 -20.03 -8.77 -9.01
C GLN D 99 -20.34 -8.38 -10.44
N THR D 100 -20.51 -9.36 -11.31
CA THR D 100 -20.83 -9.01 -12.68
C THR D 100 -22.23 -8.43 -12.80
N ALA D 101 -23.15 -8.84 -11.93
CA ALA D 101 -24.46 -8.22 -11.92
C ALA D 101 -24.35 -6.76 -11.54
N VAL D 102 -23.56 -6.44 -10.53
CA VAL D 102 -23.38 -5.05 -10.14
C VAL D 102 -22.72 -4.27 -11.26
N ARG D 103 -21.75 -4.86 -11.93
CA ARG D 103 -21.10 -4.15 -13.03
C ARG D 103 -22.00 -3.97 -14.21
N LEU D 104 -23.05 -4.77 -14.33
CA LEU D 104 -24.00 -4.60 -15.42
C LEU D 104 -25.09 -3.60 -15.09
N LEU D 105 -25.61 -3.62 -13.87
CA LEU D 105 -26.74 -2.76 -13.54
C LEU D 105 -26.31 -1.35 -13.21
N LEU D 106 -25.57 -1.19 -12.13
CA LEU D 106 -25.25 0.15 -11.66
C LEU D 106 -24.38 0.86 -12.69
N PRO D 107 -24.64 2.12 -12.97
CA PRO D 107 -23.83 2.84 -13.94
C PRO D 107 -22.42 3.09 -13.45
N GLY D 108 -21.60 3.74 -14.26
CA GLY D 108 -20.16 3.64 -14.13
C GLY D 108 -19.55 3.82 -12.76
N GLU D 109 -19.57 5.04 -12.24
CA GLU D 109 -18.88 5.28 -10.97
C GLU D 109 -19.57 4.55 -9.83
N LEU D 110 -20.89 4.55 -9.83
CA LEU D 110 -21.61 3.79 -8.83
C LEU D 110 -21.22 2.33 -8.89
N ALA D 111 -21.01 1.82 -10.10
CA ALA D 111 -20.62 0.42 -10.25
C ALA D 111 -19.26 0.19 -9.61
N LYS D 112 -18.28 1.02 -9.93
CA LYS D 112 -16.95 0.81 -9.40
C LYS D 112 -16.94 0.87 -7.88
N HIS D 113 -17.62 1.86 -7.31
CA HIS D 113 -17.59 1.98 -5.85
C HIS D 113 -18.36 0.86 -5.19
N ALA D 114 -19.45 0.41 -5.79
CA ALA D 114 -20.20 -0.70 -5.20
C ALA D 114 -19.41 -1.98 -5.26
N VAL D 115 -18.72 -2.22 -6.37
CA VAL D 115 -17.87 -3.41 -6.48
C VAL D 115 -16.79 -3.37 -5.43
N SER D 116 -16.17 -2.21 -5.22
CA SER D 116 -15.17 -2.11 -4.17
C SER D 116 -15.76 -2.43 -2.81
N GLU D 117 -16.93 -1.87 -2.51
CA GLU D 117 -17.55 -2.10 -1.21
C GLU D 117 -17.86 -3.57 -1.00
N GLY D 118 -18.36 -4.23 -2.04
CA GLY D 118 -18.69 -5.63 -1.90
C GLY D 118 -17.46 -6.51 -1.77
N THR D 119 -16.43 -6.24 -2.57
CA THR D 119 -15.18 -6.98 -2.42
C THR D 119 -14.64 -6.83 -1.01
N LYS D 120 -14.67 -5.61 -0.49
CA LYS D 120 -14.16 -5.39 0.86
C LYS D 120 -14.98 -6.16 1.89
N ALA D 121 -16.29 -6.18 1.74
CA ALA D 121 -17.10 -6.88 2.71
C ALA D 121 -16.86 -8.38 2.65
N VAL D 122 -16.86 -8.93 1.44
CA VAL D 122 -16.65 -10.35 1.25
C VAL D 122 -15.27 -10.73 1.76
N THR D 123 -14.27 -9.92 1.44
CA THR D 123 -12.91 -10.22 1.86
C THR D 123 -12.85 -10.26 3.38
N LYS D 124 -13.48 -9.28 4.03
CA LYS D 124 -13.52 -9.24 5.49
C LYS D 124 -14.22 -10.48 6.02
N TYR D 125 -15.30 -10.92 5.36
CA TYR D 125 -16.02 -12.12 5.77
C TYR D 125 -15.08 -13.32 5.70
N THR D 126 -14.25 -13.41 4.67
CA THR D 126 -13.27 -14.48 4.55
C THR D 126 -12.22 -14.38 5.65
N SER D 127 -11.87 -13.15 6.04
CA SER D 127 -10.89 -12.91 7.09
C SER D 127 -11.34 -13.44 8.44
N ALA D 128 -12.64 -13.68 8.64
CA ALA D 128 -13.07 -14.22 9.92
C ALA D 128 -13.18 -15.74 9.77
N LYS D 129 -13.83 -16.39 10.71
CA LYS D 129 -14.06 -17.83 10.61
C LYS D 129 -15.34 -18.23 11.33
N HIS E 43 -55.07 45.97 -10.05
CA HIS E 43 -54.09 46.01 -11.14
C HIS E 43 -54.24 44.78 -12.03
N ARG E 44 -53.18 44.46 -12.78
CA ARG E 44 -53.23 43.36 -13.74
C ARG E 44 -51.82 42.95 -14.06
N TYR E 45 -51.51 41.67 -13.90
CA TYR E 45 -50.20 41.15 -14.28
C TYR E 45 -50.15 40.90 -15.79
N ARG E 46 -48.99 41.17 -16.39
CA ARG E 46 -48.84 40.94 -17.81
C ARG E 46 -49.05 39.47 -18.11
N PRO E 47 -50.09 39.09 -18.85
CA PRO E 47 -50.39 37.67 -19.07
C PRO E 47 -49.17 36.87 -19.46
N GLY E 48 -48.88 35.84 -18.69
CA GLY E 48 -47.65 35.09 -18.83
C GLY E 48 -46.79 35.08 -17.58
N THR E 49 -47.15 35.81 -16.54
CA THR E 49 -46.40 35.77 -15.30
C THR E 49 -47.13 35.09 -14.16
N VAL E 50 -48.46 35.06 -14.18
CA VAL E 50 -49.15 34.19 -13.24
C VAL E 50 -48.84 32.74 -13.58
N ALA E 51 -48.55 32.46 -14.85
CA ALA E 51 -48.17 31.12 -15.24
C ALA E 51 -46.85 30.71 -14.60
N LEU E 52 -45.83 31.55 -14.71
CA LEU E 52 -44.55 31.20 -14.11
C LEU E 52 -44.68 31.06 -12.60
N ARG E 53 -45.53 31.88 -11.98
CA ARG E 53 -45.70 31.79 -10.55
C ARG E 53 -46.38 30.48 -10.17
N GLU E 54 -47.38 30.07 -10.95
CA GLU E 54 -48.01 28.77 -10.68
C GLU E 54 -47.04 27.63 -10.94
N ILE E 55 -46.18 27.76 -11.93
CA ILE E 55 -45.16 26.74 -12.16
C ILE E 55 -44.30 26.57 -10.92
N ARG E 56 -43.71 27.66 -10.46
CA ARG E 56 -42.89 27.56 -9.26
C ARG E 56 -43.70 27.04 -8.08
N ARG E 57 -44.98 27.37 -8.00
CA ARG E 57 -45.75 26.92 -6.85
C ARG E 57 -46.01 25.42 -6.91
N TYR E 58 -46.22 24.87 -8.10
CA TYR E 58 -46.52 23.45 -8.22
C TYR E 58 -45.29 22.59 -8.38
N GLN E 59 -44.13 23.19 -8.56
CA GLN E 59 -42.91 22.40 -8.53
C GLN E 59 -42.21 22.44 -7.17
N LYS E 60 -42.71 23.22 -6.23
CA LYS E 60 -42.30 23.10 -4.85
C LYS E 60 -43.19 22.13 -4.09
N SER E 61 -44.32 21.75 -4.65
CA SER E 61 -45.31 20.94 -3.97
C SER E 61 -45.16 19.48 -4.37
N THR E 62 -45.75 18.61 -3.55
CA THR E 62 -45.69 17.19 -3.80
C THR E 62 -47.08 16.57 -3.76
N GLU E 63 -48.00 17.19 -3.03
CA GLU E 63 -49.34 16.66 -2.90
C GLU E 63 -49.98 16.47 -4.28
N LEU E 64 -50.99 15.63 -4.33
CA LEU E 64 -51.55 15.20 -5.60
C LEU E 64 -52.38 16.30 -6.22
N LEU E 65 -52.30 16.40 -7.54
CA LEU E 65 -52.93 17.49 -8.26
C LEU E 65 -54.33 17.15 -8.73
N ILE E 66 -54.55 15.94 -9.21
CA ILE E 66 -55.90 15.54 -9.57
C ILE E 66 -56.66 15.27 -8.30
N ARG E 67 -57.95 15.59 -8.30
CA ARG E 67 -58.71 15.45 -7.09
C ARG E 67 -58.83 13.98 -6.73
N LYS E 68 -59.30 13.70 -5.52
CA LYS E 68 -59.34 12.31 -5.07
C LYS E 68 -60.60 11.57 -5.50
N LEU E 69 -61.77 12.09 -5.18
CA LEU E 69 -62.97 11.34 -5.55
C LEU E 69 -63.23 11.26 -7.04
N PRO E 70 -63.00 12.31 -7.84
CA PRO E 70 -63.15 12.12 -9.28
C PRO E 70 -62.26 11.01 -9.81
N PHE E 71 -61.02 10.95 -9.36
CA PHE E 71 -60.13 9.90 -9.82
C PHE E 71 -60.58 8.55 -9.33
N GLN E 72 -61.10 8.49 -8.11
CA GLN E 72 -61.57 7.21 -7.59
C GLN E 72 -62.75 6.71 -8.41
N ARG E 73 -63.68 7.59 -8.75
CA ARG E 73 -64.79 7.18 -9.58
C ARG E 73 -64.33 6.81 -10.98
N LEU E 74 -63.30 7.48 -11.49
CA LEU E 74 -62.77 7.09 -12.79
C LEU E 74 -62.20 5.68 -12.75
N VAL E 75 -61.42 5.38 -11.72
CA VAL E 75 -60.84 4.05 -11.60
C VAL E 75 -61.92 3.00 -11.48
N ARG E 76 -62.93 3.25 -10.65
CA ARG E 76 -63.98 2.26 -10.50
C ARG E 76 -64.75 2.07 -11.79
N GLU E 77 -65.01 3.15 -12.53
CA GLU E 77 -65.70 2.99 -13.81
C GLU E 77 -64.87 2.17 -14.77
N ILE E 78 -63.57 2.44 -14.85
CA ILE E 78 -62.75 1.73 -15.81
C ILE E 78 -62.58 0.28 -15.41
N ALA E 79 -62.57 -0.02 -14.12
CA ALA E 79 -62.50 -1.41 -13.70
C ALA E 79 -63.85 -2.11 -13.79
N GLN E 80 -64.93 -1.35 -13.94
CA GLN E 80 -66.22 -1.97 -14.19
C GLN E 80 -66.25 -2.74 -15.51
N ASP E 81 -65.35 -2.43 -16.42
CA ASP E 81 -65.35 -3.05 -17.74
C ASP E 81 -64.42 -4.24 -17.83
N PHE E 82 -63.88 -4.69 -16.71
CA PHE E 82 -62.99 -5.85 -16.71
C PHE E 82 -63.48 -6.97 -15.82
N LYS E 83 -63.99 -6.65 -14.64
CA LYS E 83 -64.62 -7.65 -13.79
C LYS E 83 -65.60 -6.93 -12.89
N THR E 84 -66.89 -7.19 -13.09
CA THR E 84 -67.90 -6.46 -12.34
C THR E 84 -67.77 -6.71 -10.84
N ASP E 85 -68.29 -5.77 -10.07
CA ASP E 85 -68.35 -5.88 -8.62
C ASP E 85 -66.95 -6.08 -8.03
N LEU E 86 -66.04 -5.18 -8.38
CA LEU E 86 -64.71 -5.22 -7.80
C LEU E 86 -64.70 -4.45 -6.48
N ARG E 87 -63.54 -4.47 -5.85
CA ARG E 87 -63.29 -3.66 -4.67
C ARG E 87 -61.90 -3.11 -4.80
N PHE E 88 -61.62 -2.02 -4.09
CA PHE E 88 -60.33 -1.37 -4.22
C PHE E 88 -59.83 -1.00 -2.84
N GLN E 89 -58.71 -1.59 -2.45
CA GLN E 89 -58.02 -1.11 -1.28
C GLN E 89 -57.67 0.35 -1.49
N SER E 90 -58.05 1.20 -0.54
CA SER E 90 -57.83 2.63 -0.70
C SER E 90 -56.41 2.93 -1.10
N SER E 91 -55.45 2.18 -0.56
CA SER E 91 -54.07 2.38 -0.95
C SER E 91 -53.86 2.08 -2.43
N ALA E 92 -54.63 1.17 -3.00
CA ALA E 92 -54.45 0.86 -4.41
C ALA E 92 -54.94 2.00 -5.28
N VAL E 93 -56.03 2.64 -4.89
CA VAL E 93 -56.46 3.82 -5.62
C VAL E 93 -55.41 4.92 -5.51
N MET E 94 -54.85 5.10 -4.31
CA MET E 94 -53.81 6.10 -4.15
C MET E 94 -52.62 5.81 -5.05
N ALA E 95 -52.25 4.53 -5.18
CA ALA E 95 -51.10 4.21 -6.00
C ALA E 95 -51.41 4.41 -7.48
N LEU E 96 -52.62 4.07 -7.90
CA LEU E 96 -53.02 4.38 -9.26
C LEU E 96 -52.91 5.87 -9.52
N GLN E 97 -53.28 6.67 -8.54
CA GLN E 97 -53.24 8.12 -8.73
C GLN E 97 -51.81 8.62 -8.82
N GLU E 98 -50.93 8.13 -7.95
CA GLU E 98 -49.53 8.52 -8.03
C GLU E 98 -48.94 8.16 -9.38
N ALA E 99 -49.22 6.94 -9.84
CA ALA E 99 -48.70 6.52 -11.13
C ALA E 99 -49.21 7.41 -12.24
N CYS E 100 -50.52 7.68 -12.24
CA CYS E 100 -51.10 8.45 -13.33
C CYS E 100 -50.61 9.88 -13.32
N GLU E 101 -50.43 10.46 -12.14
CA GLU E 101 -49.96 11.83 -12.10
C GLU E 101 -48.50 11.92 -12.50
N ALA E 102 -47.67 10.98 -12.07
CA ALA E 102 -46.29 10.99 -12.54
C ALA E 102 -46.23 10.80 -14.05
N TYR E 103 -47.09 9.94 -14.59
CA TYR E 103 -47.10 9.73 -16.02
C TYR E 103 -47.47 11.00 -16.75
N LEU E 104 -48.54 11.65 -16.32
CA LEU E 104 -48.99 12.86 -17.01
C LEU E 104 -47.98 13.98 -16.88
N VAL E 105 -47.35 14.12 -15.72
CA VAL E 105 -46.33 15.14 -15.54
C VAL E 105 -45.18 14.91 -16.50
N GLY E 106 -44.72 13.66 -16.63
CA GLY E 106 -43.67 13.38 -17.58
C GLY E 106 -44.07 13.66 -19.00
N LEU E 107 -45.31 13.28 -19.35
CA LEU E 107 -45.79 13.52 -20.69
C LEU E 107 -45.82 15.00 -21.00
N PHE E 108 -46.19 15.82 -20.03
CA PHE E 108 -46.25 17.26 -20.28
C PHE E 108 -44.88 17.87 -20.34
N GLU E 109 -43.90 17.34 -19.59
CA GLU E 109 -42.53 17.80 -19.78
C GLU E 109 -42.08 17.56 -21.22
N ASP E 110 -42.23 16.33 -21.71
CA ASP E 110 -41.81 16.04 -23.08
C ASP E 110 -42.64 16.79 -24.11
N THR E 111 -43.91 17.01 -23.81
CA THR E 111 -44.75 17.79 -24.71
C THR E 111 -44.29 19.22 -24.80
N ASN E 112 -43.97 19.82 -23.66
CA ASN E 112 -43.43 21.16 -23.66
C ASN E 112 -42.15 21.23 -24.46
N LEU E 113 -41.33 20.19 -24.36
CA LEU E 113 -40.12 20.17 -25.18
C LEU E 113 -40.46 20.18 -26.66
N CYS E 114 -41.43 19.39 -27.07
CA CYS E 114 -41.81 19.39 -28.48
C CYS E 114 -42.30 20.77 -28.91
N ALA E 115 -43.15 21.39 -28.10
CA ALA E 115 -43.70 22.70 -28.45
C ALA E 115 -42.59 23.73 -28.56
N ILE E 116 -41.73 23.83 -27.56
CA ILE E 116 -40.59 24.72 -27.62
C ILE E 116 -39.76 24.43 -28.86
N HIS E 117 -39.67 23.17 -29.25
CA HIS E 117 -38.90 22.83 -30.42
C HIS E 117 -39.54 23.37 -31.68
N ALA E 118 -40.86 23.48 -31.72
CA ALA E 118 -41.49 24.00 -32.92
C ALA E 118 -41.54 25.51 -32.96
N LYS E 119 -40.76 26.19 -32.13
CA LYS E 119 -40.72 27.64 -31.94
C LYS E 119 -41.93 28.18 -31.19
N ARG E 120 -42.90 27.35 -30.85
CA ARG E 120 -44.09 27.83 -30.17
C ARG E 120 -43.84 27.89 -28.67
N VAL E 121 -44.85 28.33 -27.92
CA VAL E 121 -44.83 28.23 -26.48
C VAL E 121 -46.05 27.50 -25.94
N THR E 122 -47.15 27.47 -26.66
CA THR E 122 -48.35 26.78 -26.21
C THR E 122 -48.26 25.33 -26.63
N ILE E 123 -48.36 24.42 -25.68
CA ILE E 123 -48.44 23.02 -26.04
C ILE E 123 -49.77 22.75 -26.72
N MET E 124 -49.71 22.14 -27.88
CA MET E 124 -50.87 21.83 -28.69
C MET E 124 -51.08 20.34 -28.74
N PRO E 125 -52.19 19.87 -29.31
CA PRO E 125 -52.38 18.41 -29.38
C PRO E 125 -51.26 17.72 -30.13
N LYS E 126 -50.91 18.21 -31.32
CA LYS E 126 -49.86 17.54 -32.08
C LYS E 126 -48.58 17.41 -31.28
N ASP E 127 -48.37 18.27 -30.29
CA ASP E 127 -47.22 18.10 -29.42
C ASP E 127 -47.35 16.81 -28.61
N ILE E 128 -48.49 16.59 -27.97
CA ILE E 128 -48.68 15.37 -27.20
C ILE E 128 -48.59 14.16 -28.12
N GLN E 129 -49.18 14.26 -29.31
CA GLN E 129 -49.14 13.12 -30.22
C GLN E 129 -47.71 12.81 -30.63
N LEU E 130 -46.89 13.82 -30.87
CA LEU E 130 -45.51 13.56 -31.23
C LEU E 130 -44.73 12.99 -30.05
N ALA E 131 -44.93 13.53 -28.86
CA ALA E 131 -44.21 13.00 -27.70
C ALA E 131 -44.54 11.53 -27.49
N ARG E 132 -45.81 11.17 -27.64
CA ARG E 132 -46.16 9.77 -27.44
C ARG E 132 -45.67 8.91 -28.58
N ARG E 133 -45.72 9.41 -29.81
CA ARG E 133 -45.23 8.64 -30.94
C ARG E 133 -43.74 8.41 -30.87
N ILE E 134 -43.01 9.25 -30.15
CA ILE E 134 -41.58 9.02 -30.02
C ILE E 134 -41.27 8.15 -28.80
N ARG E 135 -41.93 8.38 -27.68
CA ARG E 135 -41.72 7.46 -26.56
C ARG E 135 -42.19 6.07 -26.90
N GLY E 136 -42.99 5.91 -27.95
CA GLY E 136 -43.40 4.61 -28.41
C GLY E 136 -44.62 4.10 -27.67
N GLU E 137 -45.69 4.88 -27.66
CA GLU E 137 -46.87 4.51 -26.91
C GLU E 137 -48.08 4.22 -27.78
N ARG E 138 -48.23 4.91 -28.90
CA ARG E 138 -49.22 4.55 -29.90
C ARG E 138 -48.64 4.82 -31.28
N ALA E 139 -49.26 4.22 -32.29
CA ALA E 139 -48.78 4.34 -33.66
C ALA E 139 -48.97 5.75 -34.19
N ASN F 29 -67.88 10.28 -17.07
CA ASN F 29 -67.26 10.35 -15.76
C ASN F 29 -65.77 10.63 -15.84
N ILE F 30 -65.21 10.49 -17.04
CA ILE F 30 -63.83 10.91 -17.24
C ILE F 30 -63.70 12.40 -17.04
N GLN F 31 -64.79 13.15 -17.24
CA GLN F 31 -64.77 14.58 -17.04
C GLN F 31 -64.42 14.99 -15.62
N GLY F 32 -64.39 14.04 -14.69
CA GLY F 32 -63.92 14.38 -13.35
C GLY F 32 -62.52 14.90 -13.34
N ILE F 33 -61.72 14.55 -14.34
CA ILE F 33 -60.41 15.15 -14.48
C ILE F 33 -60.64 16.51 -15.09
N THR F 34 -60.88 17.49 -14.23
CA THR F 34 -61.37 18.78 -14.65
C THR F 34 -60.32 19.55 -15.41
N LYS F 35 -60.75 20.60 -16.09
CA LYS F 35 -59.81 21.44 -16.82
C LYS F 35 -58.74 22.04 -15.92
N PRO F 36 -59.06 22.59 -14.76
CA PRO F 36 -57.98 23.10 -13.90
C PRO F 36 -57.03 22.03 -13.42
N ALA F 37 -57.48 20.77 -13.26
CA ALA F 37 -56.56 19.76 -12.77
C ALA F 37 -55.53 19.41 -13.83
N ILE F 38 -55.96 19.28 -15.08
CA ILE F 38 -55.00 19.09 -16.15
C ILE F 38 -54.09 20.31 -16.26
N ARG F 39 -54.64 21.49 -16.02
CA ARG F 39 -53.80 22.67 -16.02
C ARG F 39 -52.72 22.57 -14.95
N ARG F 40 -53.09 22.09 -13.76
CA ARG F 40 -52.11 22.00 -12.68
C ARG F 40 -51.05 20.95 -13.00
N LEU F 41 -51.45 19.83 -13.57
CA LEU F 41 -50.48 18.84 -13.99
C LEU F 41 -49.51 19.44 -15.00
N ALA F 42 -50.02 20.25 -15.92
CA ALA F 42 -49.13 20.82 -16.91
C ALA F 42 -48.21 21.87 -16.31
N ARG F 43 -48.72 22.65 -15.36
CA ARG F 43 -47.86 23.57 -14.63
C ARG F 43 -46.71 22.82 -14.01
N ARG F 44 -47.02 21.80 -13.22
CA ARG F 44 -45.94 21.03 -12.62
C ARG F 44 -44.99 20.51 -13.68
N GLY F 45 -45.52 20.13 -14.82
CA GLY F 45 -44.63 19.70 -15.87
C GLY F 45 -43.76 20.79 -16.45
N GLY F 46 -44.07 22.04 -16.15
CA GLY F 46 -43.31 23.14 -16.72
C GLY F 46 -43.94 23.79 -17.91
N VAL F 47 -45.19 23.46 -18.21
CA VAL F 47 -45.87 24.02 -19.37
C VAL F 47 -46.31 25.43 -19.05
N LYS F 48 -45.96 26.37 -19.92
CA LYS F 48 -46.29 27.76 -19.62
C LYS F 48 -47.65 28.16 -20.13
N ARG F 49 -47.95 27.86 -21.39
CA ARG F 49 -49.20 28.26 -22.02
C ARG F 49 -49.84 27.02 -22.61
N ILE F 50 -51.12 26.81 -22.33
CA ILE F 50 -51.81 25.58 -22.69
C ILE F 50 -52.86 25.87 -23.73
N SER F 51 -52.87 25.11 -24.80
CA SER F 51 -53.90 25.29 -25.80
C SER F 51 -55.24 24.85 -25.23
N GLY F 52 -56.26 24.89 -26.08
CA GLY F 52 -57.59 24.58 -25.61
C GLY F 52 -57.96 23.13 -25.84
N LEU F 53 -57.35 22.51 -26.82
CA LEU F 53 -57.62 21.12 -27.12
C LEU F 53 -56.76 20.17 -26.30
N ILE F 54 -55.79 20.67 -25.55
CA ILE F 54 -54.95 19.81 -24.73
C ILE F 54 -55.80 19.05 -23.73
N TYR F 55 -56.92 19.62 -23.31
CA TYR F 55 -57.71 18.97 -22.27
C TYR F 55 -58.33 17.67 -22.76
N GLU F 56 -58.97 17.69 -23.92
CA GLU F 56 -59.56 16.45 -24.44
C GLU F 56 -58.49 15.41 -24.73
N GLU F 57 -57.38 15.83 -25.34
CA GLU F 57 -56.31 14.89 -25.62
C GLU F 57 -55.76 14.29 -24.34
N THR F 58 -55.65 15.09 -23.28
CA THR F 58 -55.08 14.57 -22.04
C THR F 58 -56.05 13.64 -21.34
N ARG F 59 -57.33 13.93 -21.40
CA ARG F 59 -58.30 12.96 -20.89
C ARG F 59 -58.18 11.64 -21.63
N GLY F 60 -58.02 11.68 -22.96
CA GLY F 60 -57.85 10.46 -23.70
C GLY F 60 -56.60 9.70 -23.31
N VAL F 61 -55.48 10.40 -23.19
CA VAL F 61 -54.22 9.77 -22.82
C VAL F 61 -54.33 9.12 -21.46
N LEU F 62 -54.91 9.84 -20.51
CA LEU F 62 -55.06 9.30 -19.17
C LEU F 62 -55.94 8.08 -19.16
N LYS F 63 -57.03 8.10 -19.93
CA LYS F 63 -57.90 6.94 -19.95
C LYS F 63 -57.18 5.74 -20.53
N VAL F 64 -56.36 5.93 -21.55
CA VAL F 64 -55.60 4.82 -22.12
C VAL F 64 -54.66 4.24 -21.07
N PHE F 65 -53.88 5.10 -20.42
CA PHE F 65 -52.94 4.62 -19.42
C PHE F 65 -53.65 3.88 -18.31
N LEU F 66 -54.77 4.42 -17.85
CA LEU F 66 -55.49 3.76 -16.76
C LEU F 66 -56.08 2.45 -17.22
N GLU F 67 -56.58 2.39 -18.45
CA GLU F 67 -57.07 1.12 -18.97
C GLU F 67 -56.00 0.06 -18.87
N ASN F 68 -54.81 0.36 -19.37
CA ASN F 68 -53.74 -0.65 -19.34
C ASN F 68 -53.40 -1.05 -17.91
N VAL F 69 -53.18 -0.07 -17.04
CA VAL F 69 -52.70 -0.41 -15.71
C VAL F 69 -53.76 -1.14 -14.92
N ILE F 70 -55.01 -0.70 -15.00
CA ILE F 70 -56.05 -1.37 -14.24
C ILE F 70 -56.34 -2.73 -14.85
N ARG F 71 -56.16 -2.90 -16.15
CA ARG F 71 -56.33 -4.22 -16.73
C ARG F 71 -55.34 -5.19 -16.12
N ASP F 72 -54.07 -4.79 -16.03
CA ASP F 72 -53.10 -5.70 -15.43
C ASP F 72 -53.36 -5.90 -13.94
N ALA F 73 -53.78 -4.85 -13.25
CA ALA F 73 -54.07 -5.02 -11.83
C ALA F 73 -55.19 -6.00 -11.62
N VAL F 74 -56.26 -5.89 -12.41
CA VAL F 74 -57.37 -6.80 -12.27
C VAL F 74 -56.96 -8.19 -12.70
N THR F 75 -56.01 -8.32 -13.62
CA THR F 75 -55.56 -9.65 -14.00
C THR F 75 -54.85 -10.32 -12.83
N TYR F 76 -53.90 -9.62 -12.22
CA TYR F 76 -53.23 -10.17 -11.05
C TYR F 76 -54.23 -10.51 -9.96
N THR F 77 -55.23 -9.65 -9.78
CA THR F 77 -56.22 -9.89 -8.74
C THR F 77 -57.02 -11.14 -9.02
N GLU F 78 -57.64 -11.21 -10.20
CA GLU F 78 -58.38 -12.40 -10.58
C GLU F 78 -57.54 -13.65 -10.42
N HIS F 79 -56.26 -13.57 -10.77
CA HIS F 79 -55.43 -14.76 -10.63
C HIS F 79 -55.17 -15.10 -9.18
N ALA F 80 -55.16 -14.12 -8.30
CA ALA F 80 -55.00 -14.47 -6.90
C ALA F 80 -56.29 -14.94 -6.27
N LYS F 81 -57.36 -15.05 -7.05
CA LYS F 81 -58.67 -15.46 -6.56
C LYS F 81 -59.15 -14.56 -5.44
N ARG F 82 -58.89 -13.26 -5.58
CA ARG F 82 -59.37 -12.25 -4.66
C ARG F 82 -60.44 -11.42 -5.34
N LYS F 83 -60.98 -10.45 -4.61
CA LYS F 83 -61.93 -9.53 -5.20
C LYS F 83 -61.64 -8.08 -4.84
N THR F 84 -60.50 -7.79 -4.21
CA THR F 84 -60.13 -6.43 -3.87
C THR F 84 -58.77 -6.16 -4.47
N VAL F 85 -58.72 -5.33 -5.50
CA VAL F 85 -57.46 -4.89 -6.07
C VAL F 85 -56.65 -4.22 -4.98
N THR F 86 -55.54 -4.83 -4.59
CA THR F 86 -54.73 -4.28 -3.52
C THR F 86 -53.56 -3.50 -4.08
N ALA F 87 -52.86 -2.81 -3.19
CA ALA F 87 -51.78 -1.93 -3.62
C ALA F 87 -50.70 -2.71 -4.34
N MET F 88 -50.40 -3.91 -3.86
CA MET F 88 -49.35 -4.69 -4.51
C MET F 88 -49.73 -5.06 -5.92
N ASP F 89 -51.03 -5.22 -6.19
CA ASP F 89 -51.43 -5.51 -7.55
C ASP F 89 -51.14 -4.36 -8.48
N VAL F 90 -51.43 -3.13 -8.06
CA VAL F 90 -51.16 -2.00 -8.92
C VAL F 90 -49.66 -1.77 -9.05
N VAL F 91 -48.92 -1.99 -7.97
CA VAL F 91 -47.47 -1.86 -8.06
C VAL F 91 -46.91 -2.84 -9.07
N TYR F 92 -47.38 -4.08 -9.04
CA TYR F 92 -46.91 -5.06 -10.00
C TYR F 92 -47.34 -4.70 -11.40
N ALA F 93 -48.56 -4.21 -11.56
CA ALA F 93 -49.04 -3.83 -12.88
C ALA F 93 -48.16 -2.75 -13.48
N LEU F 94 -47.80 -1.76 -12.66
CA LEU F 94 -46.96 -0.70 -13.16
C LEU F 94 -45.56 -1.20 -13.45
N LYS F 95 -45.03 -2.08 -12.60
CA LYS F 95 -43.71 -2.65 -12.88
C LYS F 95 -43.74 -3.39 -14.20
N ARG F 96 -44.84 -4.06 -14.50
CA ARG F 96 -44.94 -4.81 -15.74
C ARG F 96 -45.04 -3.87 -16.93
N GLN F 97 -45.70 -2.73 -16.78
CA GLN F 97 -45.66 -1.73 -17.84
C GLN F 97 -44.29 -1.10 -17.99
N GLY F 98 -43.43 -1.25 -17.01
CA GLY F 98 -42.14 -0.60 -17.05
C GLY F 98 -42.10 0.75 -16.40
N ARG F 99 -42.88 0.95 -15.33
CA ARG F 99 -42.99 2.23 -14.66
C ARG F 99 -42.93 2.03 -13.15
N THR F 100 -41.92 1.30 -12.69
CA THR F 100 -41.81 0.90 -11.29
C THR F 100 -42.19 2.03 -10.35
N LEU F 101 -42.89 1.69 -9.28
CA LEU F 101 -43.47 2.69 -8.40
C LEU F 101 -43.09 2.37 -6.96
N TYR F 102 -42.19 3.16 -6.40
CA TYR F 102 -41.75 2.94 -5.04
C TYR F 102 -42.75 3.55 -4.07
N GLY F 103 -43.10 2.81 -3.04
CA GLY F 103 -43.78 3.46 -1.94
C GLY F 103 -45.02 2.78 -1.43
N PHE F 104 -45.30 1.58 -1.89
CA PHE F 104 -46.53 0.91 -1.50
C PHE F 104 -46.25 -0.53 -1.12
N GLY F 105 -45.25 -0.72 -0.27
CA GLY F 105 -44.95 -2.03 0.25
C GLY F 105 -44.42 -3.00 -0.78
N GLY F 106 -43.78 -2.51 -1.83
CA GLY F 106 -43.30 -3.34 -2.92
C GLY F 106 -42.45 -4.54 -2.52
N ALA G 18 -51.22 -43.09 -28.03
CA ALA G 18 -50.18 -42.12 -28.34
C ALA G 18 -49.10 -42.13 -27.26
N LYS G 19 -47.84 -42.23 -27.67
CA LYS G 19 -46.76 -42.28 -26.70
C LYS G 19 -46.38 -40.89 -26.23
N THR G 20 -45.86 -40.06 -27.13
CA THR G 20 -45.28 -38.79 -26.73
C THR G 20 -46.36 -37.80 -26.37
N ARG G 21 -46.08 -36.99 -25.34
CA ARG G 21 -47.08 -36.07 -24.82
C ARG G 21 -47.53 -35.07 -25.86
N SER G 22 -46.64 -34.71 -26.79
CA SER G 22 -47.02 -33.76 -27.83
C SER G 22 -48.19 -34.31 -28.65
N SER G 23 -48.08 -35.54 -29.13
CA SER G 23 -49.16 -36.09 -29.94
C SER G 23 -50.40 -36.32 -29.09
N ARG G 24 -50.23 -36.59 -27.81
CA ARG G 24 -51.38 -36.76 -26.94
C ARG G 24 -52.11 -35.45 -26.74
N ALA G 25 -51.42 -34.33 -26.86
CA ALA G 25 -52.04 -33.03 -26.69
C ALA G 25 -52.44 -32.38 -28.01
N GLY G 26 -52.27 -33.06 -29.13
CA GLY G 26 -52.66 -32.49 -30.39
C GLY G 26 -51.79 -31.35 -30.88
N LEU G 27 -50.67 -31.09 -30.21
CA LEU G 27 -49.79 -30.01 -30.60
C LEU G 27 -48.79 -30.50 -31.63
N GLN G 28 -47.85 -29.62 -31.97
CA GLN G 28 -46.63 -30.01 -32.66
C GLN G 28 -45.39 -29.60 -31.92
N PHE G 29 -45.48 -28.65 -31.02
CA PHE G 29 -44.30 -28.28 -30.27
C PHE G 29 -44.03 -29.31 -29.18
N PRO G 30 -42.79 -29.48 -28.80
CA PRO G 30 -42.43 -30.59 -27.92
C PRO G 30 -42.84 -30.30 -26.49
N VAL G 31 -43.90 -30.96 -26.03
CA VAL G 31 -44.30 -30.78 -24.64
C VAL G 31 -43.18 -31.19 -23.72
N GLY G 32 -42.41 -32.22 -24.10
CA GLY G 32 -41.36 -32.69 -23.22
C GLY G 32 -40.21 -31.72 -23.11
N ARG G 33 -39.77 -31.18 -24.23
CA ARG G 33 -38.69 -30.21 -24.19
C ARG G 33 -39.10 -28.98 -23.39
N VAL G 34 -40.34 -28.55 -23.56
CA VAL G 34 -40.82 -27.40 -22.80
C VAL G 34 -40.87 -27.72 -21.33
N HIS G 35 -41.27 -28.94 -20.96
CA HIS G 35 -41.27 -29.31 -19.55
C HIS G 35 -39.85 -29.27 -18.99
N ARG G 36 -38.89 -29.77 -19.74
CA ARG G 36 -37.52 -29.73 -19.26
C ARG G 36 -37.05 -28.29 -19.08
N LEU G 37 -37.28 -27.45 -20.08
CA LEU G 37 -36.86 -26.07 -19.98
C LEU G 37 -37.53 -25.37 -18.81
N LEU G 38 -38.77 -25.70 -18.49
CA LEU G 38 -39.38 -25.10 -17.30
C LEU G 38 -38.77 -25.64 -16.02
N ARG G 39 -38.29 -26.87 -16.04
CA ARG G 39 -37.70 -27.40 -14.81
C ARG G 39 -36.28 -26.89 -14.62
N LYS G 40 -35.40 -27.17 -15.56
CA LYS G 40 -34.03 -26.70 -15.40
C LYS G 40 -33.90 -25.27 -15.89
N GLY G 41 -34.80 -24.42 -15.46
CA GLY G 41 -34.71 -23.01 -15.78
C GLY G 41 -34.85 -22.22 -14.51
N ASN G 42 -35.19 -22.94 -13.44
CA ASN G 42 -35.39 -22.36 -12.13
C ASN G 42 -36.41 -21.24 -12.20
N TYR G 43 -37.61 -21.60 -12.63
CA TYR G 43 -38.75 -20.72 -12.53
C TYR G 43 -39.63 -21.04 -11.34
N SER G 44 -39.50 -22.24 -10.78
CA SER G 44 -40.29 -22.64 -9.63
C SER G 44 -39.81 -24.01 -9.20
N GLU G 45 -40.04 -24.31 -7.92
CA GLU G 45 -39.64 -25.61 -7.41
C GLU G 45 -40.34 -26.73 -8.16
N ARG G 46 -41.58 -26.52 -8.55
CA ARG G 46 -42.36 -27.55 -9.19
C ARG G 46 -43.00 -27.02 -10.46
N VAL G 47 -43.43 -27.93 -11.32
CA VAL G 47 -44.02 -27.58 -12.59
C VAL G 47 -45.20 -28.52 -12.82
N GLY G 48 -46.40 -27.96 -12.79
CA GLY G 48 -47.59 -28.80 -12.88
C GLY G 48 -47.65 -29.56 -14.19
N ALA G 49 -48.50 -30.59 -14.20
CA ALA G 49 -48.59 -31.45 -15.36
C ALA G 49 -49.02 -30.66 -16.58
N GLY G 50 -50.04 -29.83 -16.44
CA GLY G 50 -50.59 -29.14 -17.58
C GLY G 50 -49.86 -27.90 -18.01
N ALA G 51 -48.86 -27.45 -17.23
CA ALA G 51 -48.18 -26.22 -17.59
C ALA G 51 -47.37 -26.36 -18.88
N PRO G 52 -46.59 -27.41 -19.08
CA PRO G 52 -45.91 -27.54 -20.36
C PRO G 52 -46.87 -27.67 -21.51
N VAL G 53 -47.96 -28.41 -21.34
CA VAL G 53 -48.94 -28.54 -22.41
C VAL G 53 -49.44 -27.16 -22.81
N TYR G 54 -49.91 -26.39 -21.83
CA TYR G 54 -50.44 -25.08 -22.11
C TYR G 54 -49.39 -24.19 -22.77
N LEU G 55 -48.18 -24.17 -22.22
CA LEU G 55 -47.17 -23.25 -22.74
C LEU G 55 -46.76 -23.63 -24.15
N ALA G 56 -46.69 -24.92 -24.44
CA ALA G 56 -46.37 -25.32 -25.80
C ALA G 56 -47.52 -25.01 -26.74
N ALA G 57 -48.75 -25.10 -26.28
CA ALA G 57 -49.86 -24.71 -27.15
C ALA G 57 -49.79 -23.23 -27.47
N VAL G 58 -49.46 -22.41 -26.49
CA VAL G 58 -49.38 -20.98 -26.73
C VAL G 58 -48.23 -20.67 -27.68
N LEU G 59 -47.07 -21.29 -27.47
CA LEU G 59 -45.96 -21.09 -28.38
C LEU G 59 -46.33 -21.50 -29.79
N GLU G 60 -47.03 -22.62 -29.92
CA GLU G 60 -47.40 -23.09 -31.24
C GLU G 60 -48.36 -22.13 -31.91
N TYR G 61 -49.31 -21.60 -31.14
CA TYR G 61 -50.24 -20.64 -31.75
C TYR G 61 -49.51 -19.40 -32.22
N LEU G 62 -48.62 -18.86 -31.38
CA LEU G 62 -47.94 -17.63 -31.77
C LEU G 62 -47.06 -17.85 -32.99
N THR G 63 -46.33 -18.96 -33.04
CA THR G 63 -45.50 -19.18 -34.20
C THR G 63 -46.33 -19.51 -35.42
N ALA G 64 -47.50 -20.11 -35.25
CA ALA G 64 -48.36 -20.34 -36.40
C ALA G 64 -48.89 -19.04 -36.95
N GLU G 65 -49.24 -18.10 -36.07
CA GLU G 65 -49.70 -16.81 -36.53
C GLU G 65 -48.61 -16.07 -37.30
N ILE G 66 -47.40 -16.03 -36.73
CA ILE G 66 -46.32 -15.31 -37.40
C ILE G 66 -45.99 -15.96 -38.72
N LEU G 67 -45.94 -17.28 -38.77
CA LEU G 67 -45.61 -17.95 -40.02
C LEU G 67 -46.72 -17.80 -41.04
N GLU G 68 -47.97 -17.76 -40.60
CA GLU G 68 -49.07 -17.53 -41.54
C GLU G 68 -48.96 -16.17 -42.18
N LEU G 69 -48.80 -15.13 -41.36
CA LEU G 69 -48.68 -13.79 -41.91
C LEU G 69 -47.45 -13.67 -42.79
N ALA G 70 -46.34 -14.30 -42.39
CA ALA G 70 -45.13 -14.21 -43.19
C ALA G 70 -45.31 -14.92 -44.52
N GLY G 71 -45.96 -16.08 -44.51
CA GLY G 71 -46.21 -16.76 -45.76
C GLY G 71 -47.06 -15.92 -46.69
N ASN G 72 -48.06 -15.24 -46.14
CA ASN G 72 -48.85 -14.35 -46.99
C ASN G 72 -48.00 -13.23 -47.55
N ALA G 73 -47.16 -12.62 -46.71
CA ALA G 73 -46.28 -11.57 -47.21
C ALA G 73 -45.36 -12.09 -48.30
N ALA G 74 -44.96 -13.35 -48.21
CA ALA G 74 -44.11 -13.95 -49.24
C ALA G 74 -44.90 -14.16 -50.52
N ARG G 75 -46.10 -14.72 -50.39
CA ARG G 75 -46.95 -14.93 -51.55
C ARG G 75 -47.28 -13.61 -52.25
N ASP G 76 -47.27 -12.51 -51.52
CA ASP G 76 -47.48 -11.22 -52.15
C ASP G 76 -46.37 -10.91 -53.14
N ASN G 77 -45.11 -10.99 -52.70
CA ASN G 77 -43.99 -10.70 -53.57
C ASN G 77 -43.66 -11.84 -54.52
N LYS G 78 -44.55 -12.83 -54.65
CA LYS G 78 -44.40 -13.92 -55.61
C LYS G 78 -43.14 -14.73 -55.38
N LYS G 79 -42.68 -14.81 -54.15
CA LYS G 79 -41.59 -15.68 -53.78
C LYS G 79 -42.13 -16.88 -53.02
N THR G 80 -41.28 -17.88 -52.85
CA THR G 80 -41.70 -19.13 -52.22
C THR G 80 -41.05 -19.34 -50.87
N ARG G 81 -40.01 -18.61 -50.53
CA ARG G 81 -39.27 -18.81 -49.30
C ARG G 81 -39.45 -17.63 -48.37
N ILE G 82 -39.84 -17.90 -47.14
CA ILE G 82 -39.93 -16.87 -46.12
C ILE G 82 -38.52 -16.46 -45.71
N ILE G 83 -38.04 -15.32 -46.19
CA ILE G 83 -36.77 -14.77 -45.77
C ILE G 83 -37.02 -13.89 -44.55
N PRO G 84 -36.02 -13.27 -43.92
CA PRO G 84 -36.32 -12.39 -42.79
C PRO G 84 -37.14 -11.19 -43.17
N ARG G 85 -36.93 -10.64 -44.36
CA ARG G 85 -37.75 -9.51 -44.80
C ARG G 85 -39.22 -9.80 -44.62
N HIS G 86 -39.64 -11.02 -44.93
CA HIS G 86 -41.05 -11.34 -44.85
C HIS G 86 -41.52 -11.47 -43.42
N LEU G 87 -40.66 -11.97 -42.53
CA LEU G 87 -41.03 -11.98 -41.13
C LEU G 87 -41.20 -10.56 -40.61
N GLN G 88 -40.33 -9.65 -41.04
CA GLN G 88 -40.47 -8.26 -40.61
C GLN G 88 -41.76 -7.66 -41.12
N LEU G 89 -42.09 -7.90 -42.39
CA LEU G 89 -43.35 -7.38 -42.92
C LEU G 89 -44.53 -7.97 -42.17
N ALA G 90 -44.48 -9.25 -41.83
CA ALA G 90 -45.59 -9.84 -41.10
C ALA G 90 -45.74 -9.22 -39.73
N ILE G 91 -44.64 -9.04 -39.02
CA ILE G 91 -44.72 -8.56 -37.65
C ILE G 91 -45.13 -7.10 -37.61
N ARG G 92 -44.47 -6.26 -38.40
CA ARG G 92 -44.75 -4.82 -38.32
C ARG G 92 -46.14 -4.50 -38.85
N ASN G 93 -46.58 -5.16 -39.89
CA ASN G 93 -47.85 -4.84 -40.53
C ASN G 93 -49.05 -5.41 -39.81
N ASP G 94 -48.92 -5.82 -38.55
CA ASP G 94 -50.04 -6.39 -37.80
C ASP G 94 -50.03 -5.77 -36.41
N GLU G 95 -51.09 -5.03 -36.08
CA GLU G 95 -51.07 -4.21 -34.88
C GLU G 95 -50.74 -5.02 -33.64
N GLU G 96 -51.32 -6.21 -33.51
CA GLU G 96 -51.14 -6.92 -32.25
C GLU G 96 -49.76 -7.55 -32.14
N LEU G 97 -49.27 -8.17 -33.20
CA LEU G 97 -47.89 -8.62 -33.16
C LEU G 97 -46.95 -7.46 -32.97
N ASN G 98 -47.17 -6.37 -33.70
CA ASN G 98 -46.30 -5.21 -33.57
C ASN G 98 -46.29 -4.66 -32.16
N LYS G 99 -47.38 -4.82 -31.42
CA LYS G 99 -47.32 -4.43 -30.02
C LYS G 99 -46.62 -5.48 -29.18
N LEU G 100 -46.69 -6.74 -29.57
CA LEU G 100 -45.98 -7.78 -28.83
C LEU G 100 -44.49 -7.74 -29.10
N LEU G 101 -44.09 -7.32 -30.29
CA LEU G 101 -42.68 -7.31 -30.67
C LEU G 101 -42.24 -5.90 -31.03
N GLY G 102 -42.54 -4.93 -30.16
CA GLY G 102 -42.16 -3.57 -30.46
C GLY G 102 -40.71 -3.27 -30.16
N ARG G 103 -40.15 -3.93 -29.15
CA ARG G 103 -38.76 -3.73 -28.77
C ARG G 103 -37.86 -4.79 -29.38
N VAL G 104 -38.17 -5.25 -30.57
CA VAL G 104 -37.48 -6.41 -31.14
C VAL G 104 -36.93 -6.03 -32.49
N THR G 105 -35.62 -5.92 -32.58
CA THR G 105 -34.96 -5.84 -33.87
C THR G 105 -34.95 -7.22 -34.49
N ILE G 106 -35.05 -7.28 -35.80
CA ILE G 106 -35.00 -8.53 -36.54
C ILE G 106 -33.89 -8.40 -37.55
N ALA G 107 -32.85 -9.19 -37.38
CA ALA G 107 -31.71 -9.14 -38.28
C ALA G 107 -32.18 -9.17 -39.72
N GLN G 108 -31.52 -8.40 -40.57
CA GLN G 108 -31.86 -8.33 -41.99
C GLN G 108 -33.30 -7.90 -42.21
N GLY G 109 -33.96 -7.36 -41.20
CA GLY G 109 -35.38 -7.12 -41.30
C GLY G 109 -35.76 -5.98 -42.21
N GLY G 110 -34.87 -5.02 -42.39
CA GLY G 110 -35.29 -3.85 -43.10
C GLY G 110 -36.34 -3.09 -42.29
N VAL G 111 -37.02 -2.19 -42.97
CA VAL G 111 -38.08 -1.41 -42.35
C VAL G 111 -39.28 -1.38 -43.28
N LEU G 112 -40.42 -1.04 -42.71
CA LEU G 112 -41.64 -0.91 -43.49
C LEU G 112 -41.48 0.21 -44.51
N PRO G 113 -41.85 0.00 -45.75
CA PRO G 113 -41.75 1.08 -46.73
C PRO G 113 -42.74 2.17 -46.41
N ASN G 114 -42.27 3.31 -45.95
CA ASN G 114 -43.17 4.34 -45.43
C ASN G 114 -42.48 5.70 -45.55
N ILE G 115 -42.85 6.46 -46.57
CA ILE G 115 -42.40 7.83 -46.73
C ILE G 115 -43.40 8.74 -46.04
N GLN G 116 -42.91 9.70 -45.29
CA GLN G 116 -43.79 10.63 -44.60
C GLN G 116 -44.60 11.44 -45.60
N ALA G 117 -45.81 11.81 -45.18
CA ALA G 117 -46.77 12.40 -46.11
C ALA G 117 -46.40 13.80 -46.57
N VAL G 118 -45.46 14.45 -45.91
CA VAL G 118 -45.08 15.82 -46.29
C VAL G 118 -43.98 15.83 -47.34
N LEU G 119 -43.14 14.79 -47.36
CA LEU G 119 -41.94 14.82 -48.18
C LEU G 119 -42.22 14.61 -49.65
N LEU G 120 -43.35 14.02 -50.01
CA LEU G 120 -43.63 13.74 -51.40
C LEU G 120 -43.88 15.05 -52.15
N PRO G 121 -43.44 15.15 -53.40
CA PRO G 121 -43.60 16.41 -54.14
C PRO G 121 -45.05 16.68 -54.50
N LYS G 122 -45.30 17.91 -54.89
CA LYS G 122 -46.64 18.31 -55.31
C LYS G 122 -46.66 18.70 -56.78
N SER H 36 -23.19 -34.71 -27.60
CA SER H 36 -23.19 -34.33 -29.01
C SER H 36 -24.59 -33.95 -29.47
N ARG H 37 -25.15 -32.92 -28.84
CA ARG H 37 -26.47 -32.43 -29.20
C ARG H 37 -26.53 -30.93 -28.98
N LYS H 38 -27.42 -30.27 -29.72
CA LYS H 38 -27.73 -28.87 -29.52
C LYS H 38 -29.24 -28.69 -29.65
N GLU H 39 -29.84 -28.01 -28.68
CA GLU H 39 -31.28 -27.85 -28.70
C GLU H 39 -31.68 -26.67 -29.58
N SER H 40 -32.91 -26.70 -30.05
CA SER H 40 -33.46 -25.71 -30.96
C SER H 40 -34.92 -26.05 -31.17
N TYR H 41 -35.60 -25.21 -31.95
CA TYR H 41 -36.94 -25.53 -32.42
C TYR H 41 -36.99 -25.55 -33.93
N SER H 42 -35.86 -25.79 -34.58
CA SER H 42 -35.79 -25.64 -36.01
C SER H 42 -36.69 -26.60 -36.76
N ILE H 43 -37.09 -27.71 -36.14
CA ILE H 43 -37.91 -28.66 -36.89
C ILE H 43 -39.37 -28.45 -36.54
N TYR H 44 -39.65 -28.08 -35.29
CA TYR H 44 -41.03 -27.90 -34.90
C TYR H 44 -41.66 -26.73 -35.64
N VAL H 45 -40.93 -25.64 -35.77
CA VAL H 45 -41.42 -24.51 -36.54
C VAL H 45 -41.65 -24.93 -37.97
N TYR H 46 -40.82 -25.84 -38.48
CA TYR H 46 -41.04 -26.31 -39.84
C TYR H 46 -42.32 -27.13 -39.94
N LYS H 47 -42.61 -27.95 -38.94
CA LYS H 47 -43.86 -28.69 -38.95
C LYS H 47 -45.05 -27.74 -38.93
N VAL H 48 -45.00 -26.74 -38.05
CA VAL H 48 -46.08 -25.75 -37.99
C VAL H 48 -46.24 -25.05 -39.33
N LEU H 49 -45.13 -24.72 -39.98
CA LEU H 49 -45.20 -24.11 -41.29
C LEU H 49 -45.93 -25.02 -42.26
N LYS H 50 -45.45 -26.25 -42.40
CA LYS H 50 -46.08 -27.16 -43.35
C LYS H 50 -47.55 -27.38 -43.02
N GLN H 51 -47.92 -27.20 -41.76
CA GLN H 51 -49.33 -27.30 -41.38
C GLN H 51 -50.12 -26.06 -41.78
N VAL H 52 -49.46 -24.89 -41.83
CA VAL H 52 -50.16 -23.65 -42.15
C VAL H 52 -50.08 -23.34 -43.64
N HIS H 53 -48.87 -23.32 -44.20
CA HIS H 53 -48.65 -23.06 -45.62
C HIS H 53 -48.02 -24.31 -46.22
N PRO H 54 -48.82 -25.22 -46.74
CA PRO H 54 -48.31 -26.56 -47.05
C PRO H 54 -47.25 -26.61 -48.13
N ASP H 55 -46.88 -25.48 -48.73
CA ASP H 55 -45.92 -25.56 -49.81
C ASP H 55 -44.97 -24.36 -49.82
N THR H 56 -44.68 -23.78 -48.66
CA THR H 56 -43.80 -22.63 -48.56
C THR H 56 -42.62 -22.98 -47.67
N GLY H 57 -41.42 -22.96 -48.24
CA GLY H 57 -40.23 -23.21 -47.47
C GLY H 57 -39.93 -22.05 -46.55
N ILE H 58 -38.85 -22.20 -45.81
CA ILE H 58 -38.41 -21.16 -44.88
C ILE H 58 -36.89 -21.13 -44.88
N SER H 59 -36.33 -19.94 -45.08
CA SER H 59 -34.90 -19.82 -45.23
C SER H 59 -34.17 -20.22 -43.96
N SER H 60 -32.85 -20.17 -44.00
CA SER H 60 -32.09 -20.52 -42.82
C SER H 60 -32.05 -19.38 -41.82
N LYS H 61 -31.83 -18.16 -42.29
CA LYS H 61 -31.84 -17.03 -41.37
C LYS H 61 -33.23 -16.77 -40.82
N ALA H 62 -34.26 -17.00 -41.63
CA ALA H 62 -35.61 -16.89 -41.09
C ALA H 62 -35.88 -17.97 -40.07
N MET H 63 -35.31 -19.15 -40.25
CA MET H 63 -35.46 -20.18 -39.24
C MET H 63 -34.75 -19.77 -37.97
N GLY H 64 -33.59 -19.13 -38.10
CA GLY H 64 -32.92 -18.61 -36.91
C GLY H 64 -33.77 -17.58 -36.20
N ILE H 65 -34.42 -16.71 -36.97
CA ILE H 65 -35.28 -15.69 -36.36
C ILE H 65 -36.42 -16.34 -35.60
N MET H 66 -37.12 -17.28 -36.24
CA MET H 66 -38.24 -17.92 -35.55
C MET H 66 -37.76 -18.72 -34.35
N ASN H 67 -36.59 -19.32 -34.47
CA ASN H 67 -36.02 -20.09 -33.37
C ASN H 67 -35.67 -19.19 -32.21
N SER H 68 -35.38 -17.92 -32.48
CA SER H 68 -35.15 -16.99 -31.39
C SER H 68 -36.44 -16.38 -30.89
N PHE H 69 -37.45 -16.27 -31.74
CA PHE H 69 -38.72 -15.74 -31.30
C PHE H 69 -39.41 -16.68 -30.34
N VAL H 70 -39.35 -17.97 -30.62
CA VAL H 70 -39.94 -18.95 -29.71
C VAL H 70 -39.23 -18.90 -28.37
N ASN H 71 -37.91 -18.80 -28.38
CA ASN H 71 -37.17 -18.71 -27.13
C ASN H 71 -37.52 -17.45 -26.37
N ASP H 72 -37.69 -16.34 -27.07
CA ASP H 72 -38.04 -15.09 -26.41
C ASP H 72 -39.41 -15.19 -25.75
N ILE H 73 -40.42 -15.63 -26.49
CA ILE H 73 -41.75 -15.73 -25.90
C ILE H 73 -41.75 -16.76 -24.79
N PHE H 74 -40.95 -17.82 -24.90
CA PHE H 74 -40.91 -18.79 -23.83
C PHE H 74 -40.34 -18.18 -22.57
N GLU H 75 -39.22 -17.49 -22.68
CA GLU H 75 -38.64 -16.88 -21.49
C GLU H 75 -39.57 -15.83 -20.91
N ARG H 76 -40.30 -15.10 -21.75
CA ARG H 76 -41.21 -14.11 -21.22
C ARG H 76 -42.36 -14.74 -20.46
N ILE H 77 -43.05 -15.70 -21.08
CA ILE H 77 -44.20 -16.31 -20.40
C ILE H 77 -43.74 -17.07 -19.16
N ALA H 78 -42.58 -17.71 -19.23
CA ALA H 78 -42.11 -18.44 -18.06
C ALA H 78 -41.71 -17.49 -16.95
N GLY H 79 -41.03 -16.39 -17.27
CA GLY H 79 -40.65 -15.45 -16.23
C GLY H 79 -41.86 -14.80 -15.60
N GLU H 80 -42.87 -14.49 -16.40
CA GLU H 80 -44.10 -13.97 -15.84
C GLU H 80 -44.80 -14.99 -14.97
N ALA H 81 -44.79 -16.25 -15.37
CA ALA H 81 -45.40 -17.26 -14.52
C ALA H 81 -44.62 -17.46 -13.24
N SER H 82 -43.31 -17.29 -13.28
CA SER H 82 -42.54 -17.38 -12.05
C SER H 82 -42.87 -16.23 -11.12
N ARG H 83 -42.94 -15.02 -11.66
CA ARG H 83 -43.37 -13.90 -10.84
C ARG H 83 -44.74 -14.15 -10.23
N LEU H 84 -45.65 -14.71 -11.01
CA LEU H 84 -46.98 -15.00 -10.49
C LEU H 84 -46.97 -16.12 -9.47
N ALA H 85 -45.98 -16.99 -9.52
CA ALA H 85 -45.90 -18.02 -8.50
C ALA H 85 -45.41 -17.43 -7.19
N HIS H 86 -44.45 -16.51 -7.25
CA HIS H 86 -43.94 -15.95 -6.00
C HIS H 86 -44.91 -14.93 -5.42
N TYR H 87 -45.50 -14.08 -6.26
CA TYR H 87 -46.40 -13.04 -5.75
C TYR H 87 -47.53 -13.64 -4.95
N ASN H 88 -47.86 -14.90 -5.16
CA ASN H 88 -48.95 -15.54 -4.46
C ASN H 88 -48.48 -16.53 -3.41
N LYS H 89 -47.18 -16.64 -3.19
CA LYS H 89 -46.63 -17.63 -2.27
C LYS H 89 -47.05 -19.03 -2.66
N ARG H 90 -47.17 -19.28 -3.96
CA ARG H 90 -47.31 -20.63 -4.46
C ARG H 90 -45.92 -21.22 -4.63
N SER H 91 -45.88 -22.39 -5.15
CA SER H 91 -44.61 -23.01 -5.47
C SER H 91 -44.59 -23.62 -6.85
N THR H 92 -45.73 -24.10 -7.34
CA THR H 92 -45.81 -24.78 -8.62
C THR H 92 -46.34 -23.86 -9.70
N ILE H 93 -45.76 -23.97 -10.89
CA ILE H 93 -46.31 -23.31 -12.07
C ILE H 93 -47.41 -24.22 -12.60
N THR H 94 -48.65 -23.99 -12.22
CA THR H 94 -49.75 -24.78 -12.73
C THR H 94 -50.05 -24.31 -14.15
N SER H 95 -51.20 -24.70 -14.69
CA SER H 95 -51.65 -24.09 -15.94
C SER H 95 -52.31 -22.75 -15.69
N ARG H 96 -52.85 -22.56 -14.49
CA ARG H 96 -53.44 -21.27 -14.14
C ARG H 96 -52.41 -20.16 -14.27
N GLU H 97 -51.20 -20.39 -13.77
CA GLU H 97 -50.16 -19.38 -13.84
C GLU H 97 -49.80 -19.07 -15.29
N ILE H 98 -49.62 -20.11 -16.10
CA ILE H 98 -49.28 -19.85 -17.50
C ILE H 98 -50.40 -19.11 -18.18
N GLN H 99 -51.64 -19.39 -17.80
CA GLN H 99 -52.75 -18.73 -18.47
C GLN H 99 -52.76 -17.25 -18.16
N THR H 100 -52.71 -16.89 -16.88
CA THR H 100 -52.71 -15.46 -16.60
C THR H 100 -51.44 -14.79 -17.09
N ALA H 101 -50.35 -15.53 -17.23
CA ALA H 101 -49.17 -14.93 -17.83
C ALA H 101 -49.40 -14.62 -19.29
N VAL H 102 -50.06 -15.52 -20.01
CA VAL H 102 -50.38 -15.23 -21.40
C VAL H 102 -51.32 -14.04 -21.48
N ARG H 103 -52.24 -13.92 -20.52
CA ARG H 103 -53.12 -12.77 -20.55
C ARG H 103 -52.37 -11.48 -20.25
N LEU H 104 -51.32 -11.55 -19.44
CA LEU H 104 -50.56 -10.34 -19.12
C LEU H 104 -49.69 -9.92 -20.29
N LEU H 105 -49.13 -10.87 -21.03
CA LEU H 105 -48.17 -10.50 -22.06
C LEU H 105 -48.81 -10.16 -23.39
N LEU H 106 -49.48 -11.11 -24.00
CA LEU H 106 -49.93 -10.90 -25.36
C LEU H 106 -51.07 -9.89 -25.39
N PRO H 107 -51.11 -9.04 -26.40
CA PRO H 107 -52.19 -8.07 -26.48
C PRO H 107 -53.53 -8.71 -26.75
N GLY H 108 -54.56 -7.91 -26.95
CA GLY H 108 -55.93 -8.39 -26.85
C GLY H 108 -56.32 -9.66 -27.56
N GLU H 109 -56.40 -9.63 -28.90
CA GLU H 109 -56.94 -10.79 -29.58
C GLU H 109 -55.97 -11.95 -29.60
N LEU H 110 -54.67 -11.66 -29.66
CA LEU H 110 -53.70 -12.72 -29.47
C LEU H 110 -53.87 -13.37 -28.11
N ALA H 111 -54.15 -12.58 -27.07
CA ALA H 111 -54.36 -13.16 -25.76
C ALA H 111 -55.57 -14.07 -25.75
N LYS H 112 -56.68 -13.60 -26.30
CA LYS H 112 -57.88 -14.43 -26.29
C LYS H 112 -57.68 -15.72 -27.06
N HIS H 113 -57.12 -15.63 -28.27
CA HIS H 113 -56.93 -16.84 -29.05
C HIS H 113 -55.90 -17.76 -28.41
N ALA H 114 -54.83 -17.22 -27.86
CA ALA H 114 -53.83 -18.05 -27.22
C ALA H 114 -54.41 -18.77 -26.02
N VAL H 115 -55.23 -18.08 -25.24
CA VAL H 115 -55.84 -18.73 -24.09
C VAL H 115 -56.80 -19.82 -24.55
N SER H 116 -57.53 -19.58 -25.63
CA SER H 116 -58.40 -20.61 -26.15
C SER H 116 -57.60 -21.84 -26.55
N GLU H 117 -56.53 -21.63 -27.31
CA GLU H 117 -55.70 -22.75 -27.75
C GLU H 117 -55.10 -23.48 -26.56
N GLY H 118 -54.66 -22.75 -25.55
CA GLY H 118 -54.07 -23.39 -24.40
C GLY H 118 -55.05 -24.25 -23.65
N THR H 119 -56.23 -23.71 -23.36
CA THR H 119 -57.22 -24.48 -22.62
C THR H 119 -57.68 -25.67 -23.44
N LYS H 120 -57.80 -25.51 -24.76
CA LYS H 120 -58.17 -26.63 -25.60
C LYS H 120 -57.13 -27.73 -25.54
N ALA H 121 -55.86 -27.38 -25.65
CA ALA H 121 -54.82 -28.39 -25.61
C ALA H 121 -54.75 -29.06 -24.25
N VAL H 122 -54.90 -28.27 -23.19
CA VAL H 122 -54.83 -28.82 -21.85
C VAL H 122 -55.98 -29.78 -21.62
N THR H 123 -57.19 -29.35 -21.96
CA THR H 123 -58.38 -30.17 -21.72
C THR H 123 -58.27 -31.48 -22.45
N LYS H 124 -57.82 -31.45 -23.71
CA LYS H 124 -57.67 -32.67 -24.50
C LYS H 124 -56.67 -33.60 -23.81
N TYR H 125 -55.57 -33.03 -23.32
CA TYR H 125 -54.54 -33.80 -22.64
C TYR H 125 -55.14 -34.48 -21.41
N THR H 126 -55.98 -33.75 -20.67
CA THR H 126 -56.64 -34.32 -19.50
C THR H 126 -57.59 -35.45 -19.87
N SER H 127 -58.26 -35.30 -21.01
CA SER H 127 -59.27 -36.26 -21.46
C SER H 127 -58.77 -37.69 -21.74
N ALA H 128 -59.73 -38.60 -21.75
CA ALA H 128 -59.48 -40.03 -22.04
C ALA H 128 -58.35 -40.59 -21.19
N ASP K 9 -21.99 52.57 40.96
CA ASP K 9 -22.42 52.16 39.62
C ASP K 9 -22.25 50.66 39.44
N ALA K 10 -21.21 50.10 40.06
CA ALA K 10 -20.90 48.69 39.93
C ALA K 10 -20.17 48.22 41.18
N ALA K 11 -20.03 46.89 41.30
CA ALA K 11 -19.30 46.33 42.42
C ALA K 11 -17.84 46.78 42.38
N PRO K 12 -17.19 46.89 43.54
CA PRO K 12 -15.78 47.34 43.57
C PRO K 12 -14.90 46.52 42.63
N GLY K 13 -13.90 47.20 42.06
CA GLY K 13 -12.98 46.57 41.14
C GLY K 13 -13.33 46.76 39.68
N ALA K 14 -14.49 47.33 39.38
CA ALA K 14 -14.92 47.44 37.99
C ALA K 14 -14.17 48.54 37.26
N SER K 15 -14.02 49.71 37.90
CA SER K 15 -13.59 50.92 37.21
C SER K 15 -12.29 50.72 36.43
N LYS K 16 -11.34 49.98 37.00
CA LYS K 16 -10.07 49.74 36.32
C LYS K 16 -10.28 48.93 35.03
N LEU K 17 -11.03 47.83 35.13
CA LEU K 17 -11.34 47.04 33.93
C LEU K 17 -12.10 47.87 32.91
N ARG K 18 -13.02 48.73 33.38
CA ARG K 18 -13.79 49.56 32.46
C ARG K 18 -12.89 50.57 31.74
N ALA K 19 -11.89 51.11 32.45
CA ALA K 19 -10.94 52.00 31.80
C ALA K 19 -10.09 51.26 30.78
N VAL K 20 -9.68 50.04 31.10
CA VAL K 20 -8.94 49.22 30.13
C VAL K 20 -9.78 49.00 28.88
N LEU K 21 -11.05 48.61 29.06
CA LEU K 21 -11.94 48.39 27.92
C LEU K 21 -12.12 49.67 27.11
N GLU K 22 -12.27 50.81 27.78
CA GLU K 22 -12.45 52.07 27.07
C GLU K 22 -11.22 52.42 26.24
N LYS K 23 -10.03 52.22 26.80
CA LYS K 23 -8.81 52.46 26.01
C LYS K 23 -8.73 51.52 24.81
N LEU K 24 -9.07 50.24 25.03
CA LEU K 24 -9.00 49.27 23.94
C LEU K 24 -9.96 49.63 22.82
N LYS K 25 -11.17 50.09 23.18
CA LYS K 25 -12.14 50.47 22.15
C LYS K 25 -11.77 51.79 21.48
N LEU K 26 -11.21 52.73 22.24
CA LEU K 26 -10.63 53.93 21.64
C LEU K 26 -9.61 53.56 20.59
N SER K 27 -8.88 52.47 20.79
CA SER K 27 -7.96 51.98 19.76
C SER K 27 -8.66 51.49 18.49
N ARG K 28 -10.00 51.42 18.49
CA ARG K 28 -10.76 50.93 17.36
C ARG K 28 -11.55 51.99 16.61
N ASP K 29 -11.35 53.27 16.91
CA ASP K 29 -12.15 54.31 16.25
C ASP K 29 -11.53 54.82 14.95
N ASP K 30 -10.40 54.29 14.52
CA ASP K 30 -9.74 54.72 13.29
C ASP K 30 -9.45 53.55 12.36
N ILE K 31 -10.42 52.64 12.23
CA ILE K 31 -10.21 51.39 11.52
C ILE K 31 -10.71 51.47 10.07
N SER K 32 -11.72 52.30 9.82
CA SER K 32 -12.38 52.42 8.51
C SER K 32 -11.41 52.38 7.33
N THR K 33 -10.31 53.11 7.43
CA THR K 33 -9.27 53.07 6.39
C THR K 33 -8.66 51.68 6.22
N ALA K 34 -8.12 51.14 7.33
CA ALA K 34 -7.53 49.82 7.30
C ALA K 34 -8.53 48.78 6.80
N ALA K 35 -9.72 48.77 7.40
CA ALA K 35 -10.75 47.81 7.00
C ALA K 35 -11.13 47.96 5.53
N GLY K 36 -11.14 49.20 5.03
CA GLY K 36 -11.46 49.41 3.63
C GLY K 36 -10.40 48.85 2.69
N MET K 37 -9.13 49.11 3.00
CA MET K 37 -8.05 48.54 2.20
C MET K 37 -8.09 47.02 2.25
N VAL K 38 -8.36 46.46 3.43
CA VAL K 38 -8.52 45.02 3.55
C VAL K 38 -9.66 44.53 2.65
N LYS K 39 -10.79 45.22 2.68
CA LYS K 39 -11.90 44.84 1.81
C LYS K 39 -11.46 44.84 0.35
N GLY K 40 -10.72 45.87 -0.06
CA GLY K 40 -10.27 45.93 -1.44
C GLY K 40 -9.38 44.77 -1.82
N VAL K 41 -8.37 44.48 -0.99
CA VAL K 41 -7.44 43.40 -1.31
C VAL K 41 -8.15 42.05 -1.31
N VAL K 42 -9.01 41.81 -0.31
CA VAL K 42 -9.78 40.57 -0.28
C VAL K 42 -10.69 40.45 -1.49
N ASP K 43 -11.33 41.56 -1.89
CA ASP K 43 -12.22 41.49 -3.04
C ASP K 43 -11.45 41.17 -4.31
N HIS K 44 -10.29 41.80 -4.51
CA HIS K 44 -9.42 41.44 -5.62
C HIS K 44 -9.07 39.96 -5.59
N LEU K 45 -8.63 39.49 -4.43
CA LEU K 45 -8.24 38.09 -4.28
C LEU K 45 -9.39 37.16 -4.65
N LEU K 46 -10.58 37.44 -4.14
CA LEU K 46 -11.74 36.62 -4.45
C LEU K 46 -12.05 36.66 -5.94
N LEU K 47 -11.95 37.83 -6.56
CA LEU K 47 -12.21 37.95 -7.99
C LEU K 47 -11.29 37.04 -8.78
N ARG K 48 -10.00 37.05 -8.46
CA ARG K 48 -9.07 36.17 -9.16
C ARG K 48 -9.35 34.70 -8.83
N LEU K 49 -9.56 34.38 -7.55
CA LEU K 49 -9.72 32.98 -7.16
C LEU K 49 -10.93 32.35 -7.81
N LYS K 50 -12.04 33.09 -7.90
CA LYS K 50 -13.23 32.53 -8.53
C LYS K 50 -13.01 32.20 -10.00
N CYS K 51 -11.95 32.71 -10.62
CA CYS K 51 -11.70 32.43 -12.03
C CYS K 51 -10.98 31.10 -12.24
N ASP K 52 -10.18 30.66 -11.27
CA ASP K 52 -9.50 29.37 -11.40
C ASP K 52 -10.50 28.25 -11.17
N SER K 53 -10.44 27.23 -12.04
CA SER K 53 -11.34 26.09 -11.90
C SER K 53 -11.29 25.52 -10.49
N ALA K 54 -10.09 25.41 -9.92
CA ALA K 54 -9.93 24.81 -8.61
C ALA K 54 -10.65 25.61 -7.53
N PHE K 55 -10.76 26.92 -7.72
CA PHE K 55 -11.27 27.81 -6.68
C PHE K 55 -12.53 28.57 -7.09
N ARG K 56 -13.28 28.06 -8.06
CA ARG K 56 -14.55 28.68 -8.47
C ARG K 56 -15.49 28.91 -7.29
N GLY K 57 -15.42 28.05 -6.29
CA GLY K 57 -16.33 28.09 -5.15
C GLY K 57 -15.80 28.74 -3.89
N VAL K 58 -14.66 29.43 -3.94
CA VAL K 58 -14.19 30.12 -2.75
C VAL K 58 -15.13 31.25 -2.43
N GLY K 59 -15.34 31.49 -1.13
CA GLY K 59 -16.20 32.58 -0.71
C GLY K 59 -15.84 33.07 0.67
N LEU K 60 -16.35 34.25 1.00
CA LEU K 60 -16.21 34.76 2.36
C LEU K 60 -17.10 33.98 3.30
N LEU K 61 -16.53 33.50 4.40
CA LEU K 61 -17.31 32.71 5.36
C LEU K 61 -18.20 33.61 6.21
N ASN K 62 -17.60 34.54 6.95
CA ASN K 62 -18.39 35.50 7.71
C ASN K 62 -18.94 36.55 6.74
N THR K 63 -20.07 36.23 6.12
CA THR K 63 -20.63 37.08 5.07
C THR K 63 -20.84 38.51 5.55
N GLY K 64 -20.46 39.46 4.70
CA GLY K 64 -20.55 40.88 5.01
C GLY K 64 -19.63 41.33 6.13
N SER K 65 -18.68 40.47 6.50
CA SER K 65 -17.68 40.79 7.52
C SER K 65 -16.30 40.54 6.94
N TYR K 66 -15.66 41.59 6.42
CA TYR K 66 -14.31 41.47 5.88
C TYR K 66 -13.27 41.83 6.94
N TYR K 67 -13.45 41.24 8.11
CA TYR K 67 -12.51 41.35 9.21
C TYR K 67 -12.95 40.49 10.39
N GLU K 68 -11.99 40.08 11.21
CA GLU K 68 -12.28 39.50 12.51
C GLU K 68 -11.04 39.61 13.36
N HIS K 69 -10.99 40.58 14.26
CA HIS K 69 -9.77 40.88 15.00
C HIS K 69 -9.55 39.80 16.06
N VAL K 70 -8.53 38.98 15.86
CA VAL K 70 -8.22 37.92 16.82
C VAL K 70 -7.43 38.48 17.99
N LYS K 71 -6.66 39.55 17.77
CA LYS K 71 -5.92 40.24 18.83
C LYS K 71 -6.65 41.52 19.16
N ILE K 72 -7.25 41.57 20.35
CA ILE K 72 -7.94 42.78 20.80
C ILE K 72 -6.97 43.95 20.90
N SER K 73 -5.67 43.68 20.98
CA SER K 73 -4.67 44.71 21.17
C SER K 73 -3.87 45.01 19.92
N ALA K 74 -4.24 44.42 18.78
CA ALA K 74 -3.57 44.66 17.50
C ALA K 74 -4.61 45.06 16.46
N PRO K 75 -5.03 46.33 16.46
CA PRO K 75 -6.11 46.75 15.56
C PRO K 75 -5.76 46.68 14.08
N ASN K 76 -4.47 46.65 13.74
CA ASN K 76 -4.04 46.61 12.35
C ASN K 76 -3.75 45.21 11.84
N GLU K 77 -4.12 44.17 12.60
CA GLU K 77 -4.01 42.79 12.16
C GLU K 77 -5.41 42.22 11.99
N PHE K 78 -5.70 41.72 10.78
CA PHE K 78 -7.00 41.19 10.46
C PHE K 78 -6.94 39.69 10.27
N ASP K 79 -8.11 39.05 10.40
CA ASP K 79 -8.24 37.61 10.24
C ASP K 79 -9.44 37.34 9.35
N VAL K 80 -9.21 36.67 8.23
CA VAL K 80 -10.27 36.33 7.29
C VAL K 80 -10.12 34.85 6.92
N MET K 81 -11.25 34.19 6.68
CA MET K 81 -11.26 32.78 6.32
C MET K 81 -11.99 32.61 4.99
N PHE K 82 -11.31 31.98 4.03
CA PHE K 82 -11.88 31.71 2.71
C PHE K 82 -12.41 30.29 2.69
N LYS K 83 -13.72 30.16 2.57
CA LYS K 83 -14.34 28.85 2.57
C LYS K 83 -14.38 28.28 1.16
N LEU K 84 -14.35 26.95 1.08
CA LEU K 84 -14.34 26.22 -0.19
C LEU K 84 -15.33 25.06 -0.09
N GLU K 85 -16.40 25.15 -0.87
CA GLU K 85 -17.58 24.27 -0.85
C GLU K 85 -17.33 22.76 -0.77
N VAL K 86 -16.50 22.18 -1.63
CA VAL K 86 -15.95 20.84 -1.45
C VAL K 86 -16.96 19.80 -0.94
N PRO K 87 -17.87 19.30 -1.76
CA PRO K 87 -18.97 18.47 -1.25
C PRO K 87 -18.62 17.01 -1.05
N ARG K 88 -19.24 16.43 -0.02
CA ARG K 88 -19.35 14.99 0.24
C ARG K 88 -18.06 14.33 0.68
N ILE K 89 -17.16 15.05 1.35
CA ILE K 89 -15.90 14.48 1.79
C ILE K 89 -16.07 13.43 2.87
N GLN K 90 -15.68 12.19 2.58
CA GLN K 90 -15.54 11.16 3.60
C GLN K 90 -14.33 11.45 4.47
N LEU K 91 -14.57 11.67 5.75
CA LEU K 91 -13.48 11.90 6.69
C LEU K 91 -13.06 10.60 7.34
N GLU K 92 -11.76 10.46 7.56
CA GLU K 92 -11.18 9.31 8.24
C GLU K 92 -10.33 9.84 9.38
N GLU K 93 -10.69 9.50 10.61
CA GLU K 93 -10.05 10.10 11.77
C GLU K 93 -8.61 9.62 11.91
N TYR K 94 -7.69 10.57 12.01
CA TYR K 94 -6.26 10.25 12.07
C TYR K 94 -5.84 9.84 13.47
N SER K 95 -5.50 8.56 13.63
CA SER K 95 -4.93 8.03 14.87
C SER K 95 -5.65 8.55 16.10
N ASN K 96 -6.98 8.47 16.06
CA ASN K 96 -7.82 8.67 17.25
C ASN K 96 -7.60 10.02 17.91
N THR K 97 -7.22 11.04 17.14
CA THR K 97 -7.01 12.36 17.73
C THR K 97 -8.27 13.20 17.81
N ARG K 98 -9.35 12.79 17.13
CA ARG K 98 -10.67 13.39 17.23
C ARG K 98 -10.75 14.78 16.59
N ALA K 99 -9.61 15.35 16.24
CA ALA K 99 -9.59 16.70 15.68
C ALA K 99 -8.89 16.79 14.34
N TYR K 100 -8.01 15.85 14.03
CA TYR K 100 -7.27 15.84 12.79
C TYR K 100 -7.71 14.66 11.95
N TYR K 101 -8.05 14.92 10.69
CA TYR K 101 -8.71 13.95 9.82
C TYR K 101 -8.07 13.96 8.44
N PHE K 102 -8.17 12.81 7.77
CA PHE K 102 -7.89 12.72 6.35
C PHE K 102 -9.19 12.84 5.56
N VAL K 103 -9.10 13.53 4.43
CA VAL K 103 -10.25 13.84 3.58
C VAL K 103 -10.15 13.02 2.30
N LYS K 104 -11.19 12.25 2.00
CA LYS K 104 -11.27 11.41 0.81
C LYS K 104 -12.56 11.74 0.09
N PHE K 105 -12.47 12.12 -1.18
CA PHE K 105 -13.69 12.43 -1.91
C PHE K 105 -14.54 11.20 -2.13
N LYS K 106 -15.84 11.32 -1.87
CA LYS K 106 -16.79 10.25 -2.17
C LYS K 106 -17.21 10.33 -3.62
N ARG K 107 -18.04 9.37 -4.03
CA ARG K 107 -18.50 9.31 -5.40
C ARG K 107 -19.24 10.59 -5.75
N ASN K 108 -18.96 11.14 -6.92
CA ASN K 108 -19.75 12.27 -7.37
C ASN K 108 -19.73 12.38 -8.89
N PRO K 109 -20.88 12.47 -9.52
CA PRO K 109 -20.94 12.51 -10.97
C PRO K 109 -20.25 13.72 -11.59
N LYS K 110 -20.71 14.92 -11.24
CA LYS K 110 -20.13 16.15 -11.76
C LYS K 110 -18.71 16.31 -11.24
N GLU K 111 -17.73 16.23 -12.13
CA GLU K 111 -16.32 16.29 -11.73
C GLU K 111 -16.05 17.49 -10.83
N ASN K 112 -15.35 17.24 -9.73
CA ASN K 112 -15.03 18.27 -8.76
C ASN K 112 -13.64 18.82 -9.04
N PRO K 113 -13.52 20.13 -9.20
CA PRO K 113 -12.24 20.73 -9.63
C PRO K 113 -11.08 20.55 -8.65
N LEU K 114 -11.30 19.89 -7.52
CA LEU K 114 -10.22 19.64 -6.59
C LEU K 114 -9.50 18.33 -6.90
N SER K 115 -9.80 17.71 -8.04
CA SER K 115 -9.13 16.46 -8.41
C SER K 115 -7.63 16.66 -8.51
N GLN K 116 -7.20 17.76 -9.12
CA GLN K 116 -5.80 18.06 -9.32
C GLN K 116 -4.99 18.00 -8.02
N PHE K 117 -5.64 18.19 -6.88
CA PHE K 117 -4.96 18.26 -5.60
C PHE K 117 -4.91 16.92 -4.89
N LEU K 118 -5.36 15.85 -5.54
CA LEU K 118 -5.29 14.53 -4.92
C LEU K 118 -3.86 14.03 -4.84
N GLU K 119 -3.61 13.22 -3.81
CA GLU K 119 -2.41 12.40 -3.70
C GLU K 119 -2.94 10.99 -3.48
N GLY K 120 -3.17 10.27 -4.57
CA GLY K 120 -3.89 9.02 -4.47
C GLY K 120 -5.35 9.27 -4.14
N GLU K 121 -5.82 8.71 -3.03
CA GLU K 121 -7.19 8.91 -2.59
C GLU K 121 -7.34 10.02 -1.57
N ILE K 122 -6.25 10.63 -1.13
CA ILE K 122 -6.29 11.69 -0.12
C ILE K 122 -6.10 13.03 -0.80
N LEU K 123 -6.89 14.02 -0.38
CA LEU K 123 -6.71 15.39 -0.82
C LEU K 123 -5.56 16.00 -0.05
N SER K 124 -4.49 16.37 -0.75
CA SER K 124 -3.25 16.80 -0.10
C SER K 124 -3.35 18.27 0.29
N ALA K 125 -3.27 18.54 1.59
CA ALA K 125 -3.24 19.93 2.06
C ALA K 125 -2.10 20.70 1.40
N SER K 126 -0.96 20.04 1.20
CA SER K 126 0.22 20.72 0.68
C SER K 126 -0.03 21.32 -0.70
N LYS K 127 -0.55 20.52 -1.62
CA LYS K 127 -0.73 20.97 -3.00
C LYS K 127 -1.77 22.07 -3.08
N MET K 128 -2.87 21.92 -2.35
CA MET K 128 -3.88 22.96 -2.27
C MET K 128 -3.26 24.27 -1.77
N LEU K 129 -2.53 24.19 -0.65
CA LEU K 129 -1.88 25.39 -0.12
C LEU K 129 -0.95 26.01 -1.16
N SER K 130 -0.20 25.17 -1.88
CA SER K 130 0.73 25.67 -2.87
C SER K 130 0.00 26.46 -3.95
N LYS K 131 -1.07 25.89 -4.50
CA LYS K 131 -1.82 26.59 -5.54
C LYS K 131 -2.43 27.87 -4.98
N PHE K 132 -2.99 27.80 -3.78
CA PHE K 132 -3.58 28.96 -3.14
C PHE K 132 -2.58 30.11 -3.05
N ARG K 133 -1.40 29.83 -2.50
CA ARG K 133 -0.40 30.87 -2.32
C ARG K 133 0.12 31.40 -3.64
N LYS K 134 0.29 30.51 -4.62
CA LYS K 134 0.73 30.98 -5.93
C LYS K 134 -0.28 31.95 -6.53
N ILE K 135 -1.57 31.62 -6.46
CA ILE K 135 -2.59 32.51 -6.98
C ILE K 135 -2.57 33.84 -6.24
N ILE K 136 -2.50 33.80 -4.91
CA ILE K 136 -2.49 35.04 -4.14
C ILE K 136 -1.31 35.91 -4.53
N LYS K 137 -0.13 35.31 -4.63
CA LYS K 137 1.06 36.08 -4.95
C LYS K 137 0.93 36.74 -6.33
N GLU K 138 0.55 35.96 -7.33
CA GLU K 138 0.46 36.53 -8.68
C GLU K 138 -0.64 37.59 -8.77
N GLU K 139 -1.70 37.46 -7.96
CA GLU K 139 -2.74 38.49 -7.99
C GLU K 139 -2.30 39.76 -7.26
N ILE K 140 -1.61 39.62 -6.13
CA ILE K 140 -1.17 40.80 -5.41
C ILE K 140 -0.03 41.49 -6.14
N ASN K 141 0.67 40.79 -7.03
CA ASN K 141 1.62 41.49 -7.91
C ASN K 141 0.92 42.35 -8.95
N ASP K 142 -0.39 42.16 -9.13
CA ASP K 142 -1.20 43.02 -9.99
C ASP K 142 -1.61 44.32 -9.27
N ILE K 143 -1.22 44.48 -8.02
CA ILE K 143 -1.50 45.69 -7.26
C ILE K 143 -0.34 46.65 -7.51
N LYS K 144 -0.53 47.59 -8.44
CA LYS K 144 0.58 48.40 -8.93
C LYS K 144 0.94 49.52 -7.97
N ASP K 145 -0.05 50.17 -7.36
CA ASP K 145 0.18 51.36 -6.56
C ASP K 145 0.02 51.10 -5.06
N THR K 146 0.30 49.87 -4.62
CA THR K 146 0.24 49.54 -3.20
C THR K 146 1.09 48.31 -2.96
N ASP K 147 2.11 48.44 -2.12
CA ASP K 147 2.99 47.31 -1.80
C ASP K 147 2.26 46.36 -0.86
N VAL K 148 1.68 45.31 -1.42
CA VAL K 148 1.13 44.20 -0.65
C VAL K 148 2.10 43.03 -0.77
N ILE K 149 2.64 42.60 0.37
CA ILE K 149 3.69 41.59 0.40
C ILE K 149 3.16 40.32 1.05
N MET K 150 3.42 39.19 0.42
CA MET K 150 3.06 37.89 0.99
C MET K 150 4.17 37.47 1.94
N LYS K 151 3.81 37.19 3.20
CA LYS K 151 4.79 36.75 4.16
C LYS K 151 5.19 35.30 3.89
N ARG K 152 6.42 34.96 4.26
CA ARG K 152 6.95 33.64 4.02
C ARG K 152 6.20 32.58 4.83
N LYS K 153 6.20 31.36 4.31
CA LYS K 153 5.50 30.24 4.93
C LYS K 153 5.98 29.99 6.36
N ARG K 154 5.03 29.74 7.26
CA ARG K 154 5.34 29.35 8.63
C ARG K 154 4.63 28.07 9.05
N GLY K 155 3.38 27.90 8.65
CA GLY K 155 2.63 26.71 9.00
C GLY K 155 1.57 26.44 7.97
N GLY K 156 0.47 25.82 8.39
CA GLY K 156 -0.63 25.61 7.47
C GLY K 156 -1.91 26.31 7.88
N SER K 157 -2.14 26.42 9.19
CA SER K 157 -3.32 27.15 9.68
C SER K 157 -3.29 28.63 9.30
N PRO K 158 -2.19 29.38 9.50
CA PRO K 158 -2.11 30.74 8.96
C PRO K 158 -1.65 30.72 7.50
N ALA K 159 -2.50 30.16 6.64
CA ALA K 159 -2.17 29.86 5.25
C ALA K 159 -1.39 30.97 4.58
N VAL K 160 -1.96 32.17 4.53
CA VAL K 160 -1.30 33.31 3.90
C VAL K 160 -1.40 34.51 4.82
N THR K 161 -0.29 35.21 5.01
CA THR K 161 -0.29 36.48 5.73
C THR K 161 0.20 37.57 4.79
N LEU K 162 -0.64 38.57 4.55
CA LEU K 162 -0.32 39.68 3.67
C LEU K 162 -0.02 40.92 4.49
N LEU K 163 0.89 41.75 3.98
CA LEU K 163 1.26 43.01 4.59
C LEU K 163 0.92 44.14 3.62
N ILE K 164 0.05 45.04 4.06
CA ILE K 164 -0.34 46.19 3.26
C ILE K 164 0.42 47.41 3.73
N SER K 165 1.13 48.05 2.81
CA SER K 165 1.94 49.23 3.11
C SER K 165 2.87 48.86 4.25
N GLU K 166 2.87 49.65 5.31
CA GLU K 166 3.71 49.34 6.45
C GLU K 166 2.96 49.33 7.78
N LYS K 167 1.66 49.00 7.75
CA LYS K 167 0.93 48.96 9.01
C LYS K 167 -0.11 47.85 9.06
N ILE K 168 -0.62 47.40 7.92
CA ILE K 168 -1.74 46.47 7.91
C ILE K 168 -1.22 45.06 7.69
N SER K 169 -1.77 44.11 8.44
CA SER K 169 -1.50 42.70 8.24
C SER K 169 -2.82 41.94 8.22
N VAL K 170 -2.98 41.06 7.25
CA VAL K 170 -4.22 40.29 7.10
C VAL K 170 -3.88 38.81 6.97
N ASP K 171 -4.46 38.00 7.86
CA ASP K 171 -4.30 36.55 7.81
C ASP K 171 -5.47 35.95 7.05
N ILE K 172 -5.16 35.28 5.94
CA ILE K 172 -6.14 34.59 5.12
C ILE K 172 -5.96 33.09 5.34
N THR K 173 -7.03 32.46 5.83
CA THR K 173 -7.07 31.04 6.11
C THR K 173 -8.06 30.38 5.15
N LEU K 174 -7.61 29.39 4.40
CA LEU K 174 -8.52 28.65 3.52
C LEU K 174 -9.16 27.51 4.28
N ALA K 175 -10.46 27.32 4.06
CA ALA K 175 -11.21 26.28 4.74
C ALA K 175 -12.13 25.57 3.76
N LEU K 176 -12.16 24.24 3.87
CA LEU K 176 -13.17 23.45 3.18
C LEU K 176 -14.47 23.49 3.95
N GLU K 177 -15.58 23.54 3.25
CA GLU K 177 -16.90 23.56 3.86
C GLU K 177 -17.55 22.21 3.63
N SER K 178 -18.13 21.63 4.67
CA SER K 178 -18.92 20.42 4.52
C SER K 178 -20.32 20.70 5.04
N LYS K 179 -21.31 20.41 4.21
CA LYS K 179 -22.70 20.48 4.61
C LYS K 179 -23.16 19.24 5.35
N SER K 180 -22.31 18.21 5.39
CA SER K 180 -22.71 16.92 5.92
C SER K 180 -22.74 16.97 7.45
N SER K 181 -23.12 15.84 8.05
CA SER K 181 -23.23 15.77 9.50
C SER K 181 -21.89 16.02 10.14
N TRP K 182 -21.91 16.57 11.36
CA TRP K 182 -20.68 16.76 12.08
C TRP K 182 -20.02 15.41 12.35
N PRO K 183 -18.69 15.31 12.19
CA PRO K 183 -18.01 14.02 12.37
C PRO K 183 -18.42 13.33 13.65
N ALA K 184 -18.60 12.00 13.55
CA ALA K 184 -19.14 11.18 14.63
C ALA K 184 -18.53 11.46 15.99
N SER K 185 -17.20 11.59 16.04
CA SER K 185 -16.53 11.83 17.31
C SER K 185 -17.03 13.10 17.99
N THR K 186 -17.20 14.17 17.21
CA THR K 186 -17.47 15.50 17.75
C THR K 186 -18.98 15.68 17.97
N GLN K 187 -19.51 14.89 18.89
CA GLN K 187 -20.94 14.90 19.20
C GLN K 187 -21.21 15.49 20.59
N GLU K 188 -20.57 14.97 21.63
CA GLU K 188 -20.87 15.38 23.00
C GLU K 188 -20.51 16.83 23.28
N GLY K 189 -19.91 17.52 22.30
CA GLY K 189 -19.50 18.89 22.48
C GLY K 189 -20.64 19.86 22.23
N LEU K 190 -20.31 21.15 22.36
CA LEU K 190 -21.28 22.24 22.29
C LEU K 190 -22.44 21.98 23.26
N ARG K 191 -22.09 22.00 24.55
CA ARG K 191 -23.05 21.70 25.62
C ARG K 191 -23.73 22.99 26.08
N ILE K 192 -24.52 23.56 25.17
CA ILE K 192 -25.23 24.80 25.43
C ILE K 192 -26.69 24.57 25.76
N GLN K 193 -27.08 23.33 26.07
CA GLN K 193 -28.49 23.01 26.26
C GLN K 193 -29.10 23.78 27.43
N ASN K 194 -28.37 23.89 28.53
CA ASN K 194 -28.86 24.60 29.71
C ASN K 194 -28.49 26.07 29.71
N TRP K 195 -27.75 26.53 28.71
CA TRP K 195 -27.34 27.92 28.61
C TRP K 195 -28.14 28.65 27.53
N LEU K 196 -28.16 28.15 26.29
CA LEU K 196 -28.91 28.86 25.25
C LEU K 196 -30.22 28.17 24.90
N SER K 197 -30.18 26.90 24.46
CA SER K 197 -31.35 26.02 24.35
C SER K 197 -30.91 24.68 23.79
N ALA K 198 -31.72 23.64 23.97
CA ALA K 198 -31.49 22.40 23.22
C ALA K 198 -31.84 22.59 21.75
N LYS K 199 -32.92 23.34 21.47
CA LYS K 199 -33.31 23.60 20.09
C LYS K 199 -32.28 24.45 19.35
N VAL K 200 -31.67 25.42 20.03
CA VAL K 200 -30.61 26.19 19.37
C VAL K 200 -29.43 25.28 19.09
N ARG K 201 -29.15 24.32 19.98
CA ARG K 201 -28.09 23.35 19.72
C ARG K 201 -28.40 22.52 18.49
N LYS K 202 -29.62 22.02 18.38
CA LYS K 202 -30.02 21.27 17.19
C LYS K 202 -29.84 22.09 15.94
N GLN K 203 -30.36 23.33 15.95
CA GLN K 203 -30.24 24.21 14.79
C GLN K 203 -28.79 24.44 14.41
N LEU K 204 -27.94 24.69 15.41
CA LEU K 204 -26.52 24.92 15.13
C LEU K 204 -25.86 23.68 14.55
N ARG K 205 -26.28 22.49 14.99
CA ARG K 205 -25.74 21.26 14.40
C ARG K 205 -26.08 21.17 12.92
N LEU K 206 -27.22 21.73 12.52
CA LEU K 206 -27.60 21.76 11.11
C LEU K 206 -26.69 22.63 10.26
N LYS K 207 -25.86 23.47 10.85
CA LYS K 207 -25.01 24.33 10.07
C LYS K 207 -23.77 23.57 9.63
N PRO K 208 -23.13 24.00 8.53
CA PRO K 208 -21.97 23.27 8.02
C PRO K 208 -20.81 23.35 8.99
N PHE K 209 -19.86 22.44 8.81
CA PHE K 209 -18.61 22.52 9.56
C PHE K 209 -17.46 22.76 8.58
N TYR K 210 -16.31 23.15 9.11
CA TYR K 210 -15.23 23.55 8.22
C TYR K 210 -13.97 22.77 8.53
N LEU K 211 -13.07 22.76 7.55
CA LEU K 211 -11.81 22.06 7.66
C LEU K 211 -10.69 23.02 7.33
N VAL K 212 -9.72 23.13 8.22
CA VAL K 212 -8.55 23.98 8.01
C VAL K 212 -7.33 23.08 7.92
N PRO K 213 -6.40 23.36 7.01
CA PRO K 213 -5.22 22.49 6.89
C PRO K 213 -4.31 22.66 8.10
N LYS K 214 -4.05 21.57 8.80
CA LYS K 214 -3.28 21.65 10.03
C LYS K 214 -2.56 20.32 10.24
N HIS K 215 -1.25 20.32 10.11
CA HIS K 215 -0.48 19.10 10.33
C HIS K 215 -0.62 18.65 11.77
N ALA K 216 -0.94 17.38 11.96
CA ALA K 216 -1.05 16.80 13.30
C ALA K 216 0.33 16.28 13.69
N LYS K 217 0.98 17.02 14.58
CA LYS K 217 2.34 16.66 14.99
C LYS K 217 2.45 15.65 16.12
N GLU K 218 2.52 14.38 15.75
CA GLU K 218 2.68 13.29 16.71
C GLU K 218 4.17 13.23 17.08
N GLY K 219 4.49 12.62 18.20
CA GLY K 219 5.88 12.58 18.61
C GLY K 219 6.75 11.89 17.58
N ASN K 220 6.27 10.78 17.01
CA ASN K 220 7.01 10.06 16.00
C ASN K 220 7.14 10.85 14.69
N GLY K 221 6.06 11.49 14.28
CA GLY K 221 6.03 12.30 13.07
C GLY K 221 4.78 13.16 12.89
N PHE K 222 4.86 14.12 11.97
CA PHE K 222 3.71 14.98 11.65
C PHE K 222 3.27 14.55 10.26
N GLN K 223 1.98 14.34 10.04
CA GLN K 223 1.45 13.85 8.77
C GLN K 223 0.98 15.06 7.97
N GLU K 224 1.64 15.33 6.85
CA GLU K 224 1.53 16.63 6.19
C GLU K 224 0.13 16.93 5.64
N GLU K 225 -0.72 15.92 5.44
CA GLU K 225 -1.94 16.08 4.68
C GLU K 225 -3.21 15.98 5.53
N THR K 226 -3.11 16.35 6.81
CA THR K 226 -4.24 16.20 7.72
C THR K 226 -4.94 17.54 7.93
N TRP K 227 -6.22 17.47 8.31
CA TRP K 227 -7.08 18.64 8.43
C TRP K 227 -7.70 18.68 9.82
N ARG K 228 -7.92 19.89 10.35
CA ARG K 228 -8.56 20.07 11.64
C ARG K 228 -9.93 20.70 11.49
N LEU K 229 -10.84 20.33 12.39
CA LEU K 229 -12.20 20.85 12.39
C LEU K 229 -12.21 22.34 12.74
N SER K 230 -13.22 23.04 12.24
CA SER K 230 -13.43 24.45 12.52
C SER K 230 -14.91 24.73 12.69
N PHE K 231 -15.23 25.40 13.80
CA PHE K 231 -16.56 25.87 14.15
C PHE K 231 -16.54 27.34 14.52
N SER K 232 -15.58 28.10 13.98
CA SER K 232 -15.39 29.48 14.40
C SER K 232 -16.60 30.35 14.07
N HIS K 233 -17.33 30.02 13.00
CA HIS K 233 -18.57 30.74 12.73
C HIS K 233 -19.61 30.47 13.81
N ILE K 234 -19.66 29.23 14.31
CA ILE K 234 -20.52 28.92 15.45
C ILE K 234 -20.06 29.71 16.67
N GLU K 235 -18.75 29.80 16.88
CA GLU K 235 -18.20 30.57 17.98
C GLU K 235 -18.60 32.03 17.88
N LYS K 236 -18.56 32.60 16.67
CA LYS K 236 -19.02 33.97 16.46
C LYS K 236 -20.49 34.09 16.81
N GLU K 237 -21.31 33.15 16.35
CA GLU K 237 -22.74 33.22 16.62
C GLU K 237 -23.03 33.22 18.11
N ILE K 238 -22.40 32.31 18.86
CA ILE K 238 -22.66 32.24 20.29
C ILE K 238 -22.07 33.45 21.00
N LEU K 239 -20.98 34.01 20.46
CA LEU K 239 -20.39 35.21 21.04
C LEU K 239 -21.33 36.41 20.89
N ASN K 240 -21.94 36.56 19.72
CA ASN K 240 -22.78 37.72 19.46
C ASN K 240 -24.24 37.49 19.84
N ASN K 241 -24.64 36.25 20.14
CA ASN K 241 -25.95 35.91 20.69
C ASN K 241 -25.67 34.98 21.86
N HIS K 242 -25.50 35.58 23.04
CA HIS K 242 -24.81 34.92 24.15
C HIS K 242 -25.64 34.71 25.40
N GLY K 243 -26.86 35.25 25.46
CA GLY K 243 -27.64 35.17 26.68
C GLY K 243 -28.77 34.16 26.59
N LYS K 244 -29.29 33.78 27.76
CA LYS K 244 -30.47 32.93 27.79
C LYS K 244 -31.69 33.69 27.27
N SER K 245 -31.88 34.92 27.71
CA SER K 245 -32.94 35.76 27.19
C SER K 245 -32.55 36.29 25.81
N LYS K 246 -33.51 36.22 24.88
CA LYS K 246 -33.26 36.66 23.51
C LYS K 246 -32.99 38.16 23.43
N THR K 247 -33.33 38.91 24.47
CA THR K 247 -33.14 40.36 24.50
C THR K 247 -31.87 40.76 25.27
N CYS K 248 -30.96 39.82 25.44
CA CYS K 248 -29.73 40.12 26.17
C CYS K 248 -28.95 41.24 25.47
N CYS K 249 -28.34 42.11 26.27
CA CYS K 249 -27.55 43.25 25.80
C CYS K 249 -28.28 44.22 24.87
N GLU K 250 -29.59 44.10 24.78
CA GLU K 250 -30.37 45.01 23.95
C GLU K 250 -31.07 46.10 24.76
N ASN K 251 -30.95 46.06 26.08
CA ASN K 251 -31.61 47.03 26.94
C ASN K 251 -30.81 47.17 28.23
N LYS K 252 -31.14 48.22 28.99
CA LYS K 252 -30.40 48.49 30.22
C LYS K 252 -30.67 47.43 31.29
N GLU K 253 -31.88 46.87 31.30
N GLU K 253 -31.88 46.86 31.29
CA GLU K 253 -32.21 45.87 32.32
CA GLU K 253 -32.22 45.87 32.31
C GLU K 253 -31.51 44.54 32.06
C GLU K 253 -31.55 44.53 32.06
N GLU K 254 -31.16 44.25 30.82
CA GLU K 254 -30.54 42.97 30.44
C GLU K 254 -29.14 43.16 29.88
N LYS K 255 -28.40 44.15 30.39
CA LYS K 255 -27.03 44.36 29.95
C LYS K 255 -26.10 43.43 30.71
N CYS K 256 -25.45 42.53 29.97
CA CYS K 256 -24.53 41.58 30.56
C CYS K 256 -23.10 42.02 30.31
N CYS K 257 -22.14 41.24 30.79
CA CYS K 257 -20.73 41.56 30.62
C CYS K 257 -19.92 40.43 29.99
N ARG K 258 -20.58 39.43 29.39
CA ARG K 258 -19.86 38.27 28.87
C ARG K 258 -18.79 38.68 27.87
N LYS K 259 -19.20 39.45 26.84
CA LYS K 259 -18.26 39.89 25.83
C LYS K 259 -17.10 40.66 26.46
N ASP K 260 -17.40 41.49 27.45
CA ASP K 260 -16.36 42.24 28.14
C ASP K 260 -15.39 41.32 28.85
N CYS K 261 -15.91 40.25 29.50
CA CYS K 261 -15.01 39.29 30.13
C CYS K 261 -14.07 38.67 29.11
N LEU K 262 -14.63 38.24 27.97
CA LEU K 262 -13.78 37.66 26.93
C LEU K 262 -12.71 38.65 26.49
N LYS K 263 -13.10 39.91 26.23
CA LYS K 263 -12.13 40.90 25.77
C LYS K 263 -11.03 41.12 26.80
N LEU K 264 -11.40 41.21 28.08
CA LEU K 264 -10.40 41.45 29.12
C LEU K 264 -9.44 40.27 29.23
N MET K 265 -9.96 39.04 29.12
CA MET K 265 -9.08 37.88 29.18
C MET K 265 -8.10 37.86 27.99
N LYS K 266 -8.61 38.15 26.80
CA LYS K 266 -7.72 38.19 25.62
C LYS K 266 -6.67 39.27 25.77
N TYR K 267 -7.06 40.44 26.27
CA TYR K 267 -6.08 41.51 26.47
C TYR K 267 -5.01 41.09 27.45
N LEU K 268 -5.41 40.42 28.55
CA LEU K 268 -4.44 39.91 29.50
C LEU K 268 -3.44 38.99 28.82
N LEU K 269 -3.95 37.99 28.09
CA LEU K 269 -3.05 37.03 27.45
C LEU K 269 -2.14 37.72 26.44
N GLU K 270 -2.66 38.68 25.68
CA GLU K 270 -1.86 39.32 24.65
C GLU K 270 -0.75 40.17 25.26
N GLN K 271 -1.03 40.89 26.34
CA GLN K 271 0.03 41.66 26.98
C GLN K 271 1.07 40.74 27.60
N LEU K 272 0.64 39.66 28.25
CA LEU K 272 1.60 38.72 28.84
C LEU K 272 2.44 38.03 27.78
N LYS K 273 1.86 37.78 26.60
CA LYS K 273 2.64 37.20 25.51
C LYS K 273 3.63 38.24 24.94
N GLU K 274 3.20 39.49 24.85
CA GLU K 274 4.08 40.53 24.32
C GLU K 274 5.30 40.75 25.21
N ARG K 275 5.10 40.74 26.54
CA ARG K 275 6.24 40.96 27.43
C ARG K 275 7.24 39.81 27.34
N PHE K 276 6.75 38.58 27.18
CA PHE K 276 7.62 37.40 27.12
C PHE K 276 7.72 36.81 25.73
N LYS K 277 7.57 37.62 24.68
CA LYS K 277 7.67 37.08 23.33
C LYS K 277 9.08 36.61 23.01
N ASP K 278 10.10 37.27 23.58
CA ASP K 278 11.49 37.02 23.20
C ASP K 278 12.11 35.84 23.93
N LYS K 279 11.41 35.27 24.92
CA LYS K 279 11.95 34.16 25.70
C LYS K 279 11.31 32.81 25.38
N LYS K 280 10.35 32.82 24.46
CA LYS K 280 9.64 31.61 24.02
C LYS K 280 9.01 30.79 25.16
N HIS K 281 8.44 31.49 26.13
CA HIS K 281 7.80 30.83 27.27
C HIS K 281 6.29 30.86 27.11
N LEU K 282 5.80 31.63 26.14
CA LEU K 282 4.37 31.74 25.92
C LEU K 282 3.96 31.50 24.48
N ASP K 283 4.88 31.08 23.61
CA ASP K 283 4.61 30.97 22.18
C ASP K 283 3.41 30.07 21.88
N LYS K 284 3.31 28.96 22.59
CA LYS K 284 2.27 27.96 22.36
C LYS K 284 0.82 28.34 22.69
N PHE K 285 0.64 29.40 23.46
CA PHE K 285 -0.70 29.83 23.84
C PHE K 285 -1.26 30.80 22.82
N SER K 286 -2.58 30.77 22.66
CA SER K 286 -3.26 31.65 21.71
C SER K 286 -4.60 32.08 22.30
N SER K 287 -5.25 33.03 21.63
CA SER K 287 -6.56 33.50 22.06
C SER K 287 -7.59 32.39 22.06
N TYR K 288 -7.36 31.33 21.30
CA TYR K 288 -8.36 30.25 21.23
C TYR K 288 -8.50 29.52 22.55
N HIS K 289 -7.41 29.33 23.28
CA HIS K 289 -7.50 28.68 24.58
C HIS K 289 -8.40 29.46 25.53
N VAL K 290 -8.22 30.78 25.56
CA VAL K 290 -9.03 31.62 26.44
C VAL K 290 -10.47 31.69 25.94
N LYS K 291 -10.68 31.68 24.63
CA LYS K 291 -12.05 31.71 24.12
C LYS K 291 -12.80 30.43 24.49
N THR K 292 -12.12 29.28 24.35
CA THR K 292 -12.73 28.02 24.78
C THR K 292 -12.97 27.99 26.28
N ALA K 293 -12.00 28.49 27.07
CA ALA K 293 -12.19 28.56 28.51
C ALA K 293 -13.39 29.44 28.88
N PHE K 294 -13.51 30.59 28.21
CA PHE K 294 -14.68 31.44 28.42
C PHE K 294 -15.97 30.70 28.10
N PHE K 295 -15.98 29.93 27.01
CA PHE K 295 -17.19 29.20 26.66
C PHE K 295 -17.52 28.14 27.72
N HIS K 296 -16.50 27.49 28.26
CA HIS K 296 -16.71 26.62 29.42
C HIS K 296 -17.31 27.40 30.57
N VAL K 297 -16.85 28.64 30.79
CA VAL K 297 -17.37 29.42 31.90
C VAL K 297 -18.84 29.80 31.67
N CYS K 298 -19.20 30.12 30.43
CA CYS K 298 -20.60 30.36 30.11
C CYS K 298 -21.44 29.09 30.30
N THR K 299 -20.84 27.93 30.02
CA THR K 299 -21.52 26.66 30.30
C THR K 299 -21.74 26.49 31.79
N GLN K 300 -20.74 26.81 32.61
CA GLN K 300 -20.87 26.69 34.06
C GLN K 300 -21.75 27.77 34.66
N ASN K 301 -21.91 28.91 33.98
CA ASN K 301 -22.73 30.03 34.44
C ASN K 301 -23.74 30.35 33.35
N PRO K 302 -24.83 29.57 33.25
CA PRO K 302 -25.75 29.75 32.12
C PRO K 302 -26.68 30.95 32.24
N GLN K 303 -26.94 31.44 33.45
CA GLN K 303 -27.98 32.45 33.65
C GLN K 303 -27.40 33.84 33.46
N ASP K 304 -28.20 34.73 32.88
CA ASP K 304 -27.74 36.09 32.58
C ASP K 304 -27.51 36.90 33.85
N SER K 305 -28.23 36.57 34.93
CA SER K 305 -28.01 37.23 36.21
C SER K 305 -26.64 36.89 36.80
N GLN K 306 -26.04 35.78 36.38
CA GLN K 306 -24.67 35.46 36.75
C GLN K 306 -23.65 36.26 35.93
N TRP K 307 -24.12 37.14 35.04
CA TRP K 307 -23.26 37.97 34.21
C TRP K 307 -23.72 39.42 34.20
N ASP K 308 -24.31 39.88 35.30
CA ASP K 308 -24.72 41.27 35.39
C ASP K 308 -23.49 42.17 35.27
N ARG K 309 -23.60 43.22 34.45
CA ARG K 309 -22.46 44.10 34.18
C ARG K 309 -21.86 44.66 35.47
N LYS K 310 -22.70 44.97 36.46
CA LYS K 310 -22.20 45.58 37.69
C LYS K 310 -21.27 44.66 38.45
N ASP K 311 -21.32 43.35 38.17
CA ASP K 311 -20.45 42.38 38.80
C ASP K 311 -19.23 42.07 37.95
N LEU K 312 -18.92 42.92 36.97
CA LEU K 312 -17.76 42.71 36.11
C LEU K 312 -16.50 42.36 36.91
N GLY K 313 -16.19 43.20 37.92
CA GLY K 313 -15.02 42.95 38.75
C GLY K 313 -14.93 41.53 39.25
N LEU K 314 -16.07 40.96 39.69
CA LEU K 314 -16.08 39.57 40.11
C LEU K 314 -16.07 38.62 38.94
N CYS K 315 -16.89 38.87 37.90
CA CYS K 315 -17.06 37.86 36.86
C CYS K 315 -15.74 37.56 36.16
N PHE K 316 -15.03 38.60 35.73
CA PHE K 316 -13.72 38.39 35.14
C PHE K 316 -12.86 37.54 36.05
N ASP K 317 -12.83 37.85 37.35
CA ASP K 317 -12.00 37.09 38.27
C ASP K 317 -12.32 35.61 38.20
N ASN K 318 -13.62 35.27 38.21
CA ASN K 318 -13.98 33.86 38.17
C ASN K 318 -13.47 33.21 36.89
N CYS K 319 -13.64 33.90 35.76
CA CYS K 319 -13.07 33.40 34.51
C CYS K 319 -11.58 33.19 34.65
N VAL K 320 -10.87 34.18 35.22
CA VAL K 320 -9.44 34.03 35.42
C VAL K 320 -9.18 32.75 36.20
N THR K 321 -9.91 32.53 37.29
CA THR K 321 -9.65 31.35 38.10
C THR K 321 -9.85 30.09 37.27
N TYR K 322 -10.91 30.04 36.47
CA TYR K 322 -11.11 28.85 35.65
C TYR K 322 -9.92 28.65 34.73
N PHE K 323 -9.45 29.72 34.08
CA PHE K 323 -8.28 29.59 33.23
C PHE K 323 -7.11 29.06 34.04
N LEU K 324 -6.88 29.65 35.22
CA LEU K 324 -5.79 29.18 36.08
C LEU K 324 -6.00 27.73 36.45
N GLN K 325 -7.25 27.34 36.74
CA GLN K 325 -7.50 25.95 37.08
C GLN K 325 -7.09 25.04 35.93
N CYS K 326 -7.47 25.41 34.70
CA CYS K 326 -7.05 24.63 33.56
C CYS K 326 -5.53 24.54 33.52
N LEU K 327 -4.86 25.67 33.75
CA LEU K 327 -3.40 25.71 33.70
C LEU K 327 -2.79 24.78 34.72
N ARG K 328 -3.46 24.59 35.86
CA ARG K 328 -2.93 23.70 36.88
C ARG K 328 -3.24 22.25 36.57
N THR K 329 -4.34 21.97 35.88
CA THR K 329 -4.81 20.60 35.69
C THR K 329 -4.44 20.02 34.32
N GLU K 330 -3.84 20.83 33.44
CA GLU K 330 -3.47 20.38 32.10
C GLU K 330 -4.66 19.78 31.36
N LYS K 331 -5.84 20.40 31.53
CA LYS K 331 -7.06 19.90 30.91
C LYS K 331 -7.92 21.07 30.48
N LEU K 332 -8.07 21.24 29.17
CA LEU K 332 -8.99 22.21 28.59
C LEU K 332 -9.58 21.57 27.34
N GLU K 333 -10.81 21.07 27.45
CA GLU K 333 -11.46 20.40 26.34
C GLU K 333 -11.88 21.42 25.30
N ASN K 334 -11.61 21.12 24.03
CA ASN K 334 -12.17 21.93 22.96
C ASN K 334 -13.69 21.94 23.10
N TYR K 335 -14.28 23.13 22.94
CA TYR K 335 -15.68 23.28 23.31
C TYR K 335 -16.61 22.46 22.41
N PHE K 336 -16.20 22.16 21.18
CA PHE K 336 -16.99 21.33 20.30
C PHE K 336 -16.53 19.89 20.26
N ILE K 337 -15.32 19.62 20.74
CA ILE K 337 -14.75 18.27 20.72
C ILE K 337 -14.32 17.91 22.13
N PRO K 338 -15.17 17.24 22.91
CA PRO K 338 -14.82 17.00 24.33
C PRO K 338 -13.60 16.12 24.52
N GLU K 339 -13.22 15.33 23.52
CA GLU K 339 -12.07 14.46 23.60
C GLU K 339 -10.79 15.08 23.05
N PHE K 340 -10.82 16.34 22.63
CA PHE K 340 -9.64 17.05 22.15
C PHE K 340 -9.10 17.92 23.28
N ASN K 341 -7.96 17.52 23.83
CA ASN K 341 -7.35 18.25 24.94
C ASN K 341 -6.38 19.28 24.38
N LEU K 342 -6.79 20.56 24.42
CA LEU K 342 -5.91 21.63 23.99
C LEU K 342 -4.75 21.82 24.96
N PHE K 343 -4.95 21.48 26.23
CA PHE K 343 -3.94 21.71 27.27
C PHE K 343 -3.22 20.42 27.69
N SER K 344 -3.20 19.42 26.82
CA SER K 344 -2.49 18.19 27.13
C SER K 344 -0.99 18.44 27.17
N SER K 345 -0.27 17.53 27.85
CA SER K 345 1.19 17.62 27.93
C SER K 345 1.86 17.47 26.57
N ASN K 346 1.20 16.81 25.62
CA ASN K 346 1.81 16.58 24.31
C ASN K 346 1.84 17.85 23.46
N LEU K 347 0.95 18.81 23.74
CA LEU K 347 0.94 20.05 22.97
C LEU K 347 1.67 21.18 23.68
N ILE K 348 1.61 21.23 25.02
CA ILE K 348 2.28 22.27 25.81
C ILE K 348 3.00 21.59 26.98
N ASP K 349 4.26 21.94 27.19
CA ASP K 349 4.99 21.41 28.33
C ASP K 349 4.49 22.04 29.63
N LYS K 350 4.72 21.32 30.73
CA LYS K 350 4.30 21.78 32.06
C LYS K 350 4.96 23.10 32.43
N ARG K 351 6.22 23.29 32.05
CA ARG K 351 6.99 24.47 32.46
C ARG K 351 6.32 25.76 31.99
N SER K 352 5.91 25.82 30.73
CA SER K 352 5.24 27.00 30.20
C SER K 352 3.90 27.21 30.89
N LYS K 353 3.23 26.12 31.25
CA LYS K 353 1.94 26.22 31.92
C LYS K 353 2.10 26.82 33.32
N GLU K 354 3.08 26.36 34.08
CA GLU K 354 3.34 26.93 35.39
C GLU K 354 3.82 28.38 35.28
N PHE K 355 4.57 28.68 34.22
CA PHE K 355 5.01 30.06 33.95
C PHE K 355 3.82 30.99 33.76
N LEU K 356 2.89 30.58 32.89
CA LEU K 356 1.70 31.38 32.65
C LEU K 356 0.81 31.46 33.88
N THR K 357 0.70 30.34 34.63
CA THR K 357 -0.05 30.35 35.87
C THR K 357 0.50 31.39 36.84
N LYS K 358 1.82 31.38 37.06
CA LYS K 358 2.41 32.31 38.00
C LYS K 358 2.23 33.75 37.55
N GLN K 359 2.43 34.02 36.25
CA GLN K 359 2.32 35.41 35.81
C GLN K 359 0.89 35.93 35.98
N ILE K 360 -0.11 35.14 35.57
CA ILE K 360 -1.49 35.61 35.75
C ILE K 360 -1.83 35.75 37.22
N GLU K 361 -1.33 34.86 38.07
CA GLU K 361 -1.61 34.99 39.50
C GLU K 361 -1.01 36.27 40.07
N TYR K 362 0.23 36.60 39.67
CA TYR K 362 0.80 37.88 40.07
C TYR K 362 -0.06 39.05 39.60
N GLU K 363 -0.45 39.05 38.33
CA GLU K 363 -1.25 40.15 37.80
C GLU K 363 -2.56 40.29 38.57
N ARG K 364 -3.24 39.18 38.82
CA ARG K 364 -4.51 39.23 39.56
C ARG K 364 -4.30 39.67 41.00
N ASN K 365 -3.17 39.30 41.62
CA ASN K 365 -2.90 39.76 42.98
C ASN K 365 -2.48 41.22 43.04
N ASN K 366 -2.07 41.81 41.92
CA ASN K 366 -1.61 43.20 41.93
C ASN K 366 -2.54 44.11 41.13
N GLU K 367 -3.82 43.77 41.04
CA GLU K 367 -4.81 44.59 40.33
C GLU K 367 -4.40 44.79 38.87
N PHE K 368 -3.81 43.75 38.28
CA PHE K 368 -3.50 43.71 36.85
C PHE K 368 -2.67 44.92 36.39
N PRO K 369 -1.44 45.05 36.89
CA PRO K 369 -0.61 46.18 36.46
C PRO K 369 -0.20 46.10 35.00
N VAL K 370 -0.09 44.89 34.44
CA VAL K 370 0.37 44.72 33.06
C VAL K 370 -0.55 45.43 32.08
N PHE K 371 -1.81 45.65 32.47
CA PHE K 371 -2.75 46.35 31.61
C PHE K 371 -2.30 47.78 31.32
N ASP K 372 -1.50 48.38 32.20
CA ASP K 372 -1.12 49.78 32.10
C ASP K 372 0.33 49.98 31.67
N GLU K 373 1.15 48.92 31.68
CA GLU K 373 2.59 49.11 31.53
C GLU K 373 3.01 49.35 30.08
N PHE K 374 2.35 48.73 29.12
CA PHE K 374 2.77 48.86 27.72
C PHE K 374 1.67 48.46 26.74
N PRO L 42 38.87 -22.19 -49.34
CA PRO L 42 39.16 -20.76 -49.31
C PRO L 42 40.47 -20.43 -48.61
N HIS L 43 41.19 -19.42 -49.10
CA HIS L 43 42.42 -19.00 -48.44
C HIS L 43 42.14 -18.63 -46.99
N ARG L 44 43.05 -19.01 -46.11
CA ARG L 44 42.81 -18.84 -44.68
C ARG L 44 44.14 -18.86 -43.95
N TYR L 45 44.35 -17.88 -43.07
CA TYR L 45 45.45 -17.96 -42.13
C TYR L 45 45.21 -19.09 -41.14
N ARG L 46 46.29 -19.62 -40.58
CA ARG L 46 46.13 -20.59 -39.50
C ARG L 46 45.46 -19.91 -38.32
N PRO L 47 44.42 -20.50 -37.74
CA PRO L 47 43.76 -19.87 -36.60
C PRO L 47 44.74 -19.40 -35.54
N GLY L 48 44.40 -18.29 -34.89
CA GLY L 48 45.26 -17.61 -33.97
C GLY L 48 45.91 -16.37 -34.57
N THR L 49 46.15 -16.36 -35.88
CA THR L 49 46.80 -15.21 -36.49
C THR L 49 45.90 -14.00 -36.47
N VAL L 50 44.64 -14.16 -36.87
CA VAL L 50 43.74 -13.02 -36.86
C VAL L 50 43.51 -12.53 -35.45
N ALA L 51 43.51 -13.45 -34.48
CA ALA L 51 43.39 -13.03 -33.10
C ALA L 51 44.61 -12.24 -32.65
N LEU L 52 45.79 -12.61 -33.11
CA LEU L 52 46.98 -11.85 -32.76
C LEU L 52 46.93 -10.45 -33.34
N ARG L 53 46.57 -10.34 -34.62
CA ARG L 53 46.55 -9.00 -35.20
C ARG L 53 45.43 -8.17 -34.60
N GLU L 54 44.34 -8.81 -34.17
CA GLU L 54 43.32 -8.03 -33.49
C GLU L 54 43.76 -7.60 -32.11
N ILE L 55 44.58 -8.39 -31.43
CA ILE L 55 45.13 -7.92 -30.16
C ILE L 55 46.01 -6.70 -30.39
N ARG L 56 46.89 -6.78 -31.38
CA ARG L 56 47.70 -5.62 -31.72
C ARG L 56 46.81 -4.40 -31.97
N ARG L 57 45.75 -4.59 -32.75
CA ARG L 57 44.97 -3.45 -33.20
C ARG L 57 44.14 -2.86 -32.07
N TYR L 58 43.56 -3.69 -31.20
CA TYR L 58 42.77 -3.17 -30.11
C TYR L 58 43.59 -2.88 -28.88
N GLN L 59 44.91 -3.00 -28.96
CA GLN L 59 45.74 -2.41 -27.92
C GLN L 59 46.45 -1.15 -28.37
N LYS L 60 46.70 -0.98 -29.68
CA LYS L 60 47.10 0.33 -30.18
C LYS L 60 46.05 1.37 -29.89
N SER L 61 44.86 1.19 -30.46
CA SER L 61 43.84 2.23 -30.44
C SER L 61 43.25 2.40 -29.05
N THR L 62 42.43 3.42 -28.90
CA THR L 62 41.81 3.73 -27.63
C THR L 62 40.32 4.05 -27.68
N GLU L 63 39.70 4.04 -28.86
CA GLU L 63 38.28 4.31 -28.92
C GLU L 63 37.51 3.33 -28.06
N LEU L 64 36.38 3.79 -27.53
CA LEU L 64 35.53 2.91 -26.74
C LEU L 64 35.08 1.73 -27.58
N LEU L 65 34.97 0.58 -26.94
CA LEU L 65 34.71 -0.67 -27.64
C LEU L 65 33.27 -1.12 -27.53
N ILE L 66 32.64 -0.98 -26.38
CA ILE L 66 31.22 -1.23 -26.27
C ILE L 66 30.49 -0.17 -27.07
N ARG L 67 29.60 -0.61 -27.95
CA ARG L 67 28.86 0.31 -28.79
C ARG L 67 28.04 1.26 -27.91
N LYS L 68 28.05 2.56 -28.26
CA LYS L 68 27.67 3.59 -27.30
C LYS L 68 26.20 3.52 -26.92
N LEU L 69 25.32 3.54 -27.89
CA LEU L 69 23.89 3.66 -27.59
C LEU L 69 23.37 2.50 -26.77
N PRO L 70 23.74 1.25 -27.06
CA PRO L 70 23.30 0.17 -26.19
C PRO L 70 23.80 0.31 -24.78
N PHE L 71 24.97 0.91 -24.58
CA PHE L 71 25.42 1.14 -23.23
C PHE L 71 24.62 2.22 -22.55
N GLN L 72 24.25 3.27 -23.27
CA GLN L 72 23.39 4.28 -22.68
C GLN L 72 22.06 3.67 -22.25
N ARG L 73 21.51 2.80 -23.08
CA ARG L 73 20.26 2.13 -22.73
C ARG L 73 20.45 1.24 -21.52
N LEU L 74 21.56 0.52 -21.45
CA LEU L 74 21.79 -0.34 -20.30
C LEU L 74 21.92 0.47 -19.04
N VAL L 75 22.57 1.62 -19.11
CA VAL L 75 22.71 2.46 -17.92
C VAL L 75 21.37 2.97 -17.45
N ARG L 76 20.54 3.45 -18.38
CA ARG L 76 19.21 3.91 -17.97
C ARG L 76 18.39 2.77 -17.40
N GLU L 77 18.47 1.58 -18.00
CA GLU L 77 17.68 0.46 -17.50
C GLU L 77 18.13 0.06 -16.11
N ILE L 78 19.42 0.12 -15.84
CA ILE L 78 19.87 -0.22 -14.50
C ILE L 78 19.50 0.87 -13.51
N ALA L 79 19.48 2.12 -13.95
CA ALA L 79 19.15 3.20 -13.04
C ALA L 79 17.68 3.27 -12.71
N GLN L 80 16.81 2.73 -13.58
CA GLN L 80 15.38 2.75 -13.26
C GLN L 80 15.08 2.07 -11.94
N ASP L 81 15.85 1.06 -11.57
CA ASP L 81 15.59 0.37 -10.31
C ASP L 81 15.97 1.18 -9.10
N PHE L 82 16.47 2.39 -9.24
CA PHE L 82 16.88 3.16 -8.08
C PHE L 82 16.12 4.45 -7.92
N LYS L 83 15.84 5.16 -9.00
CA LYS L 83 15.04 6.37 -8.90
C LYS L 83 14.42 6.61 -10.26
N THR L 84 13.11 6.47 -10.34
CA THR L 84 12.44 6.56 -11.63
C THR L 84 12.57 7.96 -12.21
N ASP L 85 12.64 8.02 -13.53
CA ASP L 85 12.75 9.27 -14.28
C ASP L 85 13.97 10.06 -13.81
N LEU L 86 15.13 9.47 -14.04
CA LEU L 86 16.40 10.19 -13.91
C LEU L 86 16.87 10.63 -15.27
N ARG L 87 17.65 11.69 -15.27
CA ARG L 87 18.26 12.21 -16.48
C ARG L 87 19.76 12.11 -16.33
N PHE L 88 20.42 11.69 -17.39
CA PHE L 88 21.84 11.37 -17.35
C PHE L 88 22.58 12.39 -18.19
N GLN L 89 23.38 13.23 -17.55
CA GLN L 89 24.29 14.06 -18.30
C GLN L 89 25.08 13.21 -19.27
N SER L 90 25.15 13.63 -20.53
CA SER L 90 25.81 12.81 -21.53
C SER L 90 27.21 12.42 -21.09
N SER L 91 27.94 13.37 -20.52
CA SER L 91 29.29 13.07 -20.08
C SER L 91 29.28 12.11 -18.90
N ALA L 92 28.21 12.08 -18.11
CA ALA L 92 28.16 11.09 -17.04
C ALA L 92 28.01 9.69 -17.59
N VAL L 93 27.17 9.51 -18.61
CA VAL L 93 27.08 8.22 -19.27
C VAL L 93 28.42 7.84 -19.87
N MET L 94 29.12 8.81 -20.46
CA MET L 94 30.43 8.49 -21.01
C MET L 94 31.42 8.11 -19.93
N ALA L 95 31.33 8.72 -18.75
CA ALA L 95 32.23 8.35 -17.67
C ALA L 95 31.94 6.94 -17.19
N LEU L 96 30.66 6.58 -17.10
CA LEU L 96 30.32 5.20 -16.77
C LEU L 96 30.87 4.23 -17.80
N GLN L 97 30.78 4.59 -19.07
CA GLN L 97 31.29 3.68 -20.09
C GLN L 97 32.80 3.55 -20.02
N GLU L 98 33.51 4.64 -19.77
CA GLU L 98 34.96 4.55 -19.62
C GLU L 98 35.32 3.66 -18.45
N ALA L 99 34.66 3.86 -17.31
CA ALA L 99 34.97 3.03 -16.15
C ALA L 99 34.67 1.57 -16.43
N CYS L 100 33.56 1.29 -17.11
CA CYS L 100 33.20 -0.10 -17.35
C CYS L 100 34.14 -0.78 -18.31
N GLU L 101 34.53 -0.11 -19.37
CA GLU L 101 35.49 -0.73 -20.27
C GLU L 101 36.84 -0.90 -19.61
N ALA L 102 37.24 0.05 -18.77
CA ALA L 102 38.48 -0.13 -18.03
C ALA L 102 38.39 -1.34 -17.11
N TYR L 103 37.25 -1.54 -16.49
CA TYR L 103 37.11 -2.66 -15.57
C TYR L 103 37.07 -3.99 -16.31
N LEU L 104 36.35 -4.07 -17.43
CA LEU L 104 36.32 -5.34 -18.14
C LEU L 104 37.66 -5.65 -18.78
N VAL L 105 38.38 -4.65 -19.24
CA VAL L 105 39.71 -4.93 -19.78
C VAL L 105 40.65 -5.37 -18.67
N GLY L 106 40.59 -4.70 -17.53
CA GLY L 106 41.41 -5.11 -16.42
C GLY L 106 40.98 -6.39 -15.77
N LEU L 107 39.79 -6.87 -16.10
CA LEU L 107 39.36 -8.19 -15.65
C LEU L 107 39.75 -9.27 -16.63
N PHE L 108 39.69 -8.99 -17.93
CA PHE L 108 40.15 -9.98 -18.88
C PHE L 108 41.66 -10.13 -18.87
N GLU L 109 42.40 -9.10 -18.45
CA GLU L 109 43.84 -9.29 -18.25
C GLU L 109 44.10 -10.32 -17.16
N ASP L 110 43.46 -10.17 -16.01
CA ASP L 110 43.63 -11.13 -14.92
C ASP L 110 43.05 -12.48 -15.29
N THR L 111 41.96 -12.50 -16.03
CA THR L 111 41.42 -13.76 -16.50
C THR L 111 42.40 -14.48 -17.40
N ASN L 112 43.05 -13.76 -18.31
CA ASN L 112 44.01 -14.40 -19.18
C ASN L 112 45.19 -14.91 -18.39
N LEU L 113 45.59 -14.18 -17.36
CA LEU L 113 46.66 -14.67 -16.49
C LEU L 113 46.25 -15.98 -15.83
N CYS L 114 45.02 -16.05 -15.34
CA CYS L 114 44.55 -17.27 -14.70
C CYS L 114 44.48 -18.42 -15.69
N ALA L 115 43.97 -18.16 -16.89
CA ALA L 115 43.85 -19.22 -17.88
C ALA L 115 45.20 -19.74 -18.30
N ILE L 116 46.16 -18.84 -18.56
CA ILE L 116 47.50 -19.30 -18.91
C ILE L 116 48.12 -20.03 -17.75
N HIS L 117 47.77 -19.67 -16.52
CA HIS L 117 48.32 -20.35 -15.37
C HIS L 117 47.89 -21.81 -15.32
N ALA L 118 46.73 -22.12 -15.87
CA ALA L 118 46.23 -23.49 -15.92
C ALA L 118 46.62 -24.19 -17.21
N LYS L 119 47.66 -23.73 -17.88
CA LYS L 119 48.16 -24.35 -19.09
C LYS L 119 47.08 -24.42 -20.16
N ARG L 120 46.30 -23.35 -20.26
CA ARG L 120 45.31 -23.18 -21.31
C ARG L 120 45.58 -21.89 -22.06
N VAL L 121 44.84 -21.70 -23.15
CA VAL L 121 44.94 -20.47 -23.92
C VAL L 121 43.56 -19.85 -23.97
N THR L 122 42.54 -20.69 -23.91
CA THR L 122 41.16 -20.24 -23.89
C THR L 122 40.79 -19.76 -22.49
N ILE L 123 40.14 -18.64 -22.40
CA ILE L 123 39.62 -18.21 -21.11
C ILE L 123 38.21 -18.77 -20.98
N MET L 124 37.80 -19.09 -19.76
CA MET L 124 36.56 -19.79 -19.50
C MET L 124 36.00 -19.30 -18.19
N PRO L 125 34.70 -19.43 -17.96
CA PRO L 125 34.08 -18.80 -16.79
C PRO L 125 34.74 -19.13 -15.47
N LYS L 126 35.34 -20.30 -15.32
CA LYS L 126 36.04 -20.58 -14.08
C LYS L 126 37.22 -19.63 -13.90
N ASP L 127 37.83 -19.19 -15.00
CA ASP L 127 38.91 -18.22 -14.91
C ASP L 127 38.42 -16.88 -14.40
N ILE L 128 37.33 -16.38 -14.98
CA ILE L 128 36.77 -15.11 -14.54
C ILE L 128 36.35 -15.18 -13.09
N GLN L 129 35.76 -16.29 -12.68
CA GLN L 129 35.33 -16.40 -11.29
C GLN L 129 36.52 -16.49 -10.36
N LEU L 130 37.61 -17.13 -10.77
CA LEU L 130 38.79 -17.15 -9.92
C LEU L 130 39.41 -15.76 -9.81
N ALA L 131 39.47 -15.03 -10.93
CA ALA L 131 40.01 -13.68 -10.89
C ALA L 131 39.21 -12.81 -9.94
N ARG L 132 37.89 -12.86 -10.05
CA ARG L 132 37.07 -12.03 -9.18
C ARG L 132 37.06 -12.53 -7.75
N ARG L 133 37.36 -13.80 -7.51
CA ARG L 133 37.41 -14.22 -6.12
C ARG L 133 38.72 -13.82 -5.48
N ILE L 134 39.79 -13.75 -6.26
CA ILE L 134 41.07 -13.33 -5.71
C ILE L 134 41.08 -11.83 -5.49
N ARG L 135 40.51 -11.07 -6.43
CA ARG L 135 40.52 -9.62 -6.30
C ARG L 135 39.78 -9.16 -5.07
N GLY L 136 38.73 -9.87 -4.67
CA GLY L 136 37.94 -9.49 -3.53
C GLY L 136 36.51 -9.17 -3.85
N GLU L 137 36.09 -9.23 -5.10
CA GLU L 137 34.73 -8.86 -5.48
C GLU L 137 33.78 -9.99 -5.11
N ARG L 138 32.52 -9.87 -5.56
CA ARG L 138 31.51 -10.85 -5.21
C ARG L 138 31.38 -11.95 -6.25
N LYS M 24 8.16 5.40 -20.31
CA LYS M 24 8.77 4.44 -21.23
C LYS M 24 9.81 3.59 -20.53
N VAL M 25 9.42 2.37 -20.14
CA VAL M 25 10.33 1.47 -19.44
C VAL M 25 11.16 0.71 -20.46
N LEU M 26 12.38 0.38 -20.06
CA LEU M 26 13.27 -0.47 -20.84
C LEU M 26 13.47 -1.78 -20.11
N ARG M 27 13.70 -2.85 -20.86
CA ARG M 27 13.99 -4.13 -20.22
C ARG M 27 14.84 -4.99 -21.15
N ASP M 28 15.79 -5.71 -20.55
CA ASP M 28 16.69 -6.62 -21.25
C ASP M 28 17.49 -5.89 -22.33
N ASN M 29 18.34 -4.98 -21.88
CA ASN M 29 19.34 -4.39 -22.74
C ASN M 29 20.74 -4.86 -22.41
N ILE M 30 20.89 -5.78 -21.45
CA ILE M 30 22.20 -6.36 -21.21
C ILE M 30 22.69 -7.08 -22.44
N GLN M 31 21.80 -7.42 -23.36
CA GLN M 31 22.20 -7.94 -24.66
C GLN M 31 22.60 -6.84 -25.61
N GLY M 32 22.71 -5.61 -25.12
CA GLY M 32 23.38 -4.59 -25.90
C GLY M 32 24.88 -4.68 -25.82
N ILE M 33 25.39 -5.35 -24.81
CA ILE M 33 26.80 -5.67 -24.73
C ILE M 33 26.98 -6.91 -25.57
N THR M 34 27.10 -6.73 -26.87
CA THR M 34 26.93 -7.81 -27.82
C THR M 34 28.06 -8.81 -27.68
N LYS M 35 28.03 -9.84 -28.52
CA LYS M 35 29.12 -10.80 -28.49
C LYS M 35 30.40 -10.18 -29.03
N PRO M 36 30.43 -9.52 -30.18
CA PRO M 36 31.68 -8.91 -30.62
C PRO M 36 32.15 -7.78 -29.74
N ALA M 37 31.29 -7.12 -28.97
CA ALA M 37 31.79 -6.09 -28.08
C ALA M 37 32.60 -6.70 -26.95
N ILE M 38 32.11 -7.77 -26.34
CA ILE M 38 32.89 -8.45 -25.31
C ILE M 38 34.11 -9.09 -25.92
N ARG M 39 34.00 -9.59 -27.15
CA ARG M 39 35.17 -10.13 -27.80
C ARG M 39 36.23 -9.07 -28.00
N ARG M 40 35.81 -7.86 -28.33
CA ARG M 40 36.75 -6.77 -28.54
C ARG M 40 37.39 -6.37 -27.22
N LEU M 41 36.59 -6.23 -26.17
CA LEU M 41 37.13 -5.91 -24.86
C LEU M 41 38.17 -6.92 -24.46
N ALA M 42 37.90 -8.20 -24.70
CA ALA M 42 38.88 -9.22 -24.40
C ALA M 42 40.14 -9.05 -25.23
N ARG M 43 39.98 -8.92 -26.55
CA ARG M 43 41.15 -8.76 -27.40
C ARG M 43 42.00 -7.59 -26.95
N ARG M 44 41.39 -6.54 -26.43
CA ARG M 44 42.20 -5.50 -25.83
C ARG M 44 42.88 -6.01 -24.57
N GLY M 45 42.18 -6.81 -23.79
CA GLY M 45 42.82 -7.34 -22.60
C GLY M 45 43.94 -8.32 -22.86
N GLY M 46 44.07 -8.79 -24.10
CA GLY M 46 45.12 -9.71 -24.45
C GLY M 46 44.66 -11.12 -24.73
N VAL M 47 43.37 -11.40 -24.62
CA VAL M 47 42.89 -12.77 -24.73
C VAL M 47 43.00 -13.25 -26.16
N LYS M 48 43.54 -14.44 -26.35
CA LYS M 48 43.78 -14.96 -27.68
C LYS M 48 42.64 -15.83 -28.19
N ARG M 49 41.80 -16.36 -27.32
CA ARG M 49 40.80 -17.32 -27.76
C ARG M 49 39.76 -17.47 -26.66
N ILE M 50 38.51 -17.13 -26.96
CA ILE M 50 37.49 -16.94 -25.94
C ILE M 50 36.50 -18.08 -26.02
N SER M 51 36.19 -18.66 -24.86
CA SER M 51 35.19 -19.70 -24.81
C SER M 51 33.80 -19.12 -24.95
N GLY M 52 32.86 -19.98 -25.32
CA GLY M 52 31.53 -19.52 -25.65
C GLY M 52 30.69 -19.14 -24.46
N LEU M 53 31.04 -19.57 -23.27
CA LEU M 53 30.27 -19.20 -22.10
C LEU M 53 30.83 -17.98 -21.41
N ILE M 54 31.85 -17.34 -21.98
CA ILE M 54 32.38 -16.11 -21.40
C ILE M 54 31.38 -15.00 -21.55
N TYR M 55 30.54 -15.05 -22.56
CA TYR M 55 29.67 -13.91 -22.82
C TYR M 55 28.65 -13.73 -21.71
N GLU M 56 28.02 -14.80 -21.26
CA GLU M 56 27.01 -14.66 -20.23
C GLU M 56 27.63 -14.28 -18.89
N GLU M 57 28.78 -14.86 -18.55
CA GLU M 57 29.43 -14.49 -17.31
C GLU M 57 29.90 -13.04 -17.35
N THR M 58 30.39 -12.58 -18.50
CA THR M 58 30.84 -11.21 -18.60
C THR M 58 29.68 -10.24 -18.52
N ARG M 59 28.55 -10.57 -19.12
CA ARG M 59 27.39 -9.70 -18.98
C ARG M 59 26.94 -9.64 -17.54
N GLY M 60 26.95 -10.77 -16.83
CA GLY M 60 26.63 -10.74 -15.42
C GLY M 60 27.58 -9.87 -14.62
N VAL M 61 28.88 -9.98 -14.90
CA VAL M 61 29.88 -9.20 -14.19
C VAL M 61 29.69 -7.72 -14.46
N LEU M 62 29.48 -7.37 -15.71
CA LEU M 62 29.28 -5.98 -16.08
C LEU M 62 28.04 -5.41 -15.43
N LYS M 63 26.96 -6.18 -15.36
CA LYS M 63 25.74 -5.68 -14.74
C LYS M 63 25.93 -5.51 -13.24
N VAL M 64 26.67 -6.40 -12.59
CA VAL M 64 26.92 -6.23 -11.15
C VAL M 64 27.73 -4.98 -10.90
N PHE M 65 28.79 -4.78 -11.68
CA PHE M 65 29.62 -3.59 -11.52
C PHE M 65 28.81 -2.33 -11.77
N LEU M 66 28.01 -2.33 -12.83
CA LEU M 66 27.23 -1.15 -13.15
C LEU M 66 26.21 -0.85 -12.08
N GLU M 67 25.58 -1.87 -11.51
CA GLU M 67 24.66 -1.60 -10.42
C GLU M 67 25.40 -1.00 -9.24
N ASN M 68 26.55 -1.58 -8.89
CA ASN M 68 27.28 -1.08 -7.74
C ASN M 68 27.77 0.34 -7.93
N VAL M 69 27.95 0.79 -9.16
CA VAL M 69 28.39 2.16 -9.39
C VAL M 69 27.21 3.12 -9.53
N ILE M 70 26.16 2.70 -10.24
CA ILE M 70 25.04 3.58 -10.47
C ILE M 70 24.23 3.76 -9.21
N ARG M 71 24.25 2.80 -8.30
CA ARG M 71 23.59 3.03 -7.02
C ARG M 71 24.21 4.22 -6.32
N ASP M 72 25.53 4.28 -6.27
CA ASP M 72 26.18 5.40 -5.58
C ASP M 72 26.06 6.69 -6.37
N ALA M 73 26.10 6.60 -7.70
CA ALA M 73 25.88 7.80 -8.50
C ALA M 73 24.51 8.40 -8.20
N VAL M 74 23.48 7.56 -8.19
CA VAL M 74 22.14 8.03 -7.93
C VAL M 74 21.99 8.49 -6.51
N THR M 75 22.72 7.89 -5.57
CA THR M 75 22.64 8.36 -4.19
C THR M 75 23.26 9.72 -4.02
N TYR M 76 24.42 9.96 -4.61
CA TYR M 76 24.99 11.29 -4.59
C TYR M 76 24.03 12.29 -5.23
N THR M 77 23.42 11.91 -6.34
CA THR M 77 22.41 12.77 -6.95
C THR M 77 21.31 13.11 -5.95
N GLU M 78 20.56 12.09 -5.51
CA GLU M 78 19.44 12.33 -4.62
C GLU M 78 19.83 13.17 -3.42
N HIS M 79 21.04 12.98 -2.90
CA HIS M 79 21.44 13.81 -1.78
C HIS M 79 21.66 15.24 -2.21
N ALA M 80 22.10 15.46 -3.43
CA ALA M 80 22.19 16.84 -3.88
C ALA M 80 20.84 17.41 -4.24
N LYS M 81 19.76 16.66 -4.03
CA LYS M 81 18.40 17.05 -4.37
C LYS M 81 18.20 17.31 -5.83
N ARG M 82 19.14 16.90 -6.67
CA ARG M 82 19.00 17.05 -8.10
C ARG M 82 18.16 15.90 -8.65
N LYS M 83 17.93 15.93 -9.95
CA LYS M 83 17.26 14.85 -10.67
C LYS M 83 18.02 14.54 -11.93
N THR M 84 19.32 14.81 -11.93
CA THR M 84 20.17 14.63 -13.09
C THR M 84 21.49 14.07 -12.61
N VAL M 85 21.87 12.91 -13.09
CA VAL M 85 23.13 12.29 -12.68
C VAL M 85 24.28 12.99 -13.38
N THR M 86 24.98 13.86 -12.67
CA THR M 86 26.09 14.57 -13.26
C THR M 86 27.27 13.61 -13.44
N ALA M 87 28.27 14.06 -14.20
CA ALA M 87 29.47 13.25 -14.32
C ALA M 87 30.30 13.31 -13.05
N MET M 88 30.17 14.37 -12.28
CA MET M 88 30.86 14.41 -11.01
C MET M 88 30.30 13.38 -10.05
N ASP M 89 29.03 13.05 -10.15
CA ASP M 89 28.51 12.00 -9.29
C ASP M 89 29.06 10.65 -9.68
N VAL M 90 29.17 10.37 -10.97
CA VAL M 90 29.76 9.12 -11.39
C VAL M 90 31.22 9.05 -10.96
N VAL M 91 31.95 10.15 -11.10
CA VAL M 91 33.35 10.14 -10.70
C VAL M 91 33.47 9.95 -9.19
N TYR M 92 32.58 10.56 -8.42
CA TYR M 92 32.62 10.37 -6.98
C TYR M 92 32.29 8.95 -6.61
N ALA M 93 31.33 8.34 -7.31
CA ALA M 93 30.99 6.94 -7.05
C ALA M 93 32.18 6.04 -7.34
N LEU M 94 32.84 6.26 -8.46
CA LEU M 94 34.00 5.44 -8.77
C LEU M 94 35.11 5.64 -7.76
N LYS M 95 35.38 6.90 -7.38
CA LYS M 95 36.39 7.13 -6.34
C LYS M 95 36.03 6.43 -5.06
N ARG M 96 34.74 6.28 -4.77
CA ARG M 96 34.36 5.57 -3.57
C ARG M 96 34.59 4.07 -3.71
N GLN M 97 34.19 3.50 -4.84
CA GLN M 97 34.45 2.08 -5.07
C GLN M 97 35.93 1.76 -5.06
N GLY M 98 36.80 2.76 -5.11
CA GLY M 98 38.22 2.50 -5.17
C GLY M 98 38.77 2.38 -6.56
N ARG M 99 38.17 3.04 -7.54
CA ARG M 99 38.56 2.95 -8.94
C ARG M 99 38.62 4.32 -9.56
N THR M 100 39.34 5.24 -8.93
CA THR M 100 39.39 6.64 -9.33
C THR M 100 39.44 6.79 -10.84
N LEU M 101 38.72 7.77 -11.35
CA LEU M 101 38.64 8.03 -12.78
C LEU M 101 39.11 9.45 -13.04
N TYR M 102 40.00 9.59 -14.03
CA TYR M 102 40.58 10.88 -14.36
C TYR M 102 40.11 11.42 -15.68
N GLY M 103 39.62 12.64 -15.70
CA GLY M 103 39.28 13.23 -16.98
C GLY M 103 37.84 13.63 -17.10
N PHE M 104 37.17 13.87 -15.99
CA PHE M 104 35.79 14.28 -16.06
C PHE M 104 35.50 15.37 -15.04
N GLY M 105 36.39 16.34 -14.94
CA GLY M 105 36.21 17.43 -14.01
C GLY M 105 36.38 16.98 -12.58
N GLY M 106 36.67 17.93 -11.68
CA GLY M 106 36.81 17.63 -10.26
C GLY M 106 37.98 16.74 -9.90
N THR N 20 19.96 13.78 30.32
CA THR N 20 21.03 13.71 29.34
C THR N 20 20.51 14.08 27.98
N ARG N 21 21.27 13.72 26.94
CA ARG N 21 20.82 13.87 25.57
C ARG N 21 20.78 12.57 24.81
N SER N 22 21.46 11.52 25.28
CA SER N 22 21.28 10.23 24.67
C SER N 22 19.99 9.57 25.13
N SER N 23 19.57 9.84 26.37
CA SER N 23 18.31 9.32 26.84
C SER N 23 17.14 9.93 26.08
N ARG N 24 17.25 11.21 25.74
CA ARG N 24 16.20 11.86 24.98
C ARG N 24 15.91 11.13 23.69
N ALA N 25 16.90 10.45 23.13
CA ALA N 25 16.72 9.77 21.86
C ALA N 25 16.54 8.27 22.03
N GLY N 26 16.44 7.79 23.25
CA GLY N 26 16.33 6.35 23.47
C GLY N 26 17.53 5.60 22.98
N LEU N 27 18.71 6.19 23.07
CA LEU N 27 19.95 5.57 22.66
C LEU N 27 20.76 5.18 23.87
N GLN N 28 21.74 4.32 23.65
CA GLN N 28 22.71 3.98 24.68
C GLN N 28 24.08 4.56 24.40
N PHE N 29 24.40 4.82 23.15
CA PHE N 29 25.64 5.48 22.79
C PHE N 29 25.54 6.97 23.07
N PRO N 30 26.62 7.58 23.47
CA PRO N 30 26.55 8.92 24.03
C PRO N 30 26.49 9.96 22.93
N VAL N 31 25.32 10.57 22.76
CA VAL N 31 25.20 11.59 21.73
C VAL N 31 26.09 12.77 22.05
N GLY N 32 26.34 13.04 23.33
CA GLY N 32 27.23 14.13 23.67
C GLY N 32 28.65 13.88 23.17
N ARG N 33 29.15 12.67 23.38
CA ARG N 33 30.49 12.36 22.94
C ARG N 33 30.59 12.36 21.44
N VAL N 34 29.58 11.84 20.75
CA VAL N 34 29.64 11.85 19.29
C VAL N 34 29.56 13.27 18.78
N HIS N 35 28.86 14.16 19.49
CA HIS N 35 28.87 15.56 19.09
C HIS N 35 30.26 16.15 19.26
N ARG N 36 30.88 15.93 20.41
CA ARG N 36 32.22 16.43 20.63
C ARG N 36 33.19 15.91 19.59
N LEU N 37 32.99 14.69 19.10
CA LEU N 37 33.90 14.13 18.11
C LEU N 37 33.60 14.62 16.70
N LEU N 38 32.34 14.87 16.37
CA LEU N 38 32.05 15.46 15.08
C LEU N 38 32.46 16.91 15.02
N ARG N 39 32.59 17.57 16.17
CA ARG N 39 32.92 18.97 16.20
C ARG N 39 34.42 19.18 16.23
N LYS N 40 35.12 18.50 17.14
CA LYS N 40 36.55 18.61 17.27
C LYS N 40 37.29 17.65 16.36
N GLY N 41 36.68 17.22 15.28
CA GLY N 41 37.32 16.27 14.40
C GLY N 41 37.56 16.87 13.05
N ASN N 42 37.09 18.10 12.84
CA ASN N 42 37.24 18.82 11.59
C ASN N 42 36.64 18.05 10.43
N TYR N 43 35.36 17.73 10.57
CA TYR N 43 34.62 17.17 9.46
C TYR N 43 33.82 18.21 8.73
N SER N 44 33.43 19.28 9.40
CA SER N 44 32.87 20.44 8.74
C SER N 44 32.88 21.57 9.75
N GLU N 45 32.59 22.77 9.29
CA GLU N 45 32.60 23.90 10.20
C GLU N 45 31.47 23.79 11.21
N ARG N 46 30.30 23.38 10.77
CA ARG N 46 29.14 23.28 11.64
C ARG N 46 28.61 21.86 11.66
N VAL N 47 27.95 21.51 12.74
CA VAL N 47 27.41 20.17 12.92
C VAL N 47 25.96 20.31 13.37
N GLY N 48 25.03 19.92 12.52
CA GLY N 48 23.62 20.02 12.88
C GLY N 48 23.34 19.22 14.14
N ALA N 49 22.53 19.80 15.02
CA ALA N 49 22.27 19.17 16.30
C ALA N 49 21.51 17.87 16.17
N GLY N 50 21.01 17.55 15.00
CA GLY N 50 20.40 16.27 14.76
C GLY N 50 21.31 15.26 14.14
N ALA N 51 22.58 15.60 13.96
CA ALA N 51 23.54 14.68 13.36
C ALA N 51 24.14 13.72 14.37
N PRO N 52 24.64 14.18 15.51
CA PRO N 52 25.16 13.23 16.48
C PRO N 52 24.14 12.21 16.89
N VAL N 53 22.86 12.57 16.91
CA VAL N 53 21.84 11.58 17.27
C VAL N 53 21.77 10.49 16.22
N TYR N 54 21.65 10.88 14.96
CA TYR N 54 21.60 9.90 13.88
C TYR N 54 22.83 9.03 13.88
N LEU N 55 24.00 9.62 14.08
CA LEU N 55 25.23 8.85 14.02
C LEU N 55 25.36 7.92 15.21
N ALA N 56 25.00 8.39 16.40
CA ALA N 56 25.05 7.54 17.57
C ALA N 56 24.09 6.38 17.41
N ALA N 57 22.95 6.62 16.78
CA ALA N 57 22.01 5.53 16.55
C ALA N 57 22.56 4.52 15.57
N VAL N 58 23.21 4.97 14.50
CA VAL N 58 23.75 4.02 13.54
C VAL N 58 24.88 3.22 14.16
N LEU N 59 25.72 3.88 14.96
CA LEU N 59 26.77 3.15 15.66
C LEU N 59 26.18 2.13 16.61
N GLU N 60 25.16 2.52 17.37
CA GLU N 60 24.58 1.58 18.31
C GLU N 60 23.89 0.44 17.59
N TYR N 61 23.29 0.71 16.44
CA TYR N 61 22.67 -0.38 15.71
C TYR N 61 23.71 -1.36 15.20
N LEU N 62 24.82 -0.86 14.64
CA LEU N 62 25.83 -1.78 14.14
C LEU N 62 26.50 -2.52 15.28
N THR N 63 26.69 -1.86 16.42
CA THR N 63 27.28 -2.56 17.56
C THR N 63 26.32 -3.60 18.10
N ALA N 64 25.02 -3.32 18.12
CA ALA N 64 24.08 -4.33 18.55
C ALA N 64 24.06 -5.50 17.59
N GLU N 65 24.14 -5.22 16.30
CA GLU N 65 24.20 -6.30 15.32
C GLU N 65 25.42 -7.19 15.54
N ILE N 66 26.60 -6.58 15.63
CA ILE N 66 27.81 -7.34 15.83
C ILE N 66 27.74 -8.12 17.11
N LEU N 67 27.39 -7.47 18.22
CA LEU N 67 27.41 -8.14 19.50
C LEU N 67 26.36 -9.23 19.57
N GLU N 68 25.24 -9.06 18.85
CA GLU N 68 24.21 -10.09 18.89
C GLU N 68 24.65 -11.33 18.14
N LEU N 69 25.10 -11.16 16.89
CA LEU N 69 25.64 -12.32 16.20
C LEU N 69 26.81 -12.94 16.97
N ALA N 70 27.62 -12.12 17.63
CA ALA N 70 28.76 -12.63 18.37
C ALA N 70 28.32 -13.49 19.53
N GLY N 71 27.40 -12.93 20.32
CA GLY N 71 26.86 -13.60 21.49
C GLY N 71 26.38 -14.99 21.14
N ASN N 72 25.58 -15.10 20.08
CA ASN N 72 25.02 -16.39 19.70
C ASN N 72 26.10 -17.40 19.41
N ALA N 73 27.15 -16.99 18.69
CA ALA N 73 28.25 -17.90 18.38
C ALA N 73 28.90 -18.38 19.67
N ALA N 74 29.09 -17.47 20.62
CA ALA N 74 29.70 -17.81 21.91
C ALA N 74 28.83 -18.84 22.60
N ARG N 75 27.51 -18.65 22.55
CA ARG N 75 26.56 -19.58 23.14
C ARG N 75 26.63 -20.95 22.46
N ASP N 76 26.90 -20.99 21.15
CA ASP N 76 27.11 -22.25 20.47
C ASP N 76 28.36 -22.92 21.04
N ASN N 77 29.42 -22.13 21.29
CA ASN N 77 30.64 -22.70 21.88
C ASN N 77 30.44 -22.86 23.37
N LYS N 78 29.16 -22.90 23.74
CA LYS N 78 28.66 -23.03 25.10
C LYS N 78 29.44 -22.17 26.07
N LYS N 79 29.68 -20.92 25.69
CA LYS N 79 30.47 -20.02 26.50
C LYS N 79 29.70 -18.75 26.78
N THR N 80 29.85 -18.22 27.99
CA THR N 80 29.12 -17.02 28.38
C THR N 80 30.03 -15.80 28.37
N ARG N 81 30.93 -15.70 27.40
CA ARG N 81 31.87 -14.59 27.39
C ARG N 81 32.41 -14.48 25.99
N ILE N 82 32.07 -13.40 25.29
CA ILE N 82 32.56 -13.18 23.95
C ILE N 82 34.06 -12.99 23.97
N ILE N 83 34.75 -13.60 23.01
CA ILE N 83 36.19 -13.37 22.84
C ILE N 83 36.39 -13.03 21.37
N PRO N 84 37.55 -12.55 20.95
CA PRO N 84 37.70 -12.12 19.56
C PRO N 84 37.30 -13.16 18.55
N ARG N 85 37.54 -14.44 18.82
CA ARG N 85 37.16 -15.47 17.86
C ARG N 85 35.68 -15.39 17.54
N HIS N 86 34.86 -15.09 18.53
CA HIS N 86 33.43 -15.06 18.29
C HIS N 86 33.04 -13.86 17.43
N LEU N 87 33.72 -12.74 17.64
CA LEU N 87 33.48 -11.59 16.77
C LEU N 87 33.88 -11.91 15.35
N GLN N 88 34.99 -12.62 15.16
CA GLN N 88 35.37 -12.98 13.80
C GLN N 88 34.37 -13.92 13.17
N LEU N 89 33.82 -14.86 13.95
CA LEU N 89 32.83 -15.77 13.41
C LEU N 89 31.58 -15.04 13.01
N ALA N 90 31.14 -14.08 13.81
CA ALA N 90 29.95 -13.32 13.48
C ALA N 90 30.18 -12.44 12.26
N ILE N 91 31.29 -11.71 12.24
CA ILE N 91 31.54 -10.77 11.17
C ILE N 91 31.75 -11.48 9.84
N ARG N 92 32.32 -12.67 9.84
CA ARG N 92 32.60 -13.33 8.58
C ARG N 92 31.49 -14.25 8.12
N ASN N 93 30.61 -14.68 9.01
CA ASN N 93 29.53 -15.52 8.54
C ASN N 93 28.41 -14.70 7.91
N ASP N 94 28.04 -13.61 8.57
CA ASP N 94 27.06 -12.68 8.02
C ASP N 94 27.56 -12.07 6.72
N GLU N 95 26.71 -12.08 5.70
CA GLU N 95 27.16 -11.66 4.38
C GLU N 95 27.36 -10.16 4.27
N GLU N 96 26.52 -9.36 4.89
CA GLU N 96 26.63 -7.92 4.72
C GLU N 96 27.43 -7.26 5.82
N LEU N 97 27.83 -7.99 6.84
CA LEU N 97 28.83 -7.49 7.76
C LEU N 97 30.21 -7.79 7.25
N ASN N 98 30.36 -8.92 6.57
CA ASN N 98 31.59 -9.23 5.88
C ASN N 98 31.92 -8.14 4.87
N LYS N 99 30.95 -7.76 4.03
CA LYS N 99 31.24 -6.75 3.03
C LYS N 99 31.58 -5.41 3.66
N LEU N 100 31.07 -5.15 4.86
CA LEU N 100 31.39 -3.90 5.52
C LEU N 100 32.78 -3.92 6.11
N LEU N 101 33.20 -5.05 6.66
CA LEU N 101 34.54 -5.22 7.21
C LEU N 101 35.36 -6.19 6.36
N GLY N 102 35.23 -6.08 5.05
CA GLY N 102 35.94 -7.01 4.18
C GLY N 102 37.44 -6.85 4.27
N ARG N 103 37.92 -5.67 4.59
CA ARG N 103 39.33 -5.37 4.61
C ARG N 103 39.80 -5.10 6.03
N VAL N 104 39.33 -5.89 6.98
CA VAL N 104 39.63 -5.69 8.39
C VAL N 104 40.07 -7.02 8.96
N THR N 105 41.25 -7.06 9.55
CA THR N 105 41.71 -8.24 10.25
C THR N 105 41.47 -8.02 11.74
N ILE N 106 40.94 -9.03 12.40
CA ILE N 106 40.57 -8.92 13.79
C ILE N 106 41.62 -9.66 14.61
N ALA N 107 42.24 -8.95 15.54
CA ALA N 107 43.34 -9.54 16.28
C ALA N 107 42.87 -10.76 17.04
N GLN N 108 43.68 -11.81 17.01
CA GLN N 108 43.34 -13.09 17.61
C GLN N 108 41.99 -13.57 17.10
N GLY N 109 41.85 -13.56 15.78
CA GLY N 109 40.57 -13.86 15.20
C GLY N 109 40.50 -15.20 14.50
N GLY N 110 41.62 -15.70 14.02
CA GLY N 110 41.51 -16.94 13.32
C GLY N 110 40.72 -16.76 12.03
N VAL N 111 40.39 -17.89 11.42
CA VAL N 111 39.69 -17.86 10.15
C VAL N 111 38.41 -18.66 10.21
N LEU N 112 37.70 -18.71 9.10
CA LEU N 112 36.50 -19.52 9.01
C LEU N 112 36.87 -20.96 8.68
N PRO N 113 36.45 -21.93 9.47
CA PRO N 113 36.73 -23.32 9.13
C PRO N 113 36.23 -23.66 7.74
N ASN N 114 37.15 -23.91 6.83
CA ASN N 114 36.80 -24.02 5.41
C ASN N 114 37.91 -24.80 4.72
N ILE N 115 37.65 -26.07 4.42
CA ILE N 115 38.58 -26.90 3.67
C ILE N 115 38.03 -27.02 2.25
N GLN N 116 38.87 -26.77 1.26
CA GLN N 116 38.42 -26.83 -0.11
C GLN N 116 37.96 -28.24 -0.46
N ALA N 117 36.81 -28.33 -1.14
CA ALA N 117 36.18 -29.63 -1.39
C ALA N 117 37.06 -30.55 -2.23
N VAL N 118 38.01 -30.01 -2.98
CA VAL N 118 38.88 -30.87 -3.76
C VAL N 118 39.91 -31.57 -2.89
N LEU N 119 40.25 -30.98 -1.74
CA LEU N 119 41.29 -31.56 -0.89
C LEU N 119 40.76 -32.66 0.01
N LEU N 120 39.44 -32.75 0.21
CA LEU N 120 38.87 -33.77 1.07
C LEU N 120 39.16 -35.16 0.51
N PRO N 121 39.19 -36.18 1.35
CA PRO N 121 39.60 -37.51 0.89
C PRO N 121 38.58 -38.13 -0.05
N LYS N 122 39.04 -39.14 -0.78
CA LYS N 122 38.18 -39.84 -1.72
C LYS N 122 38.55 -41.31 -1.84
N ARG O 35 46.49 11.01 36.03
CA ARG O 35 45.07 10.93 36.32
C ARG O 35 44.25 11.71 35.29
N SER O 36 44.45 11.38 34.01
CA SER O 36 43.74 12.04 32.94
C SER O 36 42.45 11.28 32.62
N ARG O 37 41.79 11.63 31.53
CA ARG O 37 40.52 11.02 31.11
C ARG O 37 40.63 10.61 29.63
N LYS O 38 41.04 9.37 29.40
CA LYS O 38 41.09 8.81 28.06
C LYS O 38 39.70 8.30 27.66
N GLU O 39 39.20 8.79 26.53
CA GLU O 39 37.88 8.41 26.05
C GLU O 39 37.92 7.07 25.32
N SER O 40 36.83 6.32 25.44
CA SER O 40 36.64 5.06 24.74
C SER O 40 35.20 4.62 24.97
N TYR O 41 34.70 3.77 24.08
CA TYR O 41 33.31 3.37 24.10
C TYR O 41 33.09 2.11 24.89
N SER O 42 33.87 1.89 25.95
CA SER O 42 33.78 0.65 26.70
C SER O 42 32.39 0.46 27.29
N ILE O 43 31.98 1.36 28.19
CA ILE O 43 30.75 1.14 28.91
C ILE O 43 29.53 1.23 28.01
N TYR O 44 29.65 1.90 26.88
CA TYR O 44 28.54 2.00 25.95
C TYR O 44 28.31 0.66 25.28
N VAL O 45 29.34 0.10 24.66
CA VAL O 45 29.24 -1.23 24.07
C VAL O 45 28.79 -2.21 25.12
N TYR O 46 29.24 -2.04 26.35
CA TYR O 46 28.81 -2.92 27.41
C TYR O 46 27.32 -2.82 27.65
N LYS O 47 26.77 -1.61 27.66
CA LYS O 47 25.33 -1.47 27.86
C LYS O 47 24.56 -2.07 26.70
N VAL O 48 25.02 -1.88 25.47
CA VAL O 48 24.30 -2.49 24.35
C VAL O 48 24.36 -4.01 24.47
N LEU O 49 25.47 -4.53 24.97
CA LEU O 49 25.56 -5.97 25.19
C LEU O 49 24.54 -6.42 26.21
N LYS O 50 24.51 -5.76 27.36
CA LYS O 50 23.53 -6.13 28.39
C LYS O 50 22.10 -5.98 27.90
N GLN O 51 21.87 -5.12 26.91
CA GLN O 51 20.56 -5.11 26.27
C GLN O 51 20.33 -6.38 25.48
N VAL O 52 21.30 -6.78 24.66
CA VAL O 52 21.05 -7.86 23.71
C VAL O 52 21.43 -9.24 24.23
N HIS O 53 22.13 -9.34 25.34
CA HIS O 53 22.43 -10.64 25.93
C HIS O 53 22.64 -10.52 27.42
N PRO O 54 21.59 -10.37 28.18
CA PRO O 54 21.72 -9.99 29.58
C PRO O 54 22.60 -10.90 30.43
N ASP O 55 23.07 -12.00 29.88
CA ASP O 55 23.93 -12.88 30.66
C ASP O 55 25.32 -13.07 30.07
N THR O 56 25.57 -12.60 28.86
CA THR O 56 26.85 -12.83 28.19
C THR O 56 27.78 -11.67 28.45
N GLY O 57 28.97 -11.97 28.98
CA GLY O 57 29.98 -10.96 29.18
C GLY O 57 30.81 -10.74 27.92
N ILE O 58 31.85 -9.93 28.07
CA ILE O 58 32.71 -9.64 26.94
C ILE O 58 34.13 -9.39 27.43
N SER O 59 35.09 -10.08 26.84
CA SER O 59 36.44 -10.08 27.33
C SER O 59 37.20 -8.87 26.83
N SER O 60 38.15 -8.41 27.65
CA SER O 60 38.80 -7.13 27.40
C SER O 60 39.35 -7.03 25.99
N LYS O 61 39.78 -8.12 25.39
CA LYS O 61 40.28 -8.03 24.03
C LYS O 61 39.14 -7.87 23.04
N ALA O 62 38.05 -8.60 23.21
CA ALA O 62 36.89 -8.34 22.38
C ALA O 62 36.30 -6.98 22.69
N MET O 63 36.51 -6.48 23.91
CA MET O 63 36.15 -5.11 24.20
C MET O 63 36.93 -4.16 23.32
N GLY O 64 38.25 -4.34 23.25
CA GLY O 64 39.06 -3.51 22.39
C GLY O 64 38.66 -3.62 20.94
N ILE O 65 38.24 -4.79 20.51
CA ILE O 65 37.83 -4.95 19.12
C ILE O 65 36.55 -4.20 18.85
N MET O 66 35.55 -4.35 19.71
CA MET O 66 34.32 -3.57 19.53
C MET O 66 34.63 -2.09 19.56
N ASN O 67 35.59 -1.70 20.40
CA ASN O 67 35.95 -0.30 20.52
C ASN O 67 36.54 0.23 19.22
N SER O 68 37.50 -0.49 18.66
CA SER O 68 38.07 -0.06 17.39
C SER O 68 37.07 -0.18 16.26
N PHE O 69 36.07 -1.05 16.38
CA PHE O 69 35.06 -1.12 15.35
C PHE O 69 34.19 0.12 15.37
N VAL O 70 33.77 0.53 16.56
CA VAL O 70 33.01 1.76 16.68
C VAL O 70 33.81 2.92 16.12
N ASN O 71 35.09 3.02 16.48
CA ASN O 71 35.91 4.12 15.96
C ASN O 71 36.02 4.07 14.46
N ASP O 72 36.25 2.89 13.89
CA ASP O 72 36.41 2.78 12.45
C ASP O 72 35.13 3.17 11.73
N ILE O 73 33.99 2.64 12.16
CA ILE O 73 32.75 2.94 11.45
C ILE O 73 32.38 4.39 11.61
N PHE O 74 32.59 4.96 12.79
CA PHE O 74 32.24 6.35 13.00
C PHE O 74 33.14 7.26 12.17
N GLU O 75 34.42 6.92 12.06
CA GLU O 75 35.30 7.73 11.22
C GLU O 75 34.92 7.59 9.75
N ARG O 76 34.53 6.40 9.30
CA ARG O 76 34.08 6.26 7.92
C ARG O 76 32.85 7.11 7.66
N ILE O 77 31.85 7.00 8.54
CA ILE O 77 30.60 7.70 8.28
C ILE O 77 30.80 9.20 8.33
N ALA O 78 31.54 9.68 9.32
CA ALA O 78 31.76 11.12 9.37
C ALA O 78 32.62 11.59 8.22
N GLY O 79 33.58 10.79 7.77
CA GLY O 79 34.38 11.20 6.62
C GLY O 79 33.53 11.30 5.37
N GLU O 80 32.63 10.36 5.17
CA GLU O 80 31.76 10.44 4.01
C GLU O 80 30.75 11.56 4.15
N ALA O 81 30.28 11.83 5.36
CA ALA O 81 29.39 12.97 5.54
C ALA O 81 30.11 14.27 5.23
N SER O 82 31.37 14.37 5.64
CA SER O 82 32.15 15.55 5.34
C SER O 82 32.35 15.69 3.84
N ARG O 83 32.64 14.59 3.16
CA ARG O 83 32.82 14.67 1.72
C ARG O 83 31.52 15.08 1.03
N LEU O 84 30.38 14.58 1.52
CA LEU O 84 29.10 15.02 0.97
C LEU O 84 28.92 16.52 1.15
N ALA O 85 29.14 17.01 2.37
CA ALA O 85 28.95 18.42 2.64
C ALA O 85 29.83 19.26 1.72
N HIS O 86 31.12 18.94 1.64
CA HIS O 86 32.00 19.76 0.81
C HIS O 86 31.67 19.61 -0.67
N TYR O 87 31.12 18.47 -1.06
CA TYR O 87 30.78 18.26 -2.45
C TYR O 87 29.62 19.17 -2.85
N ASN O 88 28.69 19.39 -1.93
CA ASN O 88 27.57 20.27 -2.21
C ASN O 88 27.74 21.66 -1.61
N LYS O 89 28.94 22.00 -1.18
CA LYS O 89 29.24 23.35 -0.71
C LYS O 89 28.32 23.76 0.42
N ARG O 90 28.17 22.88 1.40
CA ARG O 90 27.48 23.19 2.63
C ARG O 90 28.47 23.18 3.77
N SER O 91 28.10 23.81 4.87
CA SER O 91 28.97 23.90 6.03
C SER O 91 28.40 23.18 7.24
N THR O 92 27.37 22.36 7.06
CA THR O 92 26.74 21.68 8.17
C THR O 92 26.62 20.21 7.84
N ILE O 93 27.03 19.35 8.77
CA ILE O 93 26.75 17.93 8.69
C ILE O 93 25.41 17.72 9.37
N THR O 94 24.33 17.70 8.60
CA THR O 94 23.02 17.46 9.18
C THR O 94 22.67 15.98 9.07
N SER O 95 21.50 15.62 9.55
CA SER O 95 21.09 14.22 9.47
C SER O 95 20.92 13.77 8.03
N ARG O 96 20.74 14.70 7.10
CA ARG O 96 20.70 14.33 5.70
C ARG O 96 22.03 13.76 5.24
N GLU O 97 23.13 14.41 5.61
CA GLU O 97 24.44 13.92 5.20
C GLU O 97 24.78 12.62 5.90
N ILE O 98 24.44 12.48 7.19
CA ILE O 98 24.71 11.22 7.85
C ILE O 98 23.88 10.11 7.23
N GLN O 99 22.67 10.42 6.81
CA GLN O 99 21.84 9.39 6.18
C GLN O 99 22.42 8.95 4.85
N THR O 100 22.87 9.89 4.05
CA THR O 100 23.47 9.49 2.78
C THR O 100 24.80 8.80 2.99
N ALA O 101 25.53 9.16 4.04
CA ALA O 101 26.76 8.43 4.34
C ALA O 101 26.44 6.99 4.69
N VAL O 102 25.42 6.76 5.50
CA VAL O 102 25.04 5.40 5.85
C VAL O 102 24.58 4.64 4.61
N ARG O 103 23.84 5.30 3.73
CA ARG O 103 23.40 4.62 2.53
C ARG O 103 24.54 4.34 1.57
N LEU O 104 25.64 5.05 1.69
CA LEU O 104 26.79 4.79 0.84
C LEU O 104 27.70 3.71 1.42
N LEU O 105 27.92 3.71 2.73
CA LEU O 105 28.89 2.78 3.30
C LEU O 105 28.27 1.42 3.53
N LEU O 106 27.30 1.33 4.42
CA LEU O 106 26.78 0.04 4.80
C LEU O 106 26.10 -0.63 3.61
N PRO O 107 26.32 -1.91 3.40
CA PRO O 107 25.69 -2.59 2.27
C PRO O 107 24.18 -2.72 2.43
N GLY O 108 23.52 -3.31 1.45
CA GLY O 108 22.10 -3.10 1.26
C GLY O 108 21.19 -3.19 2.46
N GLU O 109 20.98 -4.40 2.98
CA GLU O 109 20.02 -4.56 4.06
C GLU O 109 20.49 -3.86 5.32
N LEU O 110 21.78 -3.97 5.62
CA LEU O 110 22.31 -3.25 6.76
C LEU O 110 22.07 -1.76 6.60
N ALA O 111 22.17 -1.25 5.37
CA ALA O 111 21.93 0.16 5.13
C ALA O 111 20.50 0.52 5.45
N LYS O 112 19.55 -0.25 4.91
CA LYS O 112 18.15 0.09 5.13
C LYS O 112 17.80 0.05 6.61
N HIS O 113 18.26 -0.97 7.32
CA HIS O 113 17.88 -1.06 8.73
C HIS O 113 18.57 0.01 9.56
N ALA O 114 19.81 0.37 9.22
CA ALA O 114 20.49 1.42 9.95
C ALA O 114 19.84 2.76 9.71
N VAL O 115 19.44 3.03 8.48
CA VAL O 115 18.74 4.27 8.18
C VAL O 115 17.44 4.34 8.95
N SER O 116 16.71 3.24 9.03
CA SER O 116 15.49 3.25 9.82
C SER O 116 15.79 3.55 11.28
N GLU O 117 16.81 2.90 11.84
CA GLU O 117 17.13 3.11 13.23
C GLU O 117 17.51 4.55 13.51
N GLY O 118 18.28 5.15 12.61
CA GLY O 118 18.69 6.53 12.81
C GLY O 118 17.54 7.51 12.66
N THR O 119 16.69 7.30 11.65
CA THR O 119 15.51 8.13 11.51
C THR O 119 14.66 8.06 12.75
N LYS O 120 14.46 6.86 13.29
CA LYS O 120 13.65 6.70 14.48
C LYS O 120 14.27 7.43 15.66
N ALA O 121 15.59 7.33 15.82
CA ALA O 121 16.22 8.01 16.95
C ALA O 121 16.12 9.51 16.83
N VAL O 122 16.43 10.03 15.64
CA VAL O 122 16.38 11.46 15.41
C VAL O 122 14.97 11.96 15.59
N THR O 123 14.00 11.23 15.05
CA THR O 123 12.60 11.64 15.16
C THR O 123 12.21 11.71 16.63
N LYS O 124 12.59 10.70 17.40
CA LYS O 124 12.30 10.69 18.83
C LYS O 124 12.97 11.89 19.51
N TYR O 125 14.20 12.23 19.11
CA TYR O 125 14.89 13.37 19.67
C TYR O 125 14.10 14.64 19.39
N THR O 126 13.54 14.77 18.18
CA THR O 126 12.70 15.92 17.84
C THR O 126 11.43 15.91 18.69
N SER O 127 10.89 14.73 18.98
CA SER O 127 9.69 14.59 19.79
C SER O 127 9.86 15.11 21.21
N ALA O 128 11.11 15.24 21.68
CA ALA O 128 11.27 15.79 23.02
C ALA O 128 11.54 17.29 22.90
N LYS O 129 12.02 17.90 23.97
CA LYS O 129 12.38 19.32 23.92
C LYS O 129 13.49 19.64 24.90
N HIS P 43 51.63 -47.95 13.25
CA HIS P 43 50.92 -47.93 11.97
C HIS P 43 51.36 -46.74 11.13
N ARG P 44 50.53 -46.35 10.17
CA ARG P 44 50.88 -45.28 9.24
C ARG P 44 49.61 -44.77 8.59
N TYR P 45 49.38 -43.46 8.69
CA TYR P 45 48.25 -42.85 8.02
C TYR P 45 48.55 -42.63 6.54
N ARG P 46 47.54 -42.83 5.70
CA ARG P 46 47.72 -42.61 4.27
C ARG P 46 48.12 -41.17 4.03
N PRO P 47 49.33 -40.89 3.53
CA PRO P 47 49.79 -39.50 3.38
C PRO P 47 48.75 -38.62 2.73
N GLY P 48 48.38 -37.55 3.41
CA GLY P 48 47.27 -36.71 2.99
C GLY P 48 46.17 -36.60 4.01
N THR P 49 46.22 -37.34 5.12
CA THR P 49 45.22 -37.22 6.15
C THR P 49 45.72 -36.57 7.42
N VAL P 50 47.02 -36.65 7.70
CA VAL P 50 47.55 -35.81 8.77
C VAL P 50 47.44 -34.35 8.37
N ALA P 51 47.48 -34.08 7.07
CA ALA P 51 47.31 -32.72 6.58
C ALA P 51 45.92 -32.19 6.91
N LEU P 52 44.87 -32.94 6.58
CA LEU P 52 43.53 -32.48 6.88
C LEU P 52 43.32 -32.33 8.38
N ARG P 53 43.94 -33.19 9.17
CA ARG P 53 43.79 -33.08 10.60
C ARG P 53 44.48 -31.83 11.13
N GLU P 54 45.65 -31.51 10.59
CA GLU P 54 46.31 -30.27 10.98
C GLU P 54 45.53 -29.06 10.53
N ILE P 55 44.89 -29.14 9.36
CA ILE P 55 44.05 -28.04 8.90
C ILE P 55 42.94 -27.79 9.91
N ARG P 56 42.18 -28.82 10.24
CA ARG P 56 41.12 -28.62 11.22
C ARG P 56 41.68 -28.14 12.54
N ARG P 57 42.89 -28.57 12.91
CA ARG P 57 43.41 -28.15 14.20
C ARG P 57 43.80 -26.68 14.20
N TYR P 58 44.32 -26.18 13.08
CA TYR P 58 44.76 -24.79 13.03
C TYR P 58 43.66 -23.85 12.61
N GLN P 59 42.52 -24.34 12.17
CA GLN P 59 41.40 -23.47 11.91
C GLN P 59 40.42 -23.42 13.08
N LYS P 60 40.62 -24.22 14.11
CA LYS P 60 39.93 -24.03 15.37
C LYS P 60 40.69 -23.12 16.30
N SER P 61 41.95 -22.85 16.00
CA SER P 61 42.82 -22.09 16.89
C SER P 61 42.89 -20.64 16.47
N THR P 62 43.35 -19.80 17.39
CA THR P 62 43.47 -18.38 17.13
C THR P 62 44.85 -17.87 17.48
N GLU P 63 45.53 -18.56 18.40
CA GLU P 63 46.85 -18.13 18.82
C GLU P 63 47.79 -18.02 17.63
N LEU P 64 48.86 -17.26 17.81
CA LEU P 64 49.71 -16.90 16.69
C LEU P 64 50.58 -18.08 16.27
N LEU P 65 50.78 -18.21 14.98
CA LEU P 65 51.47 -19.36 14.42
C LEU P 65 52.96 -19.15 14.27
N ILE P 66 53.38 -17.97 13.86
CA ILE P 66 54.80 -17.67 13.81
C ILE P 66 55.29 -17.44 15.22
N ARG P 67 56.50 -17.87 15.50
CA ARG P 67 56.98 -17.76 16.86
C ARG P 67 57.13 -16.29 17.23
N LYS P 68 57.36 -16.02 18.52
CA LYS P 68 57.40 -14.63 18.95
C LYS P 68 58.79 -14.01 18.82
N LEU P 69 59.81 -14.61 19.40
CA LEU P 69 61.11 -13.96 19.30
C LEU P 69 61.71 -13.94 17.91
N PRO P 70 61.57 -14.97 17.09
CA PRO P 70 62.06 -14.83 15.72
C PRO P 70 61.41 -13.67 14.99
N PHE P 71 60.10 -13.50 15.16
CA PHE P 71 59.44 -12.39 14.50
C PHE P 71 59.87 -11.07 15.08
N GLN P 72 60.11 -11.03 16.39
CA GLN P 72 60.56 -9.79 16.99
C GLN P 72 61.92 -9.39 16.46
N ARG P 73 62.83 -10.35 16.34
CA ARG P 73 64.13 -10.04 15.77
C ARG P 73 64.02 -9.67 14.31
N LEU P 74 63.08 -10.26 13.58
CA LEU P 74 62.89 -9.87 12.19
C LEU P 74 62.44 -8.42 12.09
N VAL P 75 61.48 -8.03 12.93
CA VAL P 75 61.00 -6.66 12.90
C VAL P 75 62.11 -5.69 13.27
N ARG P 76 62.88 -6.00 14.30
CA ARG P 76 63.95 -5.10 14.68
C ARG P 76 65.00 -5.00 13.59
N GLU P 77 65.34 -6.12 12.94
CA GLU P 77 66.30 -6.04 11.85
C GLU P 77 65.77 -5.17 10.72
N ILE P 78 64.51 -5.35 10.35
CA ILE P 78 63.98 -4.59 9.22
C ILE P 78 63.86 -3.12 9.58
N ALA P 79 63.58 -2.79 10.83
CA ALA P 79 63.54 -1.39 11.23
C ALA P 79 64.92 -0.81 11.43
N GLN P 80 65.95 -1.65 11.53
CA GLN P 80 67.30 -1.14 11.58
C GLN P 80 67.68 -0.41 10.30
N ASP P 81 66.99 -0.66 9.19
CA ASP P 81 67.33 -0.07 7.91
C ASP P 81 66.55 1.19 7.62
N PHE P 82 65.82 1.71 8.58
CA PHE P 82 65.05 2.92 8.38
C PHE P 82 65.42 4.02 9.35
N LYS P 83 65.62 3.69 10.62
CA LYS P 83 66.12 4.66 11.58
C LYS P 83 66.81 3.89 12.69
N THR P 84 68.12 4.03 12.78
CA THR P 84 68.88 3.24 13.74
C THR P 84 68.44 3.54 15.17
N ASP P 85 68.69 2.58 16.04
CA ASP P 85 68.43 2.71 17.47
C ASP P 85 66.97 3.03 17.73
N LEU P 86 66.09 2.20 17.18
CA LEU P 86 64.67 2.35 17.45
C LEU P 86 64.29 1.63 18.73
N ARG P 87 63.04 1.75 19.09
CA ARG P 87 62.46 0.99 20.18
C ARG P 87 61.08 0.54 19.74
N PHE P 88 60.58 -0.51 20.37
CA PHE P 88 59.29 -1.05 19.96
C PHE P 88 58.47 -1.35 21.19
N GLN P 89 57.34 -0.67 21.32
CA GLN P 89 56.36 -1.07 22.30
C GLN P 89 55.95 -2.50 22.03
N SER P 90 56.04 -3.36 23.05
CA SER P 90 55.75 -4.78 22.84
C SER P 90 54.43 -4.96 22.12
N SER P 91 53.45 -4.13 22.43
CA SER P 91 52.18 -4.22 21.75
C SER P 91 52.32 -3.95 20.26
N ALA P 92 53.28 -3.11 19.87
CA ALA P 92 53.44 -2.82 18.46
C ALA P 92 54.01 -4.02 17.73
N VAL P 93 54.94 -4.73 18.35
CA VAL P 93 55.43 -5.96 17.75
C VAL P 93 54.29 -6.97 17.62
N MET P 94 53.47 -7.08 18.66
CA MET P 94 52.34 -7.99 18.58
C MET P 94 51.41 -7.62 17.44
N ALA P 95 51.17 -6.33 17.23
CA ALA P 95 50.28 -5.93 16.16
C ALA P 95 50.89 -6.18 14.79
N LEU P 96 52.19 -5.95 14.66
CA LEU P 96 52.85 -6.32 13.41
C LEU P 96 52.69 -7.80 13.15
N GLN P 97 52.76 -8.61 14.20
CA GLN P 97 52.64 -10.06 13.99
C GLN P 97 51.23 -10.44 13.59
N GLU P 98 50.23 -9.86 14.24
CA GLU P 98 48.85 -10.14 13.85
C GLU P 98 48.62 -9.77 12.39
N ALA P 99 49.09 -8.59 12.01
CA ALA P 99 48.90 -8.15 10.63
C ALA P 99 49.58 -9.10 9.67
N CYS P 100 50.83 -9.47 9.96
CA CYS P 100 51.58 -10.31 9.03
C CYS P 100 50.96 -11.70 8.94
N GLU P 101 50.48 -12.24 10.05
CA GLU P 101 49.90 -13.56 9.99
C GLU P 101 48.58 -13.54 9.27
N ALA P 102 47.76 -12.53 9.50
CA ALA P 102 46.52 -12.44 8.74
C ALA P 102 46.82 -12.30 7.25
N TYR P 103 47.84 -11.51 6.91
CA TYR P 103 48.19 -11.33 5.51
C TYR P 103 48.61 -12.65 4.88
N LEU P 104 49.51 -13.37 5.55
CA LEU P 104 49.99 -14.62 4.99
C LEU P 104 48.88 -15.66 4.89
N VAL P 105 48.00 -15.71 5.89
CA VAL P 105 46.89 -16.65 5.84
C VAL P 105 46.01 -16.35 4.64
N GLY P 106 45.70 -15.08 4.40
CA GLY P 106 44.90 -14.74 3.24
C GLY P 106 45.60 -15.07 1.94
N LEU P 107 46.90 -14.80 1.88
CA LEU P 107 47.65 -15.11 0.68
C LEU P 107 47.64 -16.59 0.39
N PHE P 108 47.70 -17.42 1.43
CA PHE P 108 47.71 -18.85 1.20
C PHE P 108 46.33 -19.37 0.84
N GLU P 109 45.26 -18.75 1.34
CA GLU P 109 43.94 -19.09 0.84
C GLU P 109 43.85 -18.86 -0.66
N ASP P 110 44.21 -17.66 -1.10
CA ASP P 110 44.12 -17.35 -2.53
C ASP P 110 45.10 -18.19 -3.34
N THR P 111 46.25 -18.52 -2.76
CA THR P 111 47.21 -19.37 -3.46
C THR P 111 46.65 -20.77 -3.64
N ASN P 112 46.05 -21.31 -2.60
CA ASN P 112 45.41 -22.61 -2.72
C ASN P 112 44.34 -22.59 -3.78
N LEU P 113 43.60 -21.49 -3.87
CA LEU P 113 42.61 -21.38 -4.94
C LEU P 113 43.27 -21.45 -6.31
N CYS P 114 44.38 -20.74 -6.49
CA CYS P 114 45.06 -20.82 -7.78
C CYS P 114 45.53 -22.24 -8.08
N ALA P 115 46.11 -22.90 -7.09
CA ALA P 115 46.61 -24.25 -7.31
C ALA P 115 45.48 -25.20 -7.67
N ILE P 116 44.42 -25.20 -6.89
CA ILE P 116 43.25 -26.01 -7.21
C ILE P 116 42.74 -25.68 -8.60
N HIS P 117 42.84 -24.43 -9.00
CA HIS P 117 42.39 -24.06 -10.32
C HIS P 117 43.25 -24.68 -11.40
N ALA P 118 44.53 -24.88 -11.14
CA ALA P 118 45.37 -25.48 -12.17
C ALA P 118 45.31 -26.99 -12.18
N LYS P 119 44.31 -27.59 -11.54
CA LYS P 119 44.10 -29.03 -11.38
C LYS P 119 45.06 -29.65 -10.37
N ARG P 120 46.01 -28.89 -9.82
CA ARG P 120 46.96 -29.44 -8.88
C ARG P 120 46.37 -29.45 -7.48
N VAL P 121 47.15 -29.94 -6.53
CA VAL P 121 46.82 -29.82 -5.12
C VAL P 121 47.94 -29.16 -4.33
N THR P 122 49.18 -29.25 -4.78
CA THR P 122 50.30 -28.63 -4.08
C THR P 122 50.43 -27.20 -4.51
N ILE P 123 50.39 -26.28 -3.56
CA ILE P 123 50.65 -24.90 -3.89
C ILE P 123 52.11 -24.76 -4.25
N MET P 124 52.38 -24.16 -5.40
CA MET P 124 53.70 -23.97 -5.94
C MET P 124 54.04 -22.49 -5.94
N PRO P 125 55.29 -22.13 -6.24
CA PRO P 125 55.60 -20.69 -6.28
C PRO P 125 54.75 -19.93 -7.26
N LYS P 126 54.63 -20.41 -8.50
CA LYS P 126 53.84 -19.68 -9.48
C LYS P 126 52.43 -19.43 -8.99
N ASP P 127 51.92 -20.25 -8.08
CA ASP P 127 50.64 -19.97 -7.48
C ASP P 127 50.67 -18.69 -6.66
N ILE P 128 51.66 -18.55 -5.78
CA ILE P 128 51.77 -17.32 -5.00
C ILE P 128 51.99 -16.13 -5.92
N GLN P 129 52.82 -16.30 -6.94
CA GLN P 129 53.08 -15.18 -7.84
C GLN P 129 51.82 -14.76 -8.58
N LEU P 130 50.98 -15.71 -8.98
CA LEU P 130 49.74 -15.35 -9.65
C LEU P 130 48.77 -14.70 -8.68
N ALA P 131 48.65 -15.22 -7.46
CA ALA P 131 47.74 -14.61 -6.50
C ALA P 131 48.13 -13.17 -6.22
N ARG P 132 49.42 -12.92 -6.09
CA ARG P 132 49.85 -11.55 -5.82
C ARG P 132 49.69 -10.67 -7.05
N ARG P 133 49.97 -11.21 -8.23
CA ARG P 133 49.81 -10.42 -9.44
C ARG P 133 48.37 -10.07 -9.71
N ILE P 134 47.43 -10.84 -9.17
CA ILE P 134 46.02 -10.49 -9.36
C ILE P 134 45.53 -9.58 -8.26
N ARG P 135 45.89 -9.83 -7.00
CA ARG P 135 45.52 -8.87 -5.97
C ARG P 135 46.16 -7.52 -6.20
N GLY P 136 47.18 -7.46 -7.04
CA GLY P 136 47.80 -6.20 -7.40
C GLY P 136 48.86 -5.78 -6.42
N GLU P 137 49.83 -6.64 -6.16
CA GLU P 137 50.84 -6.35 -5.16
C GLU P 137 52.24 -6.18 -5.72
N ARG P 138 52.57 -6.90 -6.80
CA ARG P 138 53.79 -6.64 -7.54
C ARG P 138 53.51 -6.88 -9.02
N ALA P 139 54.40 -6.36 -9.87
CA ALA P 139 54.22 -6.47 -11.31
C ALA P 139 54.40 -7.91 -11.77
N ASN Q 29 68.56 -13.55 9.19
CA ASN Q 29 67.65 -13.53 10.32
C ASN Q 29 66.19 -13.70 9.91
N ILE Q 30 65.93 -13.54 8.62
CA ILE Q 30 64.61 -13.85 8.11
C ILE Q 30 64.31 -15.32 8.28
N GLN Q 31 65.36 -16.15 8.34
CA GLN Q 31 65.18 -17.59 8.53
C GLN Q 31 64.49 -17.93 9.83
N GLY Q 32 64.32 -16.96 10.74
CA GLY Q 32 63.55 -17.23 11.94
C GLY Q 32 62.13 -17.65 11.62
N ILE Q 33 61.61 -17.26 10.47
CA ILE Q 33 60.33 -17.75 10.04
C ILE Q 33 60.57 -19.14 9.51
N THR Q 34 60.52 -20.11 10.40
CA THR Q 34 61.00 -21.44 10.10
C THR Q 34 60.08 -22.15 9.13
N LYS Q 35 60.57 -23.25 8.55
CA LYS Q 35 59.74 -24.03 7.64
C LYS Q 35 58.46 -24.51 8.28
N PRO Q 36 58.47 -25.07 9.49
CA PRO Q 36 57.19 -25.47 10.08
C PRO Q 36 56.25 -24.31 10.34
N ALA Q 37 56.75 -23.10 10.59
CA ALA Q 37 55.83 -22.00 10.85
C ALA Q 37 55.09 -21.58 9.59
N ILE Q 38 55.79 -21.52 8.47
CA ILE Q 38 55.11 -21.29 7.20
C ILE Q 38 54.17 -22.43 6.89
N ARG Q 39 54.55 -23.64 7.26
CA ARG Q 39 53.63 -24.75 7.08
C ARG Q 39 52.35 -24.55 7.88
N ARG Q 40 52.48 -24.08 9.11
CA ARG Q 40 51.30 -23.87 9.94
C ARG Q 40 50.43 -22.77 9.39
N LEU Q 41 51.04 -21.69 8.93
CA LEU Q 41 50.27 -20.63 8.29
C LEU Q 41 49.51 -21.18 7.09
N ALA Q 42 50.14 -22.05 6.32
CA ALA Q 42 49.45 -22.56 5.14
C ALA Q 42 48.35 -23.53 5.53
N ARG Q 43 48.56 -24.32 6.57
CA ARG Q 43 47.49 -25.15 7.09
C ARG Q 43 46.29 -24.30 7.43
N ARG Q 44 46.49 -23.29 8.26
CA ARG Q 44 45.37 -22.42 8.61
C ARG Q 44 44.73 -21.86 7.36
N GLY Q 45 45.53 -21.55 6.36
CA GLY Q 45 44.95 -21.07 5.14
C GLY Q 45 44.15 -22.10 4.39
N GLY Q 46 44.26 -23.36 4.74
CA GLY Q 46 43.56 -24.41 4.03
C GLY Q 46 44.40 -25.13 3.01
N VAL Q 47 45.70 -24.92 3.00
CA VAL Q 47 46.58 -25.54 2.03
C VAL Q 47 46.82 -26.98 2.44
N LYS Q 48 46.59 -27.91 1.52
CA LYS Q 48 46.73 -29.31 1.88
C LYS Q 48 48.15 -29.83 1.70
N ARG Q 49 48.74 -29.59 0.54
CA ARG Q 49 50.07 -30.10 0.21
C ARG Q 49 50.93 -28.93 -0.23
N ILE Q 50 52.12 -28.81 0.33
CA ILE Q 50 52.96 -27.64 0.14
C ILE Q 50 54.20 -28.05 -0.64
N SER Q 51 54.50 -27.30 -1.69
CA SER Q 51 55.72 -27.58 -2.42
C SER Q 51 56.93 -27.25 -1.57
N GLY Q 52 58.10 -27.39 -2.16
CA GLY Q 52 59.32 -27.17 -1.41
C GLY Q 52 59.84 -25.76 -1.55
N LEU Q 53 59.52 -25.11 -2.66
CA LEU Q 53 59.97 -23.75 -2.87
C LEU Q 53 59.02 -22.72 -2.29
N ILE Q 54 57.87 -23.13 -1.76
CA ILE Q 54 56.95 -22.19 -1.16
C ILE Q 54 57.60 -21.48 0.00
N TYR Q 55 58.57 -22.12 0.66
CA TYR Q 55 59.14 -21.51 1.85
C TYR Q 55 59.95 -20.28 1.52
N GLU Q 56 60.83 -20.36 0.53
CA GLU Q 56 61.62 -19.20 0.15
C GLU Q 56 60.74 -18.09 -0.38
N GLU Q 57 59.77 -18.43 -1.21
CA GLU Q 57 58.86 -17.41 -1.73
C GLU Q 57 58.09 -16.74 -0.61
N THR Q 58 57.68 -17.51 0.39
CA THR Q 58 56.89 -16.92 1.47
C THR Q 58 57.75 -16.05 2.36
N ARG Q 59 58.99 -16.44 2.60
CA ARG Q 59 59.89 -15.54 3.31
C ARG Q 59 60.05 -14.23 2.55
N GLY Q 60 60.19 -14.30 1.23
CA GLY Q 60 60.29 -13.07 0.46
C GLY Q 60 59.05 -12.21 0.56
N VAL Q 61 57.88 -12.82 0.42
CA VAL Q 61 56.63 -12.08 0.49
C VAL Q 61 56.48 -11.42 1.85
N LEU Q 62 56.77 -12.16 2.91
CA LEU Q 62 56.65 -11.61 4.25
C LEU Q 62 57.61 -10.45 4.44
N LYS Q 63 58.84 -10.58 3.94
CA LYS Q 63 59.79 -9.49 4.11
C LYS Q 63 59.32 -8.24 3.38
N VAL Q 64 58.73 -8.41 2.20
CA VAL Q 64 58.21 -7.24 1.48
C VAL Q 64 57.12 -6.56 2.29
N PHE Q 65 56.14 -7.35 2.75
CA PHE Q 65 55.04 -6.78 3.51
C PHE Q 65 55.54 -6.07 4.75
N LEU Q 66 56.48 -6.68 5.45
CA LEU Q 66 56.98 -6.06 6.66
C LEU Q 66 57.78 -4.81 6.35
N GLU Q 67 58.54 -4.82 5.26
CA GLU Q 67 59.24 -3.60 4.86
C GLU Q 67 58.26 -2.46 4.72
N ASN Q 68 57.19 -2.67 3.96
CA ASN Q 68 56.23 -1.58 3.75
C ASN Q 68 55.61 -1.12 5.06
N VAL Q 69 55.11 -2.06 5.86
CA VAL Q 69 54.38 -1.66 7.05
C VAL Q 69 55.30 -0.99 8.06
N ILE Q 70 56.49 -1.54 8.26
CA ILE Q 70 57.38 -0.93 9.23
C ILE Q 70 57.92 0.38 8.70
N ARG Q 71 58.05 0.53 7.39
CA ARG Q 71 58.44 1.83 6.85
C ARG Q 71 57.43 2.88 7.22
N ASP Q 72 56.15 2.58 7.02
CA ASP Q 72 55.14 3.59 7.39
C ASP Q 72 55.07 3.80 8.89
N ALA Q 73 55.25 2.74 9.67
CA ALA Q 73 55.21 2.91 11.12
C ALA Q 73 56.34 3.80 11.57
N VAL Q 74 57.54 3.58 11.04
CA VAL Q 74 58.67 4.41 11.43
C VAL Q 74 58.48 5.83 10.92
N THR Q 75 57.79 6.00 9.80
CA THR Q 75 57.53 7.37 9.34
C THR Q 75 56.64 8.10 10.30
N TYR Q 76 55.52 7.50 10.69
CA TYR Q 76 54.65 8.12 11.68
C TYR Q 76 55.40 8.39 12.97
N THR Q 77 56.27 7.48 13.37
CA THR Q 77 57.01 7.65 14.60
C THR Q 77 57.96 8.84 14.50
N GLU Q 78 58.83 8.83 13.50
CA GLU Q 78 59.73 9.95 13.30
C GLU Q 78 58.98 11.27 13.25
N HIS Q 79 57.81 11.29 12.62
CA HIS Q 79 57.07 12.53 12.56
C HIS Q 79 56.52 12.93 13.91
N ALA Q 80 56.23 11.96 14.77
CA ALA Q 80 55.79 12.36 16.10
C ALA Q 80 56.94 12.74 17.01
N LYS Q 81 58.16 12.75 16.49
CA LYS Q 81 59.36 13.07 17.25
C LYS Q 81 59.50 12.15 18.46
N ARG Q 82 59.17 10.88 18.28
CA ARG Q 82 59.35 9.85 19.28
C ARG Q 82 60.48 8.93 18.85
N LYS Q 83 60.76 7.93 19.70
CA LYS Q 83 61.73 6.92 19.34
C LYS Q 83 61.25 5.51 19.63
N THR Q 84 59.99 5.33 19.99
CA THR Q 84 59.43 4.00 20.25
C THR Q 84 58.22 3.84 19.35
N VAL Q 85 58.34 2.99 18.34
CA VAL Q 85 57.22 2.64 17.51
C VAL Q 85 56.13 2.06 18.37
N THR Q 86 55.01 2.76 18.51
CA THR Q 86 53.93 2.31 19.37
C THR Q 86 52.86 1.61 18.56
N ALA Q 87 51.92 0.99 19.27
CA ALA Q 87 50.89 0.20 18.62
C ALA Q 87 50.07 1.04 17.67
N MET Q 88 49.77 2.27 18.06
CA MET Q 88 48.96 3.12 17.20
C MET Q 88 49.68 3.42 15.90
N ASP Q 89 51.01 3.47 15.92
CA ASP Q 89 51.74 3.71 14.69
C ASP Q 89 51.57 2.55 13.72
N VAL Q 90 51.65 1.32 14.21
CA VAL Q 90 51.49 0.19 13.30
C VAL Q 90 50.05 0.08 12.85
N VAL Q 91 49.11 0.39 13.74
CA VAL Q 91 47.71 0.36 13.32
C VAL Q 91 47.46 1.36 12.21
N TYR Q 92 48.02 2.56 12.34
CA TYR Q 92 47.86 3.55 11.29
C TYR Q 92 48.56 3.13 10.02
N ALA Q 93 49.75 2.55 10.14
CA ALA Q 93 50.47 2.10 8.97
C ALA Q 93 49.67 1.08 8.20
N LEU Q 94 49.06 0.15 8.90
CA LEU Q 94 48.26 -0.86 8.23
C LEU Q 94 47.01 -0.26 7.64
N LYS Q 95 46.37 0.68 8.35
CA LYS Q 95 45.21 1.34 7.77
C LYS Q 95 45.59 2.04 6.48
N ARG Q 96 46.78 2.62 6.44
CA ARG Q 96 47.21 3.34 5.25
C ARG Q 96 47.50 2.37 4.12
N GLN Q 97 48.02 1.18 4.42
CA GLN Q 97 48.14 0.17 3.38
C GLN Q 97 46.79 -0.36 2.93
N GLY Q 98 45.73 -0.12 3.70
CA GLY Q 98 44.44 -0.67 3.36
C GLY Q 98 44.16 -2.00 4.00
N ARG Q 99 44.65 -2.24 5.21
CA ARG Q 99 44.50 -3.51 5.89
C ARG Q 99 44.12 -3.27 7.34
N THR Q 100 43.09 -2.45 7.56
CA THR Q 100 42.71 -2.01 8.90
C THR Q 100 42.78 -3.14 9.91
N LEU Q 101 43.25 -2.84 11.11
CA LEU Q 101 43.53 -3.87 12.11
C LEU Q 101 42.87 -3.49 13.41
N TYR Q 102 41.79 -4.18 13.76
CA TYR Q 102 41.08 -3.91 14.98
C TYR Q 102 41.78 -4.57 16.15
N GLY Q 103 41.96 -3.84 17.23
CA GLY Q 103 42.31 -4.52 18.46
C GLY Q 103 43.46 -3.94 19.24
N PHE Q 104 43.94 -2.76 18.85
CA PHE Q 104 45.10 -2.17 19.51
C PHE Q 104 44.86 -0.72 19.81
N GLY Q 105 43.71 -0.43 20.41
CA GLY Q 105 43.41 0.92 20.84
C GLY Q 105 43.22 1.90 19.71
N GLY Q 106 42.78 1.43 18.55
CA GLY Q 106 42.63 2.28 17.38
C GLY Q 106 41.81 3.55 17.58
N ALA R 18 59.20 40.72 -5.42
CA ALA R 18 58.18 39.83 -5.96
C ALA R 18 56.90 39.95 -5.15
N LYS R 19 55.78 40.15 -5.84
CA LYS R 19 54.51 40.30 -5.14
C LYS R 19 53.92 38.95 -4.76
N THR R 20 53.55 38.15 -5.75
CA THR R 20 52.79 36.94 -5.49
C THR R 20 53.68 35.87 -4.88
N ARG R 21 53.11 35.11 -3.95
CA ARG R 21 53.90 34.13 -3.21
C ARG R 21 54.48 33.06 -4.12
N SER R 22 53.80 32.76 -5.23
CA SER R 22 54.32 31.76 -6.15
C SER R 22 55.68 32.19 -6.68
N SER R 23 55.78 33.42 -7.19
CA SER R 23 57.06 33.87 -7.73
C SER R 23 58.10 34.02 -6.63
N ARG R 24 57.67 34.34 -5.41
CA ARG R 24 58.60 34.43 -4.31
C ARG R 24 59.16 33.07 -3.94
N ALA R 25 58.42 32.01 -4.22
CA ALA R 25 58.88 30.66 -3.91
C ALA R 25 59.50 29.96 -5.10
N GLY R 26 59.65 30.62 -6.23
CA GLY R 26 60.27 29.99 -7.37
C GLY R 26 59.44 28.92 -8.04
N LEU R 27 58.18 28.76 -7.64
CA LEU R 27 57.33 27.75 -8.22
C LEU R 27 56.62 28.29 -9.44
N GLN R 28 55.71 27.48 -9.98
CA GLN R 28 54.72 27.94 -10.93
C GLN R 28 53.31 27.66 -10.48
N PHE R 29 53.12 26.73 -9.59
CA PHE R 29 51.77 26.47 -9.13
C PHE R 29 51.35 27.53 -8.12
N PRO R 30 50.08 27.81 -8.04
CA PRO R 30 49.62 28.97 -7.26
C PRO R 30 49.68 28.67 -5.77
N VAL R 31 50.65 29.26 -5.10
CA VAL R 31 50.72 29.08 -3.65
C VAL R 31 49.46 29.60 -3.01
N GLY R 32 48.89 30.67 -3.55
CA GLY R 32 47.70 31.24 -2.94
C GLY R 32 46.49 30.37 -3.08
N ARG R 33 46.26 29.84 -4.28
CA ARG R 33 45.11 28.95 -4.46
C ARG R 33 45.24 27.72 -3.61
N VAL R 34 46.45 27.19 -3.48
CA VAL R 34 46.65 26.03 -2.63
C VAL R 34 46.39 26.37 -1.17
N HIS R 35 46.80 27.56 -0.74
CA HIS R 35 46.51 27.96 0.63
C HIS R 35 45.01 28.04 0.86
N ARG R 36 44.28 28.60 -0.10
CA ARG R 36 42.83 28.68 0.06
C ARG R 36 42.23 27.29 0.14
N LEU R 37 42.61 26.41 -0.78
CA LEU R 37 42.06 25.06 -0.76
C LEU R 37 42.38 24.34 0.53
N LEU R 38 43.55 24.59 1.12
CA LEU R 38 43.83 23.97 2.40
C LEU R 38 43.00 24.58 3.51
N ARG R 39 42.63 25.85 3.39
CA ARG R 39 41.83 26.44 4.45
C ARG R 39 40.37 26.04 4.32
N LYS R 40 39.73 26.38 3.20
CA LYS R 40 38.33 26.04 3.05
C LYS R 40 38.21 24.60 2.55
N GLY R 41 38.92 23.69 3.18
CA GLY R 41 38.78 22.28 2.84
C GLY R 41 38.57 21.52 4.12
N ASN R 42 38.71 22.23 5.23
CA ASN R 42 38.58 21.66 6.55
C ASN R 42 39.49 20.46 6.72
N TYR R 43 40.77 20.73 6.58
CA TYR R 43 41.79 19.75 6.93
C TYR R 43 42.39 20.03 8.29
N SER R 44 42.25 21.24 8.79
CA SER R 44 42.78 21.59 10.10
C SER R 44 42.34 23.01 10.41
N GLU R 45 42.29 23.33 11.70
CA GLU R 45 41.90 24.67 12.11
C GLU R 45 42.83 25.72 11.53
N ARG R 46 44.12 25.40 11.43
CA ARG R 46 45.10 26.36 10.98
C ARG R 46 45.96 25.74 9.89
N VAL R 47 46.65 26.60 9.14
CA VAL R 47 47.49 26.17 8.04
C VAL R 47 48.75 27.01 8.09
N GLY R 48 49.87 26.37 8.38
CA GLY R 48 51.11 27.10 8.56
C GLY R 48 51.53 27.82 7.30
N ALA R 49 52.43 28.77 7.48
CA ALA R 49 52.86 29.60 6.36
C ALA R 49 53.49 28.75 5.27
N GLY R 50 54.37 27.84 5.64
CA GLY R 50 55.10 27.10 4.65
C GLY R 50 54.39 25.91 4.07
N ALA R 51 53.22 25.56 4.60
CA ALA R 51 52.53 24.37 4.11
C ALA R 51 52.04 24.55 2.68
N PRO R 52 51.42 25.65 2.30
CA PRO R 52 51.06 25.81 0.90
C PRO R 52 52.26 25.84 -0.01
N VAL R 53 53.34 26.50 0.40
CA VAL R 53 54.53 26.52 -0.43
C VAL R 53 55.01 25.11 -0.69
N TYR R 54 55.16 24.32 0.37
CA TYR R 54 55.64 22.96 0.22
C TYR R 54 54.70 22.15 -0.65
N LEU R 55 53.41 22.23 -0.39
CA LEU R 55 52.47 21.39 -1.12
C LEU R 55 52.42 21.77 -2.58
N ALA R 56 52.51 23.05 -2.89
CA ALA R 56 52.54 23.45 -4.29
C ALA R 56 53.83 23.03 -4.95
N ALA R 57 54.95 23.03 -4.22
CA ALA R 57 56.18 22.54 -4.81
C ALA R 57 56.07 21.06 -5.14
N VAL R 58 55.46 20.29 -4.25
CA VAL R 58 55.31 18.86 -4.51
C VAL R 58 54.39 18.62 -5.70
N LEU R 59 53.27 19.34 -5.75
CA LEU R 59 52.38 19.20 -6.89
C LEU R 59 53.08 19.56 -8.17
N GLU R 60 53.89 20.62 -8.15
CA GLU R 60 54.59 21.03 -9.35
C GLU R 60 55.58 19.97 -9.77
N TYR R 61 56.29 19.38 -8.82
CA TYR R 61 57.25 18.35 -9.20
C TYR R 61 56.55 17.16 -9.81
N LEU R 62 55.46 16.71 -9.21
CA LEU R 62 54.78 15.53 -9.73
C LEU R 62 54.22 15.80 -11.11
N THR R 63 53.61 16.96 -11.33
CA THR R 63 53.08 17.21 -12.66
C THR R 63 54.19 17.44 -13.67
N ALA R 64 55.33 17.96 -13.22
CA ALA R 64 56.45 18.10 -14.14
C ALA R 64 56.98 16.74 -14.56
N GLU R 65 57.04 15.80 -13.62
CA GLU R 65 57.49 14.46 -13.96
C GLU R 65 56.54 13.81 -14.96
N ILE R 66 55.23 13.87 -14.67
CA ILE R 66 54.28 13.22 -15.57
C ILE R 66 54.31 13.86 -16.94
N LEU R 67 54.38 15.19 -17.00
CA LEU R 67 54.40 15.85 -18.30
C LEU R 67 55.69 15.59 -19.04
N GLU R 68 56.81 15.47 -18.33
CA GLU R 68 58.06 15.13 -18.99
C GLU R 68 57.98 13.77 -19.64
N LEU R 69 57.56 12.76 -18.87
CA LEU R 69 57.46 11.43 -19.43
C LEU R 69 56.45 11.38 -20.56
N ALA R 70 55.34 12.10 -20.43
CA ALA R 70 54.34 12.10 -21.47
C ALA R 70 54.87 12.76 -22.73
N GLY R 71 55.58 13.86 -22.59
CA GLY R 71 56.16 14.49 -23.74
C GLY R 71 57.13 13.58 -24.46
N ASN R 72 57.92 12.82 -23.69
CA ASN R 72 58.81 11.86 -24.34
C ASN R 72 58.02 10.79 -25.07
N ALA R 73 56.97 10.27 -24.45
CA ALA R 73 56.14 9.29 -25.12
C ALA R 73 55.54 9.85 -26.39
N ALA R 74 55.23 11.14 -26.40
CA ALA R 74 54.68 11.77 -27.60
C ALA R 74 55.75 11.91 -28.67
N ARG R 75 56.94 12.36 -28.27
CA ARG R 75 58.05 12.48 -29.22
C ARG R 75 58.41 11.14 -29.81
N ASP R 76 58.14 10.06 -29.10
CA ASP R 76 58.38 8.72 -29.66
C ASP R 76 57.49 8.49 -30.89
N ASN R 77 56.19 8.69 -30.73
CA ASN R 77 55.27 8.46 -31.84
C ASN R 77 55.26 9.59 -32.84
N LYS R 78 56.23 10.51 -32.76
CA LYS R 78 56.39 11.59 -33.74
C LYS R 78 55.18 12.50 -33.81
N LYS R 79 54.47 12.65 -32.70
CA LYS R 79 53.39 13.61 -32.59
C LYS R 79 53.85 14.77 -31.74
N THR R 80 53.07 15.85 -31.77
CA THR R 80 53.43 17.06 -31.06
C THR R 80 52.51 17.37 -29.89
N ARG R 81 51.37 16.71 -29.80
CA ARG R 81 50.39 17.02 -28.76
C ARG R 81 50.26 15.83 -27.82
N ILE R 82 50.39 16.09 -26.53
CA ILE R 82 50.15 15.09 -25.52
C ILE R 82 48.66 14.81 -25.43
N ILE R 83 48.22 13.68 -26.00
CA ILE R 83 46.84 13.26 -25.87
C ILE R 83 46.74 12.39 -24.63
N PRO R 84 45.57 11.87 -24.24
CA PRO R 84 45.54 10.98 -23.08
C PRO R 84 46.32 9.71 -23.24
N ARG R 85 46.34 9.15 -24.46
CA ARG R 85 47.14 7.96 -24.69
C ARG R 85 48.56 8.13 -24.18
N HIS R 86 49.13 9.31 -24.39
CA HIS R 86 50.51 9.52 -24.01
C HIS R 86 50.65 9.64 -22.50
N LEU R 87 49.67 10.23 -21.83
CA LEU R 87 49.70 10.23 -20.38
C LEU R 87 49.64 8.83 -19.83
N GLN R 88 48.82 7.97 -20.45
CA GLN R 88 48.74 6.59 -19.99
C GLN R 88 50.06 5.87 -20.20
N LEU R 89 50.68 6.06 -21.36
CA LEU R 89 51.98 5.44 -21.59
C LEU R 89 53.02 5.94 -20.59
N ALA R 90 53.00 7.23 -20.29
CA ALA R 90 53.95 7.75 -19.33
C ALA R 90 53.74 7.15 -17.95
N ILE R 91 52.48 7.07 -17.51
CA ILE R 91 52.23 6.62 -16.15
C ILE R 91 52.50 5.13 -16.02
N ARG R 92 51.97 4.32 -16.93
CA ARG R 92 52.10 2.88 -16.79
C ARG R 92 53.54 2.43 -16.98
N ASN R 93 54.27 3.04 -17.91
CA ASN R 93 55.61 2.59 -18.23
C ASN R 93 56.66 3.09 -17.27
N ASP R 94 56.29 3.52 -16.07
CA ASP R 94 57.25 4.02 -15.09
C ASP R 94 56.88 3.44 -13.74
N GLU R 95 57.77 2.63 -13.18
CA GLU R 95 57.43 1.85 -12.00
C GLU R 95 56.89 2.69 -10.87
N GLU R 96 57.52 3.84 -10.61
CA GLU R 96 57.12 4.60 -9.43
C GLU R 96 55.81 5.33 -9.64
N LEU R 97 55.62 5.96 -10.79
CA LEU R 97 54.31 6.53 -11.07
C LEU R 97 53.24 5.45 -11.09
N ASN R 98 53.55 4.32 -11.74
CA ASN R 98 52.57 3.24 -11.82
C ASN R 98 52.20 2.73 -10.44
N LYS R 99 53.10 2.81 -9.48
CA LYS R 99 52.71 2.46 -8.11
C LYS R 99 51.92 3.58 -7.47
N LEU R 100 52.18 4.82 -7.83
CA LEU R 100 51.41 5.93 -7.28
C LEU R 100 50.01 6.00 -7.87
N LEU R 101 49.86 5.59 -9.13
CA LEU R 101 48.58 5.68 -9.81
C LEU R 101 48.12 4.31 -10.25
N GLY R 102 48.14 3.34 -9.35
CA GLY R 102 47.72 2.00 -9.70
C GLY R 102 46.23 1.82 -9.74
N ARG R 103 45.51 2.54 -8.88
CA ARG R 103 44.06 2.47 -8.83
C ARG R 103 43.40 3.58 -9.63
N VAL R 104 44.01 4.00 -10.73
CA VAL R 104 43.56 5.18 -11.44
C VAL R 104 43.29 4.82 -12.88
N THR R 105 42.03 4.81 -13.26
CA THR R 105 41.68 4.75 -14.66
C THR R 105 41.92 6.12 -15.27
N ILE R 106 42.32 6.13 -16.53
CA ILE R 106 42.54 7.37 -17.25
C ILE R 106 41.67 7.30 -18.49
N ALA R 107 40.69 8.19 -18.57
CA ALA R 107 39.79 8.20 -19.70
C ALA R 107 40.57 8.17 -21.00
N GLN R 108 40.06 7.43 -21.98
CA GLN R 108 40.70 7.30 -23.28
C GLN R 108 42.11 6.76 -23.17
N GLY R 109 42.47 6.20 -22.03
CA GLY R 109 43.86 5.84 -21.81
C GLY R 109 44.34 4.65 -22.61
N GLY R 110 43.44 3.76 -22.98
CA GLY R 110 43.92 2.55 -23.57
C GLY R 110 44.69 1.73 -22.55
N VAL R 111 45.43 0.76 -23.06
CA VAL R 111 46.25 -0.09 -22.21
C VAL R 111 47.62 -0.24 -22.84
N LEU R 112 48.57 -0.66 -22.03
CA LEU R 112 49.92 -0.89 -22.51
C LEU R 112 49.90 -2.02 -23.53
N PRO R 113 50.56 -1.87 -24.66
CA PRO R 113 50.59 -2.95 -25.64
C PRO R 113 51.41 -4.11 -25.10
N ASN R 114 50.74 -5.21 -24.75
CA ASN R 114 51.42 -6.30 -24.03
C ASN R 114 50.67 -7.60 -24.30
N ILE R 115 51.19 -8.40 -25.22
CA ILE R 115 50.68 -9.74 -25.47
C ILE R 115 51.42 -10.71 -24.57
N GLN R 116 50.68 -11.62 -23.94
CA GLN R 116 51.32 -12.58 -23.06
C GLN R 116 52.27 -13.47 -23.85
N ALA R 117 53.32 -13.94 -23.17
CA ALA R 117 54.41 -14.61 -23.85
C ALA R 117 54.03 -16.00 -24.38
N VAL R 118 52.91 -16.55 -23.95
CA VAL R 118 52.53 -17.89 -24.40
C VAL R 118 51.70 -17.84 -25.67
N LEU R 119 50.97 -16.74 -25.89
CA LEU R 119 49.98 -16.69 -26.95
C LEU R 119 50.60 -16.54 -28.34
N LEU R 120 51.83 -16.04 -28.42
CA LEU R 120 52.44 -15.83 -29.72
C LEU R 120 52.74 -17.17 -30.39
N PRO R 121 52.59 -17.26 -31.70
CA PRO R 121 52.79 -18.54 -32.38
C PRO R 121 54.26 -18.93 -32.40
N LYS R 122 54.51 -20.19 -32.73
CA LYS R 122 55.86 -20.71 -32.83
C LYS R 122 56.18 -21.12 -34.26
N SER S 36 31.20 34.59 -11.32
CA SER S 36 31.49 34.18 -12.69
C SER S 36 32.92 33.68 -12.80
N ARG S 37 33.25 32.63 -12.06
CA ARG S 37 34.57 32.02 -12.11
C ARG S 37 34.45 30.53 -11.88
N LYS S 38 35.43 29.79 -12.40
CA LYS S 38 35.57 28.36 -12.14
C LYS S 38 37.05 28.08 -11.91
N GLU S 39 37.36 27.37 -10.83
CA GLU S 39 38.75 27.09 -10.53
C GLU S 39 39.23 25.87 -11.30
N SER S 40 40.54 25.79 -11.48
CA SER S 40 41.20 24.74 -12.24
C SER S 40 42.70 24.96 -12.11
N TYR S 41 43.45 24.05 -12.71
CA TYR S 41 44.89 24.25 -12.86
C TYR S 41 45.28 24.24 -14.33
N SER S 42 44.34 24.56 -15.21
CA SER S 42 44.58 24.38 -16.63
C SER S 42 45.70 25.25 -17.16
N ILE S 43 46.05 26.34 -16.47
CA ILE S 43 47.09 27.20 -17.01
C ILE S 43 48.41 26.88 -16.35
N TYR S 44 48.37 26.51 -15.07
CA TYR S 44 49.62 26.24 -14.36
C TYR S 44 50.29 25.01 -14.94
N VAL S 45 49.51 23.97 -15.23
CA VAL S 45 50.08 22.80 -15.87
C VAL S 45 50.65 23.16 -17.22
N TYR S 46 50.05 24.12 -17.90
CA TYR S 46 50.60 24.55 -19.18
C TYR S 46 51.93 25.26 -18.99
N LYS S 47 52.06 26.08 -17.95
CA LYS S 47 53.34 26.72 -17.68
C LYS S 47 54.40 25.67 -17.39
N VAL S 48 54.07 24.70 -16.55
CA VAL S 48 55.03 23.63 -16.23
C VAL S 48 55.43 22.89 -17.51
N LEU S 49 54.46 22.64 -18.38
CA LEU S 49 54.78 22.00 -19.64
C LEU S 49 55.78 22.82 -20.43
N LYS S 50 55.45 24.08 -20.68
CA LYS S 50 56.36 24.92 -21.46
C LYS S 50 57.72 25.03 -20.81
N GLN S 51 57.79 24.85 -19.50
CA GLN S 51 59.07 24.85 -18.82
C GLN S 51 59.83 23.53 -19.01
N VAL S 52 59.11 22.43 -19.21
CA VAL S 52 59.76 21.13 -19.37
C VAL S 52 59.98 20.80 -20.83
N HIS S 53 58.94 20.85 -21.64
CA HIS S 53 59.03 20.58 -23.08
C HIS S 53 58.65 21.86 -23.81
N PRO S 54 59.62 22.70 -24.14
CA PRO S 54 59.30 24.07 -24.56
C PRO S 54 58.51 24.18 -25.85
N ASP S 55 58.20 23.07 -26.51
CA ASP S 55 57.51 23.19 -27.80
C ASP S 55 56.50 22.08 -28.01
N THR S 56 55.92 21.55 -26.94
CA THR S 56 54.94 20.47 -27.04
C THR S 56 53.62 20.93 -26.44
N GLY S 57 52.59 20.99 -27.27
CA GLY S 57 51.28 21.35 -26.79
C GLY S 57 50.68 20.24 -25.95
N ILE S 58 49.46 20.49 -25.47
CA ILE S 58 48.76 19.51 -24.67
C ILE S 58 47.28 19.59 -25.00
N SER S 59 46.69 18.46 -25.32
CA SER S 59 45.31 18.45 -25.80
C SER S 59 44.36 18.93 -24.71
N SER S 60 43.08 18.98 -25.06
CA SER S 60 42.10 19.42 -24.07
C SER S 60 41.75 18.31 -23.11
N LYS S 61 41.54 17.09 -23.61
CA LYS S 61 41.24 15.99 -22.71
C LYS S 61 42.46 15.65 -21.86
N ALA S 62 43.65 15.77 -22.42
CA ALA S 62 44.83 15.57 -21.59
C ALA S 62 44.95 16.64 -20.53
N MET S 63 44.55 17.86 -20.85
CA MET S 63 44.54 18.89 -19.83
C MET S 63 43.53 18.57 -18.75
N GLY S 64 42.38 18.03 -19.14
CA GLY S 64 41.44 17.58 -18.13
C GLY S 64 42.02 16.50 -17.25
N ILE S 65 42.75 15.56 -17.83
CA ILE S 65 43.35 14.50 -17.05
C ILE S 65 44.35 15.07 -16.06
N MET S 66 45.24 15.94 -16.52
CA MET S 66 46.23 16.50 -15.60
C MET S 66 45.56 17.36 -14.54
N ASN S 67 44.50 18.06 -14.92
CA ASN S 67 43.77 18.88 -13.99
C ASN S 67 43.08 18.04 -12.93
N SER S 68 42.76 16.79 -13.25
CA SER S 68 42.23 15.90 -12.23
C SER S 68 43.32 15.21 -11.45
N PHE S 69 44.47 15.00 -12.06
CA PHE S 69 45.57 14.38 -11.35
C PHE S 69 46.10 15.29 -10.26
N VAL S 70 46.20 16.58 -10.55
CA VAL S 70 46.66 17.51 -9.53
C VAL S 70 45.66 17.55 -8.39
N ASN S 71 44.37 17.56 -8.69
CA ASN S 71 43.36 17.55 -7.64
C ASN S 71 43.44 16.29 -6.81
N ASP S 72 43.67 15.15 -7.45
CA ASP S 72 43.76 13.90 -6.73
C ASP S 72 44.94 13.90 -5.78
N ILE S 73 46.13 14.24 -6.28
CA ILE S 73 47.29 14.25 -5.40
C ILE S 73 47.13 15.31 -4.32
N PHE S 74 46.46 16.41 -4.61
CA PHE S 74 46.26 17.41 -3.58
C PHE S 74 45.39 16.88 -2.48
N GLU S 75 44.25 16.27 -2.83
CA GLU S 75 43.38 15.73 -1.81
C GLU S 75 44.06 14.63 -1.03
N ARG S 76 44.90 13.83 -1.68
CA ARG S 76 45.59 12.77 -0.95
C ARG S 76 46.58 13.34 0.04
N ILE S 77 47.47 14.22 -0.40
CA ILE S 77 48.48 14.75 0.51
C ILE S 77 47.82 15.58 1.60
N ALA S 78 46.76 16.31 1.28
CA ALA S 78 46.10 17.09 2.31
C ALA S 78 45.38 16.20 3.30
N GLY S 79 44.71 15.15 2.84
CA GLY S 79 44.03 14.27 3.78
C GLY S 79 45.01 13.55 4.67
N GLU S 80 46.14 13.14 4.11
CA GLU S 80 47.17 12.53 4.94
C GLU S 80 47.74 13.50 5.94
N ALA S 81 47.93 14.76 5.54
CA ALA S 81 48.40 15.73 6.50
C ALA S 81 47.38 16.02 7.58
N SER S 82 46.10 15.95 7.24
CA SER S 82 45.09 16.14 8.26
C SER S 82 45.10 14.99 9.26
N ARG S 83 45.20 13.76 8.75
CA ARG S 83 45.33 12.61 9.64
C ARG S 83 46.54 12.78 10.54
N LEU S 84 47.65 13.26 9.98
CA LEU S 84 48.86 13.44 10.80
C LEU S 84 48.70 14.58 11.78
N ALA S 85 47.83 15.53 11.51
CA ALA S 85 47.59 16.58 12.48
C ALA S 85 46.78 16.07 13.64
N HIS S 86 45.79 15.22 13.37
CA HIS S 86 44.98 14.73 14.48
C HIS S 86 45.70 13.64 15.26
N TYR S 87 46.39 12.74 14.59
CA TYR S 87 47.07 11.65 15.29
C TYR S 87 48.04 12.17 16.32
N ASN S 88 48.51 13.39 16.19
CA ASN S 88 49.45 13.95 17.12
C ASN S 88 48.84 15.00 18.02
N LYS S 89 47.54 15.22 17.95
CA LYS S 89 46.88 16.27 18.72
C LYS S 89 47.50 17.63 18.42
N ARG S 90 47.92 17.83 17.19
CA ARG S 90 48.27 19.16 16.73
C ARG S 90 47.02 19.85 16.24
N SER S 91 47.18 21.02 15.72
CA SER S 91 46.07 21.73 15.12
C SER S 91 46.43 22.30 13.77
N THR S 92 47.68 22.67 13.54
CA THR S 92 48.09 23.33 12.32
C THR S 92 48.78 22.34 11.39
N ILE S 93 48.49 22.47 10.10
CA ILE S 93 49.24 21.75 9.07
C ILE S 93 50.50 22.56 8.80
N THR S 94 51.60 22.23 9.45
CA THR S 94 52.84 22.92 9.20
C THR S 94 53.42 22.40 7.89
N SER S 95 54.69 22.68 7.63
CA SER S 95 55.34 22.02 6.52
C SER S 95 55.82 20.64 6.91
N ARG S 96 56.07 20.43 8.20
CA ARG S 96 56.46 19.11 8.67
C ARG S 96 55.39 18.07 8.32
N GLU S 97 54.13 18.41 8.53
CA GLU S 97 53.05 17.49 8.23
C GLU S 97 53.01 17.17 6.75
N ILE S 98 53.10 18.20 5.91
CA ILE S 98 53.05 17.95 4.47
C ILE S 98 54.24 17.10 4.06
N GLN S 99 55.38 17.29 4.71
CA GLN S 99 56.55 16.54 4.31
C GLN S 99 56.38 15.06 4.62
N THR S 100 56.00 14.74 5.85
CA THR S 100 55.83 13.32 6.13
C THR S 100 54.65 12.75 5.37
N ALA S 101 53.68 13.56 4.99
CA ALA S 101 52.62 13.04 4.14
C ALA S 101 53.15 12.68 2.76
N VAL S 102 54.02 13.51 2.22
CA VAL S 102 54.62 13.16 0.93
C VAL S 102 55.45 11.91 1.07
N ARG S 103 56.11 11.73 2.21
CA ARG S 103 56.89 10.52 2.40
C ARG S 103 55.99 9.30 2.51
N LEU S 104 54.79 9.46 3.07
CA LEU S 104 53.89 8.34 3.21
C LEU S 104 53.27 7.95 1.88
N LEU S 105 52.96 8.93 1.03
CA LEU S 105 52.24 8.62 -0.20
C LEU S 105 53.13 8.19 -1.34
N LEU S 106 54.00 9.08 -1.80
CA LEU S 106 54.72 8.81 -3.02
C LEU S 106 55.74 7.70 -2.78
N PRO S 107 55.94 6.83 -3.75
CA PRO S 107 56.94 5.77 -3.58
C PRO S 107 58.34 6.31 -3.55
N GLY S 108 59.33 5.43 -3.51
CA GLY S 108 60.68 5.80 -3.10
C GLY S 108 61.33 7.02 -3.72
N GLU S 109 61.69 6.95 -4.99
CA GLU S 109 62.47 8.05 -5.55
C GLU S 109 61.61 9.28 -5.78
N LEU S 110 60.34 9.09 -6.13
CA LEU S 110 59.45 10.22 -6.17
C LEU S 110 59.36 10.89 -4.80
N ALA S 111 59.34 10.11 -3.74
CA ALA S 111 59.29 10.70 -2.41
C ALA S 111 60.54 11.51 -2.13
N LYS S 112 61.71 10.93 -2.42
CA LYS S 112 62.94 11.66 -2.14
C LYS S 112 63.02 12.96 -2.94
N HIS S 113 62.74 12.89 -4.24
CA HIS S 113 62.83 14.08 -5.05
C HIS S 113 61.77 15.11 -4.66
N ALA S 114 60.55 14.66 -4.37
CA ALA S 114 59.51 15.58 -3.97
C ALA S 114 59.86 16.28 -2.68
N VAL S 115 60.42 15.54 -1.71
CA VAL S 115 60.82 16.16 -0.46
C VAL S 115 61.93 17.17 -0.70
N SER S 116 62.87 16.84 -1.59
CA SER S 116 63.92 17.80 -1.90
C SER S 116 63.33 19.08 -2.47
N GLU S 117 62.44 18.94 -3.46
CA GLU S 117 61.84 20.11 -4.07
C GLU S 117 61.04 20.91 -3.06
N GLY S 118 60.33 20.24 -2.17
CA GLY S 118 59.54 20.94 -1.19
C GLY S 118 60.41 21.74 -0.23
N THR S 119 61.43 21.11 0.32
CA THR S 119 62.29 21.83 1.25
C THR S 119 63.02 22.96 0.55
N LYS S 120 63.42 22.75 -0.70
CA LYS S 120 64.06 23.82 -1.44
C LYS S 120 63.14 25.00 -1.62
N ALA S 121 61.89 24.74 -2.01
CA ALA S 121 60.96 25.84 -2.22
C ALA S 121 60.64 26.54 -0.90
N VAL S 122 60.49 25.78 0.16
CA VAL S 122 60.16 26.35 1.46
C VAL S 122 61.30 27.22 1.93
N THR S 123 62.52 26.69 1.88
CA THR S 123 63.68 27.42 2.37
C THR S 123 63.84 28.72 1.62
N LYS S 124 63.69 28.69 0.30
CA LYS S 124 63.82 29.90 -0.50
C LYS S 124 62.77 30.92 -0.06
N TYR S 125 61.55 30.46 0.18
CA TYR S 125 60.47 31.33 0.61
C TYR S 125 60.83 31.97 1.94
N THR S 126 61.41 31.21 2.85
CA THR S 126 61.83 31.74 4.13
C THR S 126 62.93 32.78 3.98
N SER S 127 63.83 32.55 3.03
CA SER S 127 64.98 33.43 2.81
C SER S 127 64.69 34.87 2.43
N ALA S 128 65.69 35.72 2.62
CA ALA S 128 65.63 37.14 2.27
C ALA S 128 64.38 37.82 2.85
N ASP V 9 7.51 -50.80 55.50
CA ASP V 9 8.25 -50.47 54.29
C ASP V 9 8.25 -48.96 54.08
N ALA V 10 7.16 -48.30 54.45
CA ALA V 10 7.00 -46.87 54.25
C ALA V 10 6.05 -46.32 55.30
N ALA V 11 5.99 -45.00 55.38
CA ALA V 11 5.08 -44.35 56.30
C ALA V 11 3.63 -44.68 55.94
N PRO V 12 2.73 -44.71 56.92
CA PRO V 12 1.33 -45.04 56.63
C PRO V 12 0.74 -44.19 55.52
N GLY V 13 -0.16 -44.78 54.74
CA GLY V 13 -0.80 -44.12 53.62
C GLY V 13 -0.15 -44.35 52.29
N ALA V 14 1.01 -45.02 52.26
CA ALA V 14 1.73 -45.21 51.01
C ALA V 14 1.06 -46.25 50.13
N SER V 15 0.69 -47.40 50.71
CA SER V 15 0.33 -48.59 49.95
C SER V 15 -0.74 -48.30 48.90
N LYS V 16 -1.73 -47.46 49.25
CA LYS V 16 -2.79 -47.14 48.29
C LYS V 16 -2.23 -46.38 47.09
N LEU V 17 -1.44 -45.35 47.33
CA LEU V 17 -0.81 -44.62 46.25
C LEU V 17 0.10 -45.53 45.42
N ARG V 18 0.81 -46.43 46.09
CA ARG V 18 1.70 -47.35 45.36
C ARG V 18 0.90 -48.28 44.47
N ALA V 19 -0.27 -48.74 44.93
CA ALA V 19 -1.13 -49.57 44.10
C ALA V 19 -1.65 -48.78 42.90
N VAL V 20 -2.03 -47.53 43.12
CA VAL V 20 -2.46 -46.68 42.00
C VAL V 20 -1.33 -46.56 40.97
N LEU V 21 -0.12 -46.26 41.44
CA LEU V 21 1.01 -46.13 40.53
C LEU V 21 1.27 -47.44 39.77
N GLU V 22 1.17 -48.57 40.47
CA GLU V 22 1.41 -49.86 39.83
C GLU V 22 0.37 -50.13 38.74
N LYS V 23 -0.90 -49.82 39.01
CA LYS V 23 -1.92 -49.98 37.98
C LYS V 23 -1.65 -49.07 36.78
N LEU V 24 -1.27 -47.82 37.07
CA LEU V 24 -1.02 -46.87 35.99
C LEU V 24 0.15 -47.31 35.11
N LYS V 25 1.20 -47.87 35.73
CA LYS V 25 2.34 -48.35 34.95
C LYS V 25 2.02 -49.65 34.22
N LEU V 26 1.23 -50.53 34.84
CA LEU V 26 0.71 -51.68 34.13
C LEU V 26 -0.02 -51.27 32.87
N SER V 27 -0.68 -50.11 32.90
CA SER V 27 -1.32 -49.58 31.69
C SER V 27 -0.30 -49.17 30.62
N ARG V 28 1.00 -49.20 30.91
CA ARG V 28 2.04 -48.79 29.98
C ARG V 28 2.88 -49.94 29.43
N ASP V 29 2.51 -51.20 29.69
CA ASP V 29 3.34 -52.31 29.23
C ASP V 29 3.02 -52.79 27.82
N ASP V 30 2.04 -52.19 27.14
CA ASP V 30 1.64 -52.60 25.79
C ASP V 30 1.68 -51.42 24.82
N ILE V 31 2.71 -50.58 24.91
CA ILE V 31 2.78 -49.34 24.15
C ILE V 31 3.58 -49.49 22.87
N SER V 32 4.55 -50.40 22.86
CA SER V 32 5.47 -50.60 21.73
C SER V 32 4.80 -50.51 20.36
N THR V 33 3.64 -51.15 20.20
CA THR V 33 2.87 -51.06 18.97
C THR V 33 2.44 -49.64 18.67
N ALA V 34 1.71 -49.03 19.60
CA ALA V 34 1.25 -47.65 19.44
C ALA V 34 2.41 -46.71 19.18
N ALA V 35 3.44 -46.77 20.03
CA ALA V 35 4.61 -45.92 19.88
C ALA V 35 5.29 -46.13 18.52
N GLY V 36 5.31 -47.37 18.05
CA GLY V 36 5.93 -47.64 16.75
C GLY V 36 5.15 -47.02 15.61
N MET V 37 3.83 -47.18 15.62
CA MET V 37 3.01 -46.54 14.59
C MET V 37 3.15 -45.03 14.64
N VAL V 38 3.20 -44.46 15.85
CA VAL V 38 3.45 -43.03 16.00
C VAL V 38 4.79 -42.65 15.38
N LYS V 39 5.83 -43.44 15.66
CA LYS V 39 7.12 -43.16 15.06
C LYS V 39 7.03 -43.16 13.55
N GLY V 40 6.32 -44.13 12.98
CA GLY V 40 6.19 -44.19 11.54
C GLY V 40 5.51 -42.96 10.96
N VAL V 41 4.37 -42.58 11.53
CA VAL V 41 3.62 -41.44 11.01
C VAL V 41 4.41 -40.15 11.18
N VAL V 42 5.05 -39.96 12.34
CA VAL V 42 5.89 -38.78 12.55
C VAL V 42 7.06 -38.77 11.56
N ASP V 43 7.68 -39.91 11.32
CA ASP V 43 8.80 -39.96 10.40
C ASP V 43 8.37 -39.59 8.99
N HIS V 44 7.25 -40.14 8.54
CA HIS V 44 6.68 -39.74 7.25
C HIS V 44 6.45 -38.23 7.20
N LEU V 45 5.79 -37.70 8.23
CA LEU V 45 5.50 -36.27 8.29
C LEU V 45 6.76 -35.45 8.18
N LEU V 46 7.80 -35.81 8.95
CA LEU V 46 9.06 -35.09 8.90
C LEU V 46 9.69 -35.18 7.53
N LEU V 47 9.63 -36.37 6.90
CA LEU V 47 10.20 -36.54 5.57
C LEU V 47 9.56 -35.57 4.58
N ARG V 48 8.23 -35.47 4.61
CA ARG V 48 7.56 -34.53 3.72
C ARG V 48 7.87 -33.08 4.09
N LEU V 49 7.82 -32.76 5.38
CA LEU V 49 8.00 -31.37 5.79
C LEU V 49 9.38 -30.84 5.44
N LYS V 50 10.41 -31.67 5.59
CA LYS V 50 11.76 -31.22 5.25
C LYS V 50 11.90 -30.90 3.77
N CYS V 51 10.96 -31.34 2.93
CA CYS V 51 11.06 -31.07 1.50
C CYS V 51 10.51 -29.70 1.13
N ASP V 52 9.55 -29.17 1.89
CA ASP V 52 9.03 -27.84 1.61
C ASP V 52 10.05 -26.80 2.05
N SER V 53 10.26 -25.79 1.19
CA SER V 53 11.20 -24.73 1.52
C SER V 53 10.88 -24.12 2.88
N ALA V 54 9.59 -23.91 3.16
CA ALA V 54 9.20 -23.27 4.40
C ALA V 54 9.58 -24.09 5.62
N PHE V 55 9.64 -25.42 5.47
CA PHE V 55 9.83 -26.31 6.60
C PHE V 55 11.07 -27.19 6.48
N ARG V 56 12.07 -26.76 5.71
CA ARG V 56 13.33 -27.49 5.60
C ARG V 56 13.97 -27.77 6.95
N GLY V 57 13.75 -26.88 7.92
CA GLY V 57 14.36 -26.97 9.22
C GLY V 57 13.51 -27.54 10.34
N VAL V 58 12.37 -28.14 10.03
CA VAL V 58 11.58 -28.77 11.09
C VAL V 58 12.33 -29.97 11.63
N GLY V 59 12.24 -30.18 12.93
CA GLY V 59 12.88 -31.33 13.53
C GLY V 59 12.18 -31.76 14.80
N LEU V 60 12.51 -32.98 15.25
CA LEU V 60 12.02 -33.45 16.54
C LEU V 60 12.74 -32.70 17.66
N LEU V 61 11.97 -32.16 18.59
CA LEU V 61 12.57 -31.43 19.70
C LEU V 61 13.18 -32.37 20.73
N ASN V 62 12.36 -33.23 21.32
CA ASN V 62 12.87 -34.24 22.24
C ASN V 62 13.54 -35.34 21.44
N THR V 63 14.81 -35.14 21.08
CA THR V 63 15.52 -36.04 20.18
C THR V 63 15.50 -37.48 20.70
N GLY V 64 15.23 -38.41 19.79
CA GLY V 64 15.15 -39.82 20.13
C GLY V 64 13.96 -40.17 21.00
N SER V 65 13.02 -39.24 21.15
CA SER V 65 11.80 -39.46 21.92
C SER V 65 10.60 -39.12 21.04
N TYR V 66 10.01 -40.12 20.39
CA TYR V 66 8.83 -39.90 19.56
C TYR V 66 7.56 -40.16 20.36
N TYR V 67 7.51 -39.55 21.54
CA TYR V 67 6.35 -39.58 22.41
C TYR V 67 6.58 -38.72 23.64
N GLU V 68 5.50 -38.23 24.23
CA GLU V 68 5.54 -37.63 25.56
C GLU V 68 4.13 -37.62 26.11
N HIS V 69 3.80 -38.58 26.96
CA HIS V 69 2.43 -38.75 27.43
C HIS V 69 2.07 -37.64 28.40
N VAL V 70 1.18 -36.74 27.97
CA VAL V 70 0.75 -35.65 28.84
C VAL V 70 -0.33 -36.12 29.80
N LYS V 71 -1.10 -37.13 29.42
CA LYS V 71 -2.12 -37.72 30.28
C LYS V 71 -1.59 -39.06 30.77
N ILE V 72 -1.28 -39.13 32.07
CA ILE V 72 -0.81 -40.38 32.67
C ILE V 72 -1.88 -41.47 32.55
N SER V 73 -3.13 -41.09 32.34
CA SER V 73 -4.24 -42.04 32.31
C SER V 73 -4.75 -42.30 30.89
N ALA V 74 -4.08 -41.78 29.87
CA ALA V 74 -4.46 -41.98 28.47
C ALA V 74 -3.26 -42.48 27.69
N PRO V 75 -2.96 -43.79 27.79
CA PRO V 75 -1.73 -44.30 27.17
C PRO V 75 -1.74 -44.24 25.64
N ASN V 76 -2.90 -44.12 25.02
CA ASN V 76 -3.00 -44.08 23.56
C ASN V 76 -3.07 -42.67 23.00
N GLU V 77 -2.79 -41.65 23.82
CA GLU V 77 -2.69 -40.27 23.36
C GLU V 77 -1.25 -39.81 23.50
N PHE V 78 -0.66 -39.37 22.40
CA PHE V 78 0.73 -38.96 22.37
C PHE V 78 0.84 -37.45 22.17
N ASP V 79 1.99 -36.91 22.56
CA ASP V 79 2.28 -35.49 22.43
C ASP V 79 3.67 -35.32 21.84
N VAL V 80 3.75 -34.66 20.68
CA VAL V 80 5.01 -34.43 20.01
C VAL V 80 5.07 -32.96 19.61
N MET V 81 6.27 -32.40 19.63
CA MET V 81 6.49 -31.00 19.27
C MET V 81 7.50 -30.91 18.14
N PHE V 82 7.11 -30.25 17.06
CA PHE V 82 7.97 -30.05 15.90
C PHE V 82 8.62 -28.68 15.98
N LYS V 83 9.94 -28.65 16.16
CA LYS V 83 10.65 -27.40 16.31
C LYS V 83 11.03 -26.86 14.93
N LEU V 84 11.14 -25.54 14.84
CA LEU V 84 11.48 -24.84 13.61
C LEU V 84 12.50 -23.76 13.93
N GLU V 85 13.72 -23.95 13.41
CA GLU V 85 14.92 -23.16 13.69
C GLU V 85 14.79 -21.64 13.72
N VAL V 86 14.23 -21.02 12.68
CA VAL V 86 13.75 -19.62 12.73
C VAL V 86 14.71 -18.66 13.44
N PRO V 87 15.82 -18.26 12.84
CA PRO V 87 16.84 -17.51 13.59
C PRO V 87 16.58 -16.01 13.71
N ARG V 88 16.99 -15.47 14.85
CA ARG V 88 17.16 -14.03 15.12
C ARG V 88 15.86 -13.27 15.25
N ILE V 89 14.78 -13.89 15.71
CA ILE V 89 13.50 -13.22 15.84
C ILE V 89 13.52 -12.15 16.94
N GLN V 90 13.30 -10.90 16.55
CA GLN V 90 13.01 -9.84 17.51
C GLN V 90 11.63 -10.01 18.10
N LEU V 91 11.55 -10.23 19.40
CA LEU V 91 10.26 -10.35 20.06
C LEU V 91 9.81 -9.00 20.59
N GLU V 92 8.51 -8.76 20.51
CA GLU V 92 7.90 -7.55 21.05
C GLU V 92 6.76 -7.99 21.97
N GLU V 93 6.87 -7.65 23.25
CA GLU V 93 5.94 -8.18 24.24
C GLU V 93 4.55 -7.57 24.05
N TYR V 94 3.55 -8.45 23.93
CA TYR V 94 2.18 -8.02 23.67
C TYR V 94 1.49 -7.55 24.94
N SER V 95 1.22 -6.25 25.01
CA SER V 95 0.44 -5.64 26.08
C SER V 95 0.83 -6.18 27.46
N ASN V 96 2.13 -6.22 27.71
CA ASN V 96 2.67 -6.46 29.06
C ASN V 96 2.19 -7.77 29.67
N THR V 97 1.91 -8.77 28.83
CA THR V 97 1.47 -10.05 29.36
C THR V 97 2.60 -10.99 29.73
N ARG V 98 3.83 -10.68 29.32
CA ARG V 98 5.04 -11.38 29.70
C ARG V 98 5.15 -12.78 29.11
N ALA V 99 4.07 -13.28 28.50
CA ALA V 99 4.08 -14.63 27.97
C ALA V 99 3.69 -14.69 26.50
N TYR V 100 2.98 -13.69 26.00
CA TYR V 100 2.54 -13.65 24.61
C TYR V 100 3.26 -12.52 23.89
N TYR V 101 3.85 -12.84 22.74
CA TYR V 101 4.75 -11.95 22.05
C TYR V 101 4.46 -11.93 20.56
N PHE V 102 4.79 -10.81 19.92
CA PHE V 102 4.85 -10.73 18.48
C PHE V 102 6.28 -10.97 18.00
N VAL V 103 6.39 -11.67 16.88
CA VAL V 103 7.66 -12.09 16.32
C VAL V 103 7.92 -11.30 15.04
N LYS V 104 9.07 -10.62 14.99
CA LYS V 104 9.47 -9.81 13.84
C LYS V 104 10.87 -10.27 13.43
N PHE V 105 11.03 -10.66 12.18
CA PHE V 105 12.36 -11.08 11.73
C PHE V 105 13.34 -9.92 11.70
N LYS V 106 14.53 -10.14 12.25
CA LYS V 106 15.60 -9.16 12.18
C LYS V 106 16.33 -9.30 10.85
N ARG V 107 17.31 -8.42 10.65
CA ARG V 107 18.07 -8.42 9.41
C ARG V 107 18.76 -9.76 9.24
N ASN V 108 18.70 -10.31 8.04
CA ASN V 108 19.49 -11.52 7.78
C ASN V 108 19.80 -11.66 6.30
N PRO V 109 21.04 -11.85 5.95
CA PRO V 109 21.43 -11.93 4.54
C PRO V 109 20.80 -13.10 3.79
N LYS V 110 21.07 -14.32 4.24
CA LYS V 110 20.51 -15.51 3.61
C LYS V 110 19.01 -15.54 3.80
N GLU V 111 18.25 -15.41 2.70
CA GLU V 111 16.81 -15.35 2.78
C GLU V 111 16.24 -16.51 3.60
N ASN V 112 15.33 -16.17 4.51
CA ASN V 112 14.72 -17.16 5.39
C ASN V 112 13.39 -17.60 4.80
N PRO V 113 13.19 -18.91 4.63
CA PRO V 113 12.00 -19.40 3.92
C PRO V 113 10.68 -19.11 4.61
N LEU V 114 10.69 -18.44 5.75
CA LEU V 114 9.45 -18.09 6.41
C LEU V 114 8.92 -16.74 5.95
N SER V 115 9.53 -16.17 4.91
CA SER V 115 9.07 -14.89 4.39
C SER V 115 7.60 -14.96 3.95
N GLN V 116 7.24 -16.04 3.27
CA GLN V 116 5.89 -16.24 2.76
C GLN V 116 4.82 -16.08 3.84
N PHE V 117 5.19 -16.31 5.10
CA PHE V 117 4.23 -16.29 6.19
C PHE V 117 4.13 -14.93 6.87
N LEU V 118 4.80 -13.91 6.33
CA LEU V 118 4.71 -12.58 6.91
C LEU V 118 3.35 -11.96 6.67
N GLU V 119 2.93 -11.12 7.61
CA GLU V 119 1.81 -10.20 7.44
C GLU V 119 2.39 -8.83 7.77
N GLY V 120 2.92 -8.15 6.76
CA GLY V 120 3.70 -6.96 7.02
C GLY V 120 5.02 -7.32 7.67
N GLU V 121 5.27 -6.78 8.86
CA GLU V 121 6.49 -7.08 9.59
C GLU V 121 6.31 -8.17 10.63
N ILE V 122 5.10 -8.68 10.81
CA ILE V 122 4.84 -9.71 11.81
C ILE V 122 4.69 -11.05 11.11
N LEU V 123 5.28 -12.09 11.70
CA LEU V 123 5.09 -13.45 11.23
C LEU V 123 3.75 -13.96 11.73
N SER V 124 2.84 -14.25 10.81
CA SER V 124 1.45 -14.58 11.16
C SER V 124 1.35 -16.04 11.57
N ALA V 125 0.95 -16.28 12.82
CA ALA V 125 0.70 -17.63 13.27
C ALA V 125 -0.32 -18.34 12.39
N SER V 126 -1.33 -17.59 11.93
CA SER V 126 -2.42 -18.18 11.15
C SER V 126 -1.91 -18.83 9.88
N LYS V 127 -1.13 -18.09 9.08
CA LYS V 127 -0.69 -18.59 7.78
C LYS V 127 0.25 -19.78 7.94
N MET V 128 1.17 -19.68 8.90
CA MET V 128 2.05 -20.81 9.21
C MET V 128 1.23 -22.05 9.56
N LEU V 129 0.28 -21.90 10.48
CA LEU V 129 -0.57 -23.02 10.85
C LEU V 129 -1.30 -23.59 9.64
N SER V 130 -1.79 -22.70 8.77
CA SER V 130 -2.51 -23.16 7.59
C SER V 130 -1.63 -24.03 6.71
N LYS V 131 -0.42 -23.56 6.41
CA LYS V 131 0.48 -24.33 5.57
C LYS V 131 0.85 -25.65 6.25
N PHE V 132 1.13 -25.59 7.55
CA PHE V 132 1.46 -26.79 8.31
C PHE V 132 0.38 -27.85 8.18
N ARG V 133 -0.87 -27.46 8.45
CA ARG V 133 -1.97 -28.42 8.40
C ARG V 133 -2.21 -28.93 7.00
N LYS V 134 -2.09 -28.06 6.00
CA LYS V 134 -2.26 -28.52 4.62
C LYS V 134 -1.23 -29.58 4.28
N ILE V 135 0.03 -29.34 4.64
CA ILE V 135 1.08 -30.34 4.36
C ILE V 135 0.79 -31.64 5.08
N ILE V 136 0.41 -31.56 6.36
CA ILE V 136 0.14 -32.78 7.11
C ILE V 136 -1.00 -33.56 6.48
N LYS V 137 -2.08 -32.87 6.11
CA LYS V 137 -3.22 -33.56 5.53
C LYS V 137 -2.83 -34.25 4.22
N GLU V 138 -2.18 -33.53 3.32
CA GLU V 138 -1.83 -34.12 2.04
C GLU V 138 -0.84 -35.27 2.20
N GLU V 139 0.02 -35.21 3.21
CA GLU V 139 0.96 -36.31 3.43
C GLU V 139 0.26 -37.53 4.04
N ILE V 140 -0.65 -37.31 5.00
CA ILE V 140 -1.34 -38.45 5.60
C ILE V 140 -2.34 -39.06 4.64
N ASN V 141 -2.76 -38.33 3.60
CA ASN V 141 -3.54 -38.95 2.54
C ASN V 141 -2.70 -39.89 1.68
N ASP V 142 -1.37 -39.81 1.79
CA ASP V 142 -0.46 -40.77 1.16
C ASP V 142 -0.33 -42.06 1.95
N ILE V 143 -1.01 -42.18 3.08
CA ILE V 143 -1.00 -43.39 3.90
C ILE V 143 -2.15 -44.25 3.38
N LYS V 144 -1.82 -45.22 2.53
CA LYS V 144 -2.86 -45.96 1.80
C LYS V 144 -3.52 -47.02 2.66
N ASP V 145 -2.75 -47.74 3.47
CA ASP V 145 -3.26 -48.89 4.22
C ASP V 145 -3.41 -48.60 5.71
N THR V 146 -3.68 -47.35 6.06
CA THR V 146 -3.92 -47.00 7.46
C THR V 146 -4.69 -45.69 7.50
N ASP V 147 -5.89 -45.73 8.09
CA ASP V 147 -6.72 -44.53 8.20
C ASP V 147 -6.15 -43.62 9.28
N VAL V 148 -5.37 -42.62 8.86
CA VAL V 148 -4.91 -41.55 9.72
C VAL V 148 -5.73 -40.31 9.39
N ILE V 149 -6.48 -39.81 10.37
CA ILE V 149 -7.43 -38.72 10.17
C ILE V 149 -6.95 -37.48 10.91
N MET V 150 -6.97 -36.34 10.24
CA MET V 150 -6.65 -35.08 10.88
C MET V 150 -7.90 -34.54 11.55
N LYS V 151 -7.81 -34.26 12.84
CA LYS V 151 -8.95 -33.73 13.56
C LYS V 151 -9.15 -32.26 13.20
N ARG V 152 -10.40 -31.82 13.28
CA ARG V 152 -10.75 -30.46 12.92
C ARG V 152 -10.12 -29.45 13.88
N LYS V 153 -9.90 -28.23 13.37
CA LYS V 153 -9.26 -27.17 14.13
C LYS V 153 -10.03 -26.86 15.40
N ARG V 154 -9.29 -26.66 16.49
CA ARG V 154 -9.87 -26.21 17.76
C ARG V 154 -9.17 -24.99 18.33
N GLY V 155 -7.86 -24.91 18.22
CA GLY V 155 -7.11 -23.78 18.74
C GLY V 155 -5.83 -23.62 17.96
N GLY V 156 -4.81 -23.09 18.62
CA GLY V 156 -3.51 -22.98 17.97
C GLY V 156 -2.42 -23.77 18.66
N SER V 157 -2.50 -23.88 19.99
CA SER V 157 -1.52 -24.68 20.73
C SER V 157 -1.59 -26.15 20.36
N PRO V 158 -2.76 -26.82 20.31
CA PRO V 158 -2.82 -28.18 19.77
C PRO V 158 -2.94 -28.16 18.25
N ALA V 159 -1.88 -27.68 17.61
CA ALA V 159 -1.87 -27.38 16.17
C ALA V 159 -2.56 -28.44 15.34
N VAL V 160 -2.09 -29.69 15.43
CA VAL V 160 -2.69 -30.78 14.67
C VAL V 160 -2.89 -31.97 15.60
N THR V 161 -4.07 -32.58 15.53
CA THR V 161 -4.34 -33.82 16.24
C THR V 161 -4.70 -34.90 15.21
N LEU V 162 -3.91 -35.97 15.18
CA LEU V 162 -4.11 -37.06 14.25
C LEU V 162 -4.69 -38.27 14.99
N LEU V 163 -5.52 -39.02 14.28
CA LEU V 163 -6.13 -40.24 14.80
C LEU V 163 -5.67 -41.41 13.94
N ILE V 164 -4.99 -42.37 14.57
CA ILE V 164 -4.52 -43.57 13.87
C ILE V 164 -5.47 -44.71 14.17
N SER V 165 -6.01 -45.31 13.11
CA SER V 165 -6.95 -46.42 13.22
C SER V 165 -8.09 -45.94 14.13
N GLU V 166 -8.39 -46.72 15.16
CA GLU V 166 -9.43 -46.31 16.08
C GLU V 166 -9.00 -46.32 17.54
N LYS V 167 -7.71 -46.11 17.81
CA LYS V 167 -7.28 -46.10 19.20
C LYS V 167 -6.19 -45.08 19.47
N ILE V 168 -5.39 -44.69 18.48
CA ILE V 168 -4.23 -43.84 18.72
C ILE V 168 -4.58 -42.41 18.38
N SER V 169 -4.14 -41.49 19.23
CA SER V 169 -4.23 -40.06 18.98
C SER V 169 -2.88 -39.42 19.26
N VAL V 170 -2.44 -38.56 18.35
CA VAL V 170 -1.14 -37.91 18.47
C VAL V 170 -1.32 -36.41 18.27
N ASP V 171 -0.89 -35.62 19.26
CA ASP V 171 -0.92 -34.16 19.17
C ASP V 171 0.44 -33.68 18.69
N ILE V 172 0.45 -33.01 17.54
CA ILE V 172 1.65 -32.41 16.96
C ILE V 172 1.53 -30.91 17.13
N THR V 173 2.51 -30.35 17.84
CA THR V 173 2.60 -28.93 18.11
C THR V 173 3.84 -28.37 17.41
N LEU V 174 3.66 -27.36 16.57
CA LEU V 174 4.79 -26.73 15.91
C LEU V 174 5.34 -25.61 16.79
N ALA V 175 6.66 -25.53 16.87
CA ALA V 175 7.33 -24.54 17.70
C ALA V 175 8.50 -23.93 16.96
N LEU V 176 8.61 -22.61 17.06
CA LEU V 176 9.80 -21.91 16.61
C LEU V 176 10.89 -22.04 17.66
N GLU V 177 12.13 -22.20 17.22
CA GLU V 177 13.26 -22.29 18.12
C GLU V 177 14.06 -21.01 18.03
N SER V 178 14.44 -20.46 19.18
CA SER V 178 15.34 -19.32 19.21
C SER V 178 16.56 -19.68 20.03
N LYS V 179 17.73 -19.50 19.45
CA LYS V 179 18.99 -19.67 20.15
C LYS V 179 19.37 -18.45 20.96
N SER V 180 18.62 -17.36 20.82
CA SER V 180 18.99 -16.09 21.42
C SER V 180 18.67 -16.11 22.91
N SER V 181 19.00 -15.01 23.57
CA SER V 181 18.79 -14.92 25.01
C SER V 181 17.32 -15.04 25.34
N TRP V 182 17.02 -15.57 26.53
CA TRP V 182 15.64 -15.64 26.97
C TRP V 182 15.05 -14.23 27.07
N PRO V 183 13.82 -14.04 26.61
CA PRO V 183 13.21 -12.70 26.63
C PRO V 183 13.39 -12.00 27.98
N ALA V 184 13.69 -10.70 27.91
CA ALA V 184 14.04 -9.90 29.08
C ALA V 184 13.11 -10.11 30.27
N SER V 185 11.81 -10.13 30.02
CA SER V 185 10.84 -10.28 31.09
C SER V 185 11.08 -11.58 31.87
N THR V 186 11.33 -12.67 31.15
CA THR V 186 11.36 -14.02 31.75
C THR V 186 12.76 -14.30 32.31
N GLN V 187 13.13 -13.54 33.32
CA GLN V 187 14.46 -13.65 33.95
C GLN V 187 14.36 -14.23 35.36
N GLU V 188 13.54 -13.64 36.23
CA GLU V 188 13.50 -14.05 37.63
C GLU V 188 12.96 -15.46 37.82
N GLY V 189 12.54 -16.11 36.75
CA GLY V 189 12.00 -17.45 36.83
C GLY V 189 13.07 -18.52 36.85
N LEU V 190 12.62 -19.77 36.92
CA LEU V 190 13.49 -20.93 37.06
C LEU V 190 14.42 -20.74 38.26
N ARG V 191 13.79 -20.71 39.44
CA ARG V 191 14.50 -20.45 40.70
C ARG V 191 14.95 -21.78 41.30
N ILE V 192 15.89 -22.43 40.60
CA ILE V 192 16.40 -23.73 41.01
C ILE V 192 17.78 -23.61 41.67
N GLN V 193 18.18 -22.39 42.06
CA GLN V 193 19.53 -22.18 42.56
C GLN V 193 19.80 -22.97 43.84
N ASN V 194 18.84 -23.00 44.76
CA ASN V 194 18.99 -23.72 46.01
C ASN V 194 18.51 -25.15 45.93
N TRP V 195 17.98 -25.58 44.78
CA TRP V 195 17.49 -26.94 44.60
C TRP V 195 18.45 -27.75 43.73
N LEU V 196 18.79 -27.28 42.53
CA LEU V 196 19.69 -28.07 41.69
C LEU V 196 21.11 -27.48 41.63
N SER V 197 21.26 -26.23 41.20
CA SER V 197 22.50 -25.45 41.35
C SER V 197 22.30 -24.09 40.70
N ALA V 198 23.14 -23.10 41.06
CA ALA V 198 23.18 -21.88 40.27
C ALA V 198 23.84 -22.13 38.92
N LYS V 199 24.89 -22.97 38.89
CA LYS V 199 25.56 -23.28 37.63
C LYS V 199 24.65 -24.06 36.69
N VAL V 200 23.83 -24.98 37.21
CA VAL V 200 22.89 -25.66 36.34
C VAL V 200 21.88 -24.66 35.78
N ARG V 201 21.49 -23.67 36.59
CA ARG V 201 20.58 -22.64 36.09
C ARG V 201 21.23 -21.85 34.96
N LYS V 202 22.49 -21.46 35.13
CA LYS V 202 23.19 -20.76 34.07
C LYS V 202 23.24 -21.61 32.80
N GLN V 203 23.65 -22.87 32.93
CA GLN V 203 23.72 -23.77 31.78
C GLN V 203 22.37 -23.88 31.09
N LEU V 204 21.29 -24.05 31.87
CA LEU V 204 19.97 -24.17 31.28
C LEU V 204 19.55 -22.90 30.56
N ARG V 205 19.96 -21.74 31.08
CA ARG V 205 19.67 -20.48 30.39
C ARG V 205 20.34 -20.44 29.01
N LEU V 206 21.49 -21.10 28.88
CA LEU V 206 22.18 -21.19 27.59
C LEU V 206 21.41 -22.00 26.55
N LYS V 207 20.41 -22.77 26.95
CA LYS V 207 19.67 -23.57 26.00
C LYS V 207 18.64 -22.72 25.28
N PRO V 208 18.24 -23.13 24.08
CA PRO V 208 17.28 -22.32 23.32
C PRO V 208 15.92 -22.28 23.99
N PHE V 209 15.11 -21.30 23.60
CA PHE V 209 13.73 -21.28 24.05
C PHE V 209 12.82 -21.45 22.85
N TYR V 210 11.54 -21.73 23.11
CA TYR V 210 10.67 -22.06 22.00
C TYR V 210 9.44 -21.18 22.01
N LEU V 211 8.79 -21.12 20.86
CA LEU V 211 7.59 -20.32 20.67
C LEU V 211 6.50 -21.20 20.10
N VAL V 212 5.35 -21.21 20.75
CA VAL V 212 4.20 -21.97 20.28
C VAL V 212 3.10 -20.98 19.91
N PRO V 213 2.38 -21.20 18.82
CA PRO V 213 1.33 -20.25 18.44
C PRO V 213 0.17 -20.32 19.41
N LYS V 214 -0.15 -19.20 20.03
CA LYS V 214 -1.20 -19.18 21.05
C LYS V 214 -1.82 -17.80 21.09
N HIS V 215 -3.07 -17.70 20.66
CA HIS V 215 -3.76 -16.42 20.69
C HIS V 215 -3.92 -15.95 22.14
N ALA V 216 -3.55 -14.71 22.39
CA ALA V 216 -3.69 -14.11 23.71
C ALA V 216 -5.07 -13.47 23.78
N LYS V 217 -5.98 -14.13 24.51
CA LYS V 217 -7.35 -13.67 24.60
C LYS V 217 -7.62 -12.62 25.68
N GLU V 218 -7.50 -11.35 25.29
CA GLU V 218 -7.79 -10.24 26.19
C GLU V 218 -9.31 -10.05 26.21
N GLY V 219 -9.83 -9.39 27.23
CA GLY V 219 -11.27 -9.23 27.32
C GLY V 219 -11.83 -8.50 26.11
N ASN V 220 -11.14 -7.46 25.66
CA ASN V 220 -11.57 -6.69 24.50
C ASN V 220 -11.47 -7.51 23.20
N GLY V 221 -10.38 -8.23 23.05
CA GLY V 221 -10.14 -9.07 21.88
C GLY V 221 -8.96 -10.02 21.99
N PHE V 222 -8.91 -11.00 21.08
CA PHE V 222 -7.79 -11.96 21.03
C PHE V 222 -7.02 -11.58 19.77
N GLN V 223 -5.69 -11.49 19.86
CA GLN V 223 -4.87 -11.07 18.73
C GLN V 223 -4.32 -12.33 18.07
N GLU V 224 -4.73 -12.58 16.82
CA GLU V 224 -4.58 -13.89 16.21
C GLU V 224 -3.13 -14.31 15.98
N GLU V 225 -2.18 -13.38 15.98
CA GLU V 225 -0.82 -13.65 15.52
C GLU V 225 0.21 -13.62 16.64
N THR V 226 -0.19 -13.96 17.86
CA THR V 226 0.70 -13.89 19.00
C THR V 226 1.23 -15.28 19.37
N TRP V 227 2.40 -15.30 20.02
CA TRP V 227 3.11 -16.53 20.34
C TRP V 227 3.40 -16.58 21.83
N ARG V 228 3.39 -17.79 22.40
CA ARG V 228 3.70 -17.99 23.81
C ARG V 228 5.03 -18.73 23.97
N LEU V 229 5.74 -18.42 25.05
CA LEU V 229 7.01 -19.05 25.36
C LEU V 229 6.82 -20.52 25.71
N SER V 230 7.86 -21.31 25.45
CA SER V 230 7.87 -22.72 25.78
C SER V 230 9.25 -23.11 26.28
N PHE V 231 9.26 -23.79 27.43
CA PHE V 231 10.44 -24.35 28.08
C PHE V 231 10.21 -25.81 28.44
N SER V 232 9.34 -26.49 27.70
CA SER V 232 8.95 -27.84 28.07
C SER V 232 10.12 -28.81 28.03
N HIS V 233 11.10 -28.58 27.15
CA HIS V 233 12.31 -29.40 27.16
C HIS V 233 13.10 -29.18 28.45
N ILE V 234 13.13 -27.94 28.94
CA ILE V 234 13.73 -27.68 30.25
C ILE V 234 12.95 -28.41 31.34
N GLU V 235 11.62 -28.38 31.23
CA GLU V 235 10.79 -29.08 32.20
C GLU V 235 11.08 -30.58 32.20
N LYS V 236 11.26 -31.17 31.00
CA LYS V 236 11.64 -32.56 30.92
C LYS V 236 12.99 -32.80 31.58
N GLU V 237 13.97 -31.93 31.31
CA GLU V 237 15.29 -32.10 31.90
C GLU V 237 15.23 -32.11 33.42
N ILE V 238 14.53 -31.12 34.00
CA ILE V 238 14.46 -31.05 35.45
C ILE V 238 13.63 -32.20 36.01
N LEU V 239 12.65 -32.67 35.25
CA LEU V 239 11.85 -33.81 35.69
C LEU V 239 12.70 -35.08 35.76
N ASN V 240 13.53 -35.31 34.75
CA ASN V 240 14.32 -36.53 34.69
C ASN V 240 15.67 -36.41 35.40
N ASN V 241 16.08 -35.20 35.77
CA ASN V 241 17.27 -34.96 36.60
C ASN V 241 16.81 -33.99 37.67
N HIS V 242 16.33 -34.53 38.79
CA HIS V 242 15.46 -33.81 39.70
C HIS V 242 16.00 -33.64 41.11
N GLY V 243 17.12 -34.26 41.45
CA GLY V 243 17.63 -34.23 42.81
C GLY V 243 18.82 -33.30 42.97
N LYS V 244 19.09 -32.94 44.23
CA LYS V 244 20.31 -32.19 44.53
C LYS V 244 21.54 -33.05 44.29
N SER V 245 21.52 -34.29 44.78
CA SER V 245 22.61 -35.22 44.50
C SER V 245 22.50 -35.74 43.08
N LYS V 246 23.65 -35.78 42.39
CA LYS V 246 23.67 -36.22 41.00
C LYS V 246 23.31 -37.69 40.86
N THR V 247 23.33 -38.45 41.96
CA THR V 247 23.03 -39.88 41.94
C THR V 247 21.59 -40.16 42.41
N CYS V 248 20.74 -39.14 42.37
CA CYS V 248 19.36 -39.33 42.80
C CYS V 248 18.67 -40.40 41.95
N CYS V 249 17.83 -41.21 42.60
CA CYS V 249 17.07 -42.28 41.96
C CYS V 249 17.90 -43.33 41.23
N GLU V 250 19.21 -43.32 41.43
CA GLU V 250 20.08 -44.31 40.80
C GLU V 250 20.49 -45.43 41.75
N ASN V 251 20.07 -45.36 43.02
CA ASN V 251 20.45 -46.35 44.00
C ASN V 251 19.37 -46.41 45.08
N LYS V 252 19.43 -47.46 45.90
CA LYS V 252 18.41 -47.64 46.93
C LYS V 252 18.53 -46.58 48.03
N GLU V 253 19.75 -46.12 48.32
N GLU V 253 19.75 -46.11 48.31
CA GLU V 253 19.92 -45.13 49.37
CA GLU V 253 19.93 -45.13 49.37
C GLU V 253 19.42 -43.75 48.96
C GLU V 253 19.45 -43.74 48.96
N GLU V 254 19.37 -43.45 47.66
CA GLU V 254 18.96 -42.14 47.17
C GLU V 254 17.71 -42.24 46.29
N LYS V 255 16.80 -43.15 46.63
CA LYS V 255 15.55 -43.27 45.89
C LYS V 255 14.55 -42.24 46.42
N CYS V 256 14.16 -41.31 45.55
CA CYS V 256 13.21 -40.28 45.92
C CYS V 256 11.84 -40.62 45.35
N CYS V 257 10.86 -39.75 45.59
CA CYS V 257 9.51 -39.96 45.12
C CYS V 257 8.95 -38.79 44.32
N ARG V 258 9.81 -37.86 43.88
CA ARG V 258 9.33 -36.65 43.20
C ARG V 258 8.48 -36.99 41.99
N LYS V 259 9.04 -37.81 41.09
CA LYS V 259 8.32 -38.21 39.89
C LYS V 259 7.00 -38.87 40.24
N ASP V 260 7.00 -39.70 41.28
CA ASP V 260 5.76 -40.35 41.72
C ASP V 260 4.74 -39.34 42.19
N CYS V 261 5.18 -38.30 42.93
CA CYS V 261 4.25 -37.26 43.34
C CYS V 261 3.62 -36.58 42.13
N LEU V 262 4.45 -36.23 41.15
CA LEU V 262 3.91 -35.62 39.93
C LEU V 262 2.87 -36.52 39.27
N LYS V 263 3.22 -37.80 39.11
CA LYS V 263 2.30 -38.74 38.45
C LYS V 263 0.98 -38.84 39.20
N LEU V 264 1.05 -38.93 40.54
CA LEU V 264 -0.18 -39.07 41.32
C LEU V 264 -1.04 -37.82 41.21
N MET V 265 -0.42 -36.63 41.22
CA MET V 265 -1.18 -35.40 41.06
C MET V 265 -1.86 -35.34 39.70
N LYS V 266 -1.13 -35.69 38.64
CA LYS V 266 -1.73 -35.68 37.30
C LYS V 266 -2.87 -36.68 37.21
N TYR V 267 -2.70 -37.86 37.78
CA TYR V 267 -3.78 -38.85 37.77
C TYR V 267 -5.01 -38.32 38.48
N LEU V 268 -4.81 -37.67 39.63
CA LEU V 268 -5.94 -37.06 40.34
C LEU V 268 -6.67 -36.07 39.45
N LEU V 269 -5.93 -35.13 38.86
CA LEU V 269 -6.58 -34.12 38.02
C LEU V 269 -7.29 -34.76 36.84
N GLU V 270 -6.69 -35.77 36.22
CA GLU V 270 -7.29 -36.37 35.03
C GLU V 270 -8.59 -37.11 35.38
N GLN V 271 -8.60 -37.83 36.50
CA GLN V 271 -9.84 -38.50 36.89
C GLN V 271 -10.92 -37.48 37.25
N LEU V 272 -10.56 -36.42 37.98
CA LEU V 272 -11.54 -35.41 38.34
C LEU V 272 -12.06 -34.67 37.11
N LYS V 273 -11.22 -34.49 36.09
CA LYS V 273 -11.68 -33.89 34.85
C LYS V 273 -12.60 -34.85 34.08
N GLU V 274 -12.27 -36.14 34.09
CA GLU V 274 -13.09 -37.11 33.37
C GLU V 274 -14.48 -37.21 33.97
N ARG V 275 -14.59 -37.20 35.31
CA ARG V 275 -15.92 -37.30 35.92
C ARG V 275 -16.78 -36.08 35.60
N PHE V 276 -16.17 -34.89 35.55
CA PHE V 276 -16.90 -33.65 35.30
C PHE V 276 -16.63 -33.09 33.91
N LYS V 277 -16.32 -33.93 32.93
CA LYS V 277 -16.06 -33.41 31.59
C LYS V 277 -17.34 -32.84 30.96
N ASP V 278 -18.50 -33.41 31.28
CA ASP V 278 -19.74 -33.05 30.61
C ASP V 278 -20.42 -31.81 31.16
N LYS V 279 -19.91 -31.28 32.28
CA LYS V 279 -20.51 -30.12 32.92
C LYS V 279 -19.71 -28.82 32.75
N LYS V 280 -18.58 -28.92 32.08
CA LYS V 280 -17.69 -27.79 31.79
C LYS V 280 -17.26 -27.00 33.04
N HIS V 281 -16.99 -27.72 34.13
CA HIS V 281 -16.56 -27.10 35.38
C HIS V 281 -15.07 -27.24 35.57
N LEU V 282 -14.44 -28.07 34.73
CA LEU V 282 -13.01 -28.30 34.83
C LEU V 282 -12.27 -28.13 33.52
N ASP V 283 -12.94 -27.64 32.47
CA ASP V 283 -12.34 -27.59 31.14
C ASP V 283 -11.04 -26.79 31.12
N LYS V 284 -11.01 -25.68 31.83
CA LYS V 284 -9.86 -24.77 31.84
C LYS V 284 -8.56 -25.26 32.48
N PHE V 285 -8.64 -26.31 33.28
CA PHE V 285 -7.46 -26.82 33.95
C PHE V 285 -6.77 -27.87 33.09
N SER V 286 -5.45 -27.96 33.23
CA SER V 286 -4.65 -28.90 32.47
C SER V 286 -3.52 -29.42 33.35
N SER V 287 -2.81 -30.43 32.83
CA SER V 287 -1.68 -31.00 33.55
C SER V 287 -0.59 -29.97 33.79
N TYR V 288 -0.54 -28.90 32.99
CA TYR V 288 0.52 -27.91 33.13
C TYR V 288 0.43 -27.18 34.45
N HIS V 289 -0.79 -26.89 34.91
CA HIS V 289 -0.94 -26.21 36.21
C HIS V 289 -0.34 -27.04 37.33
N VAL V 290 -0.62 -28.34 37.33
CA VAL V 290 -0.11 -29.22 38.36
C VAL V 290 1.40 -29.42 38.21
N LYS V 291 1.90 -29.46 36.98
CA LYS V 291 3.34 -29.60 36.78
C LYS V 291 4.09 -28.38 37.31
N THR V 292 3.57 -27.18 37.02
CA THR V 292 4.15 -25.96 37.57
C THR V 292 4.05 -25.92 39.09
N ALA V 293 2.89 -26.32 39.65
CA ALA V 293 2.74 -26.38 41.09
C ALA V 293 3.75 -27.34 41.72
N PHE V 294 3.94 -28.51 41.10
CA PHE V 294 4.95 -29.44 41.57
C PHE V 294 6.34 -28.82 41.54
N PHE V 295 6.66 -28.08 40.48
CA PHE V 295 7.98 -27.45 40.42
C PHE V 295 8.14 -26.40 41.52
N HIS V 296 7.07 -25.66 41.82
CA HIS V 296 7.09 -24.78 42.98
C HIS V 296 7.35 -25.58 44.25
N VAL V 297 6.77 -26.77 44.37
CA VAL V 297 6.95 -27.57 45.57
C VAL V 297 8.39 -28.07 45.67
N CYS V 298 9.00 -28.44 44.55
CA CYS V 298 10.42 -28.80 44.56
C CYS V 298 11.28 -27.60 44.92
N THR V 299 10.86 -26.40 44.52
CA THR V 299 11.56 -25.19 44.93
C THR V 299 11.47 -24.99 46.44
N GLN V 300 10.27 -25.21 47.01
CA GLN V 300 10.09 -25.08 48.44
C GLN V 300 10.72 -26.21 49.24
N ASN V 301 10.92 -27.37 48.61
CA ASN V 301 11.53 -28.54 49.25
C ASN V 301 12.74 -28.98 48.42
N PRO V 302 13.87 -28.28 48.56
CA PRO V 302 15.00 -28.55 47.67
C PRO V 302 15.78 -29.82 48.00
N GLN V 303 15.73 -30.30 49.24
CA GLN V 303 16.60 -31.39 49.67
C GLN V 303 15.98 -32.73 49.36
N ASP V 304 16.81 -33.70 48.98
CA ASP V 304 16.32 -35.02 48.59
C ASP V 304 15.75 -35.77 49.78
N SER V 305 16.24 -35.48 50.99
CA SER V 305 15.67 -36.09 52.19
C SER V 305 14.25 -35.64 52.45
N GLN V 306 13.84 -34.49 51.90
CA GLN V 306 12.45 -34.06 51.94
C GLN V 306 11.59 -34.79 50.93
N TRP V 307 12.17 -35.73 50.18
CA TRP V 307 11.45 -36.50 49.17
C TRP V 307 11.79 -37.98 49.27
N ASP V 308 12.07 -38.46 50.47
CA ASP V 308 12.33 -39.89 50.65
C ASP V 308 11.08 -40.69 50.27
N ARG V 309 11.29 -41.76 49.50
CA ARG V 309 10.18 -42.55 48.99
C ARG V 309 9.27 -43.04 50.10
N LYS V 310 9.83 -43.39 51.26
CA LYS V 310 9.02 -43.94 52.34
C LYS V 310 8.02 -42.92 52.87
N ASP V 311 8.24 -41.63 52.61
CA ASP V 311 7.33 -40.57 53.03
C ASP V 311 6.36 -40.18 51.91
N LEU V 312 6.21 -41.03 50.88
CA LEU V 312 5.28 -40.75 49.80
C LEU V 312 3.92 -40.29 50.29
N GLY V 313 3.33 -41.08 51.21
CA GLY V 313 2.03 -40.72 51.75
C GLY V 313 1.95 -39.28 52.22
N LEU V 314 2.99 -38.80 52.90
CA LEU V 314 3.02 -37.41 53.31
C LEU V 314 3.36 -36.47 52.15
N CYS V 315 4.36 -36.82 51.33
CA CYS V 315 4.85 -35.86 50.35
C CYS V 315 3.75 -35.46 49.38
N PHE V 316 3.08 -36.45 48.79
CA PHE V 316 1.94 -36.15 47.92
C PHE V 316 0.98 -35.21 48.62
N ASP V 317 0.63 -35.49 49.87
CA ASP V 317 -0.33 -34.65 50.58
C ASP V 317 0.12 -33.20 50.59
N ASN V 318 1.40 -32.95 50.88
CA ASN V 318 1.88 -31.58 50.92
C ASN V 318 1.72 -30.93 49.55
N CYS V 319 2.09 -31.66 48.50
CA CYS V 319 1.86 -31.14 47.16
C CYS V 319 0.39 -30.82 46.95
N VAL V 320 -0.49 -31.73 47.35
CA VAL V 320 -1.92 -31.46 47.23
C VAL V 320 -2.25 -30.15 47.92
N THR V 321 -1.76 -29.96 49.14
CA THR V 321 -2.10 -28.74 49.87
C THR V 321 -1.62 -27.53 49.09
N TYR V 322 -0.40 -27.58 48.56
CA TYR V 322 0.07 -26.43 47.81
C TYR V 322 -0.85 -26.14 46.63
N PHE V 323 -1.26 -27.19 45.91
CA PHE V 323 -2.20 -26.98 44.81
C PHE V 323 -3.47 -26.36 45.34
N LEU V 324 -4.00 -26.90 46.43
CA LEU V 324 -5.21 -26.33 47.02
C LEU V 324 -4.98 -24.88 47.42
N GLN V 325 -3.80 -24.59 47.99
CA GLN V 325 -3.52 -23.21 48.37
C GLN V 325 -3.58 -22.31 47.15
N CYS V 326 -2.96 -22.72 46.04
CA CYS V 326 -3.06 -21.94 44.82
C CYS V 326 -4.52 -21.74 44.45
N LEU V 327 -5.31 -22.81 44.54
CA LEU V 327 -6.71 -22.73 44.16
C LEU V 327 -7.46 -21.73 45.00
N ARG V 328 -7.04 -21.57 46.27
CA ARG V 328 -7.72 -20.62 47.15
C ARG V 328 -7.24 -19.20 46.90
N THR V 329 -5.99 -19.03 46.48
CA THR V 329 -5.39 -17.70 46.39
C THR V 329 -5.38 -17.13 44.98
N GLU V 330 -5.83 -17.90 43.98
CA GLU V 330 -5.85 -17.45 42.58
C GLU V 330 -4.48 -16.97 42.14
N LYS V 331 -3.43 -17.68 42.56
CA LYS V 331 -2.06 -17.28 42.24
C LYS V 331 -1.22 -18.53 42.01
N LEU V 332 -0.80 -18.73 40.77
CA LEU V 332 0.15 -19.80 40.43
C LEU V 332 1.05 -19.23 39.33
N GLU V 333 2.25 -18.83 39.72
CA GLU V 333 3.19 -18.23 38.78
C GLU V 333 3.75 -19.31 37.87
N ASN V 334 3.80 -19.01 36.57
CA ASN V 334 4.52 -19.89 35.65
C ASN V 334 5.96 -20.02 36.13
N TYR V 335 6.48 -21.25 36.11
CA TYR V 335 7.74 -21.50 36.78
C TYR V 335 8.91 -20.78 36.13
N PHE V 336 8.81 -20.48 34.83
CA PHE V 336 9.85 -19.73 34.15
C PHE V 336 9.52 -18.25 34.01
N ILE V 337 8.26 -17.88 34.19
CA ILE V 337 7.83 -16.49 34.04
C ILE V 337 7.12 -16.07 35.32
N PRO V 338 7.82 -15.46 36.27
CA PRO V 338 7.19 -15.15 37.57
C PRO V 338 6.04 -14.18 37.48
N GLU V 339 5.96 -13.38 36.42
CA GLU V 339 4.88 -12.41 36.23
C GLU V 339 3.72 -12.96 35.41
N PHE V 340 3.74 -14.22 35.01
CA PHE V 340 2.65 -14.85 34.27
C PHE V 340 1.80 -15.64 35.26
N ASN V 341 0.59 -15.14 35.53
CA ASN V 341 -0.31 -15.80 36.48
C ASN V 341 -1.22 -16.77 35.73
N LEU V 342 -0.92 -18.06 35.86
CA LEU V 342 -1.77 -19.07 35.25
C LEU V 342 -3.12 -19.16 35.93
N PHE V 343 -3.20 -18.80 37.21
CA PHE V 343 -4.41 -18.92 38.00
C PHE V 343 -5.10 -17.58 38.24
N SER V 344 -4.84 -16.59 37.39
CA SER V 344 -5.51 -15.30 37.53
C SER V 344 -7.00 -15.43 37.22
N SER V 345 -7.78 -14.46 37.71
CA SER V 345 -9.21 -14.43 37.46
C SER V 345 -9.55 -14.25 35.99
N ASN V 346 -8.64 -13.68 35.21
CA ASN V 346 -8.93 -13.43 33.80
C ASN V 346 -8.86 -14.70 32.97
N LEU V 347 -8.14 -15.72 33.43
CA LEU V 347 -8.06 -16.98 32.71
C LEU V 347 -9.02 -18.04 33.24
N ILE V 348 -9.27 -18.06 34.55
CA ILE V 348 -10.19 -19.02 35.17
C ILE V 348 -11.08 -18.26 36.15
N ASP V 349 -12.38 -18.51 36.07
CA ASP V 349 -13.31 -17.90 37.02
C ASP V 349 -13.16 -18.54 38.40
N LYS V 350 -13.58 -17.78 39.42
CA LYS V 350 -13.51 -18.24 40.80
C LYS V 350 -14.34 -19.50 41.03
N ARG V 351 -15.49 -19.59 40.37
CA ARG V 351 -16.42 -20.70 40.60
C ARG V 351 -15.78 -22.05 40.30
N SER V 352 -15.09 -22.17 39.16
CA SER V 352 -14.42 -23.41 38.80
C SER V 352 -13.30 -23.71 39.77
N LYS V 353 -12.64 -22.66 40.27
CA LYS V 353 -11.55 -22.86 41.22
C LYS V 353 -12.07 -23.41 42.55
N GLU V 354 -13.16 -22.85 43.06
CA GLU V 354 -13.75 -23.38 44.29
C GLU V 354 -14.31 -24.78 44.07
N PHE V 355 -14.82 -25.05 42.86
CA PHE V 355 -15.30 -26.39 42.51
C PHE V 355 -14.17 -27.41 42.59
N LEU V 356 -13.03 -27.10 41.96
CA LEU V 356 -11.90 -28.01 41.99
C LEU V 356 -11.32 -28.11 43.40
N THR V 357 -11.29 -27.00 44.14
CA THR V 357 -10.83 -27.04 45.52
C THR V 357 -11.67 -28.02 46.35
N LYS V 358 -13.00 -27.90 46.26
CA LYS V 358 -13.86 -28.75 47.06
C LYS V 358 -13.72 -30.22 46.66
N GLN V 359 -13.64 -30.50 45.35
CA GLN V 359 -13.54 -31.90 44.94
C GLN V 359 -12.24 -32.53 45.44
N ILE V 360 -11.10 -31.82 45.27
CA ILE V 360 -9.84 -32.40 45.74
C ILE V 360 -9.85 -32.54 47.26
N GLU V 361 -10.46 -31.59 47.97
CA GLU V 361 -10.52 -31.72 49.43
C GLU V 361 -11.34 -32.93 49.85
N TYR V 362 -12.46 -33.17 49.18
CA TYR V 362 -13.22 -34.39 49.45
C TYR V 362 -12.38 -35.63 49.20
N GLU V 363 -11.71 -35.70 48.03
CA GLU V 363 -10.90 -36.86 47.71
C GLU V 363 -9.82 -37.09 48.76
N ARG V 364 -9.12 -36.03 49.16
CA ARG V 364 -8.07 -36.16 50.16
C ARG V 364 -8.63 -36.55 51.52
N ASN V 365 -9.83 -36.08 51.87
CA ASN V 365 -10.44 -36.48 53.13
C ASN V 365 -10.98 -37.91 53.10
N ASN V 366 -11.17 -38.49 51.92
CA ASN V 366 -11.73 -39.83 51.82
C ASN V 366 -10.73 -40.84 51.27
N GLU V 367 -9.44 -40.60 51.46
CA GLU V 367 -8.38 -41.51 50.99
C GLU V 367 -8.46 -41.71 49.47
N PHE V 368 -8.82 -40.65 48.76
CA PHE V 368 -8.80 -40.62 47.31
C PHE V 368 -9.60 -41.76 46.67
N PRO V 369 -10.92 -41.78 46.88
CA PRO V 369 -11.73 -42.84 46.28
C PRO V 369 -11.79 -42.77 44.77
N VAL V 370 -11.67 -41.57 44.19
CA VAL V 370 -11.79 -41.40 42.75
C VAL V 370 -10.73 -42.19 42.00
N PHE V 371 -9.62 -42.50 42.66
CA PHE V 371 -8.57 -43.30 42.03
C PHE V 371 -9.05 -44.69 41.66
N ASP V 372 -10.07 -45.20 42.35
CA ASP V 372 -10.55 -46.57 42.16
C ASP V 372 -11.87 -46.66 41.42
N GLU V 373 -12.58 -45.56 41.23
CA GLU V 373 -13.97 -45.63 40.77
C GLU V 373 -14.07 -45.86 39.27
N PHE V 374 -13.15 -45.32 38.47
CA PHE V 374 -13.26 -45.45 37.02
C PHE V 374 -11.94 -45.16 36.31
#